data_3V9B
#
_entry.id   3V9B
#
_cell.length_a   98.587
_cell.length_b   110.293
_cell.length_c   161.607
_cell.angle_alpha   90.00
_cell.angle_beta   90.00
_cell.angle_gamma   90.00
#
_symmetry.space_group_name_H-M   'P 21 21 21'
#
loop_
_entity.id
_entity.type
_entity.pdbx_description
1 polymer "cAMP-specific 3',5'-cyclic phosphodiesterase 4D"
2 non-polymer N-(3-{1-[(1S)-1-[3-(cyclopropylmethoxy)-4-(difluoromethoxy)phenyl]-2-(1-oxidopyridin-4-yl)ethyl]-1H-pyrazol-3-yl}phenyl)acetamide
3 non-polymer 'ZINC ION'
4 water water
#
_entity_poly.entity_id   1
_entity_poly.type   'polypeptide(L)'
_entity_poly.pdbx_seq_one_letter_code
;IPRFGVKTEQEDVLAKELEDVNKWGLHVFRIAELSGNRPLTVIMHTIFQERDLLKTFKIPVDTLITYLMTLEDHYHADVA
YHNNIHAADVVQSTHVLLSTPALEAVFTDLEILAAIFASAIHDVDHPGVSNQFLINTNSELALMYNDSSVLENHHLAVGF
KLLQEENCDIFQNLTKKQRQSLRKMVIDIVLATDMSKHMNLLADLKTMVETKKVTSSGVLLLDNYSDRIQVLQNMVHCAD
LSNPTKPLQLYRQWTDRIMEEFFRQGDRERERGMEISPMCDKHNASVEKSQVGFIDYIVHPLWETWADLVHPDAQDILDT
LEDNREWYQSTIPQSPSPAPDDPEEGRQGQTEKFQFELTL
;
_entity_poly.pdbx_strand_id   A,B,C,D
#
loop_
_chem_comp.id
_chem_comp.type
_chem_comp.name
_chem_comp.formula
IHM non-polymer N-(3-{1-[(1S)-1-[3-(cyclopropylmethoxy)-4-(difluoromethoxy)phenyl]-2-(1-oxidopyridin-4-yl)ethyl]-1H-pyrazol-3-yl}phenyl)acetamide 'C29 H28 F2 N4 O4'
ZN non-polymer 'ZINC ION' 'Zn 2'
#
# COMPACT_ATOMS: atom_id res chain seq x y z
N PHE A 4 -18.49 40.47 -8.09
CA PHE A 4 -19.03 39.47 -9.06
C PHE A 4 -18.36 39.64 -10.43
N GLY A 5 -17.63 38.61 -10.85
CA GLY A 5 -16.96 38.65 -12.13
C GLY A 5 -15.62 39.36 -12.15
N VAL A 6 -15.38 40.22 -11.15
CA VAL A 6 -14.13 40.96 -11.05
C VAL A 6 -13.28 40.44 -9.89
N LYS A 7 -11.98 40.28 -10.13
CA LYS A 7 -11.07 39.78 -9.11
C LYS A 7 -11.07 40.66 -7.86
N THR A 8 -10.71 40.06 -6.73
CA THR A 8 -10.61 40.83 -5.49
C THR A 8 -9.32 41.61 -5.65
N GLU A 9 -9.05 42.51 -4.72
CA GLU A 9 -7.85 43.31 -4.80
C GLU A 9 -6.60 42.44 -4.64
N GLN A 10 -6.64 41.47 -3.73
CA GLN A 10 -5.48 40.60 -3.54
C GLN A 10 -5.27 39.72 -4.78
N GLU A 11 -6.37 39.29 -5.40
CA GLU A 11 -6.27 38.47 -6.60
C GLU A 11 -5.61 39.27 -7.73
N ASP A 12 -5.96 40.55 -7.85
CA ASP A 12 -5.37 41.39 -8.88
C ASP A 12 -3.87 41.58 -8.68
N VAL A 13 -3.47 41.83 -7.43
CA VAL A 13 -2.05 42.01 -7.12
C VAL A 13 -1.31 40.73 -7.46
N LEU A 14 -1.95 39.59 -7.18
CA LEU A 14 -1.35 38.30 -7.49
C LEU A 14 -1.21 38.16 -9.00
N ALA A 15 -2.28 38.52 -9.72
CA ALA A 15 -2.26 38.43 -11.18
C ALA A 15 -1.12 39.27 -11.77
N LYS A 16 -0.85 40.43 -11.18
CA LYS A 16 0.21 41.29 -11.68
C LYS A 16 1.58 40.64 -11.46
N GLU A 17 1.78 40.00 -10.30
CA GLU A 17 3.04 39.33 -10.04
C GLU A 17 3.22 38.19 -11.06
N LEU A 18 2.12 37.49 -11.35
CA LEU A 18 2.16 36.37 -12.30
C LEU A 18 2.49 36.82 -13.72
N GLU A 19 2.54 38.12 -13.94
CA GLU A 19 2.88 38.62 -15.27
C GLU A 19 4.36 38.37 -15.57
N ASP A 20 5.14 38.10 -14.52
CA ASP A 20 6.57 37.81 -14.67
C ASP A 20 6.81 36.30 -14.83
N VAL A 21 5.74 35.54 -15.06
CA VAL A 21 5.85 34.08 -15.18
C VAL A 21 6.85 33.57 -16.21
N ASN A 22 7.11 34.35 -17.25
CA ASN A 22 8.06 33.94 -18.28
C ASN A 22 9.46 34.48 -18.00
N LYS A 23 9.68 35.05 -16.81
CA LYS A 23 10.99 35.61 -16.49
C LYS A 23 11.74 34.87 -15.40
N TRP A 24 13.06 34.83 -15.56
CA TRP A 24 13.95 34.20 -14.58
C TRP A 24 14.03 35.16 -13.40
N GLY A 25 13.61 34.70 -12.23
CA GLY A 25 13.64 35.57 -11.05
C GLY A 25 12.25 35.98 -10.58
N LEU A 26 11.24 35.20 -10.94
CA LEU A 26 9.88 35.48 -10.52
C LEU A 26 9.84 35.56 -8.99
N HIS A 27 9.07 36.48 -8.45
CA HIS A 27 8.95 36.64 -6.99
C HIS A 27 8.02 35.54 -6.47
N VAL A 28 8.52 34.31 -6.52
CA VAL A 28 7.74 33.15 -6.12
C VAL A 28 7.30 33.12 -4.65
N PHE A 29 8.11 33.70 -3.76
CA PHE A 29 7.74 33.75 -2.34
C PHE A 29 6.59 34.73 -2.15
N ARG A 30 6.62 35.82 -2.91
CA ARG A 30 5.58 36.83 -2.87
C ARG A 30 4.29 36.18 -3.38
N ILE A 31 4.40 35.50 -4.52
CA ILE A 31 3.25 34.82 -5.11
C ILE A 31 2.70 33.78 -4.12
N ALA A 32 3.59 33.14 -3.37
CA ALA A 32 3.16 32.16 -2.38
C ALA A 32 2.31 32.85 -1.30
N GLU A 33 2.71 34.05 -0.89
CA GLU A 33 1.98 34.80 0.13
C GLU A 33 0.65 35.33 -0.42
N LEU A 34 0.69 35.91 -1.61
CA LEU A 34 -0.51 36.47 -2.23
C LEU A 34 -1.58 35.44 -2.55
N SER A 35 -1.17 34.22 -2.88
CA SER A 35 -2.12 33.16 -3.23
C SER A 35 -2.59 32.33 -2.03
N GLY A 36 -2.26 32.75 -0.82
CA GLY A 36 -2.67 31.99 0.34
C GLY A 36 -1.97 30.65 0.33
N ASN A 37 -0.66 30.68 0.09
CA ASN A 37 0.17 29.49 0.03
C ASN A 37 -0.31 28.50 -1.03
N ARG A 38 -0.55 29.02 -2.22
CA ARG A 38 -0.99 28.24 -3.36
C ARG A 38 -0.10 28.56 -4.56
N PRO A 39 1.22 28.73 -4.34
CA PRO A 39 2.12 29.04 -5.45
C PRO A 39 2.10 28.03 -6.59
N LEU A 40 2.13 26.73 -6.25
CA LEU A 40 2.12 25.68 -7.26
C LEU A 40 0.85 25.69 -8.11
N THR A 41 -0.31 25.80 -7.47
CA THR A 41 -1.57 25.81 -8.21
C THR A 41 -1.69 26.99 -9.18
N VAL A 42 -1.44 28.21 -8.69
CA VAL A 42 -1.56 29.38 -9.55
C VAL A 42 -0.50 29.44 -10.66
N ILE A 43 0.74 29.14 -10.33
CA ILE A 43 1.81 29.15 -11.32
C ILE A 43 1.54 28.08 -12.38
N MET A 44 1.14 26.88 -11.94
CA MET A 44 0.83 25.79 -12.86
C MET A 44 -0.35 26.14 -13.77
N HIS A 45 -1.40 26.70 -13.18
CA HIS A 45 -2.57 27.07 -13.98
C HIS A 45 -2.20 28.16 -14.98
N THR A 46 -1.42 29.14 -14.53
CA THR A 46 -0.99 30.23 -15.40
C THR A 46 -0.20 29.66 -16.58
N ILE A 47 0.71 28.72 -16.29
CA ILE A 47 1.52 28.12 -17.34
C ILE A 47 0.70 27.25 -18.29
N PHE A 48 -0.23 26.48 -17.75
CA PHE A 48 -1.05 25.64 -18.60
C PHE A 48 -1.87 26.45 -19.59
N GLN A 49 -2.47 27.55 -19.13
CA GLN A 49 -3.25 28.38 -20.04
C GLN A 49 -2.36 29.20 -20.97
N GLU A 50 -1.19 29.59 -20.48
CA GLU A 50 -0.23 30.35 -21.28
C GLU A 50 0.18 29.48 -22.46
N ARG A 51 0.39 28.19 -22.18
CA ARG A 51 0.79 27.23 -23.21
C ARG A 51 -0.39 26.51 -23.87
N ASP A 52 -1.61 26.98 -23.56
CA ASP A 52 -2.82 26.38 -24.14
C ASP A 52 -2.88 24.87 -23.94
N LEU A 53 -2.35 24.40 -22.83
CA LEU A 53 -2.33 22.97 -22.55
C LEU A 53 -3.73 22.38 -22.29
N LEU A 54 -4.63 23.17 -21.72
CA LEU A 54 -5.97 22.67 -21.45
C LEU A 54 -6.69 22.29 -22.74
N LYS A 55 -6.64 23.16 -23.74
CA LYS A 55 -7.27 22.88 -25.03
C LYS A 55 -6.57 21.73 -25.75
N THR A 56 -5.25 21.82 -25.86
CA THR A 56 -4.48 20.80 -26.56
C THR A 56 -4.73 19.38 -26.04
N PHE A 57 -4.89 19.26 -24.72
CA PHE A 57 -5.10 17.97 -24.10
C PHE A 57 -6.49 17.78 -23.52
N LYS A 58 -7.41 18.67 -23.91
CA LYS A 58 -8.80 18.61 -23.46
C LYS A 58 -8.92 18.32 -21.95
N ILE A 59 -8.20 19.12 -21.18
CA ILE A 59 -8.22 19.00 -19.72
C ILE A 59 -9.32 19.91 -19.18
N PRO A 60 -10.34 19.35 -18.54
CA PRO A 60 -11.39 20.20 -18.00
C PRO A 60 -10.80 21.09 -16.89
N VAL A 61 -11.10 22.39 -16.93
CA VAL A 61 -10.55 23.33 -15.97
C VAL A 61 -10.79 23.00 -14.49
N ASP A 62 -12.01 22.60 -14.13
CA ASP A 62 -12.29 22.26 -12.73
C ASP A 62 -11.42 21.07 -12.32
N THR A 63 -11.18 20.16 -13.26
CA THR A 63 -10.36 18.98 -12.98
C THR A 63 -8.91 19.40 -12.75
N LEU A 64 -8.40 20.29 -13.59
CA LEU A 64 -7.02 20.76 -13.46
C LEU A 64 -6.82 21.42 -12.10
N ILE A 65 -7.74 22.30 -11.71
CA ILE A 65 -7.63 23.00 -10.44
C ILE A 65 -7.73 22.03 -9.25
N THR A 66 -8.64 21.06 -9.33
CA THR A 66 -8.80 20.10 -8.25
C THR A 66 -7.51 19.27 -8.06
N TYR A 67 -6.94 18.76 -9.15
CA TYR A 67 -5.72 17.98 -9.04
C TYR A 67 -4.56 18.83 -8.51
N LEU A 68 -4.42 20.04 -9.04
CA LEU A 68 -3.34 20.92 -8.61
C LEU A 68 -3.40 21.21 -7.11
N MET A 69 -4.56 21.59 -6.61
CA MET A 69 -4.72 21.87 -5.17
C MET A 69 -4.45 20.61 -4.34
N THR A 70 -4.88 19.46 -4.86
CA THR A 70 -4.67 18.19 -4.18
C THR A 70 -3.15 17.91 -4.14
N LEU A 71 -2.49 18.09 -5.28
CA LEU A 71 -1.05 17.87 -5.37
C LEU A 71 -0.31 18.81 -4.40
N GLU A 72 -0.65 20.09 -4.47
CA GLU A 72 -0.02 21.09 -3.60
C GLU A 72 -0.19 20.74 -2.12
N ASP A 73 -1.38 20.25 -1.79
CA ASP A 73 -1.70 19.85 -0.43
C ASP A 73 -0.88 18.66 0.05
N HIS A 74 -0.29 17.92 -0.88
CA HIS A 74 0.52 16.78 -0.48
C HIS A 74 1.99 17.12 -0.32
N TYR A 75 2.32 18.40 -0.42
CA TYR A 75 3.68 18.86 -0.17
C TYR A 75 3.57 19.29 1.29
N HIS A 76 4.63 19.08 2.07
CA HIS A 76 4.60 19.43 3.48
C HIS A 76 4.91 20.89 3.76
N ALA A 77 3.93 21.60 4.32
CA ALA A 77 4.08 23.00 4.66
C ALA A 77 5.01 23.16 5.87
N ASP A 78 5.26 22.06 6.58
CA ASP A 78 6.14 22.11 7.75
C ASP A 78 7.56 21.67 7.39
N VAL A 79 7.87 21.69 6.10
CA VAL A 79 9.20 21.36 5.61
C VAL A 79 9.74 22.67 5.03
N ALA A 80 10.87 23.12 5.57
CA ALA A 80 11.48 24.38 5.15
C ALA A 80 11.82 24.56 3.68
N TYR A 81 12.40 23.54 3.07
CA TYR A 81 12.78 23.64 1.67
C TYR A 81 11.93 22.83 0.70
N HIS A 82 11.92 21.52 0.87
CA HIS A 82 11.17 20.66 -0.03
C HIS A 82 9.65 20.71 0.16
N ASN A 83 9.10 21.87 -0.19
CA ASN A 83 7.67 22.11 -0.10
C ASN A 83 7.09 22.59 -1.43
N ASN A 84 5.84 23.01 -1.39
CA ASN A 84 5.13 23.49 -2.57
C ASN A 84 5.73 24.73 -3.23
N ILE A 85 6.46 25.54 -2.46
CA ILE A 85 7.06 26.73 -3.06
C ILE A 85 8.20 26.27 -3.96
N HIS A 86 8.99 25.32 -3.47
CA HIS A 86 10.10 24.78 -4.26
C HIS A 86 9.54 24.14 -5.53
N ALA A 87 8.46 23.37 -5.39
CA ALA A 87 7.85 22.71 -6.54
C ALA A 87 7.44 23.78 -7.57
N ALA A 88 6.76 24.83 -7.11
CA ALA A 88 6.33 25.90 -7.98
C ALA A 88 7.51 26.56 -8.68
N ASP A 89 8.60 26.74 -7.94
CA ASP A 89 9.80 27.37 -8.48
C ASP A 89 10.41 26.52 -9.59
N VAL A 90 10.54 25.21 -9.33
CA VAL A 90 11.11 24.28 -10.31
C VAL A 90 10.25 24.25 -11.57
N VAL A 91 8.93 24.31 -11.38
CA VAL A 91 7.99 24.31 -12.49
C VAL A 91 8.18 25.56 -13.35
N GLN A 92 8.16 26.73 -12.70
CA GLN A 92 8.32 27.98 -13.42
C GLN A 92 9.69 28.07 -14.08
N SER A 93 10.72 27.54 -13.44
CA SER A 93 12.06 27.58 -14.01
C SER A 93 12.15 26.67 -15.24
N THR A 94 11.47 25.52 -15.18
CA THR A 94 11.48 24.60 -16.31
C THR A 94 10.75 25.26 -17.45
N HIS A 95 9.68 25.98 -17.11
CA HIS A 95 8.86 26.69 -18.08
C HIS A 95 9.71 27.70 -18.85
N VAL A 96 10.53 28.45 -18.15
CA VAL A 96 11.39 29.43 -18.79
C VAL A 96 12.45 28.72 -19.65
N LEU A 97 13.04 27.67 -19.12
CA LEU A 97 14.06 26.92 -19.86
C LEU A 97 13.50 26.34 -21.16
N LEU A 98 12.25 25.91 -21.12
CA LEU A 98 11.60 25.34 -22.31
C LEU A 98 11.44 26.40 -23.40
N SER A 99 11.43 27.67 -22.99
CA SER A 99 11.25 28.76 -23.94
C SER A 99 12.55 29.29 -24.54
N THR A 100 13.69 28.73 -24.13
CA THR A 100 14.97 29.19 -24.65
C THR A 100 14.98 29.11 -26.18
N PRO A 101 15.41 30.19 -26.84
CA PRO A 101 15.48 30.25 -28.31
C PRO A 101 16.09 29.03 -28.99
N ALA A 102 17.11 28.45 -28.37
CA ALA A 102 17.79 27.28 -28.92
C ALA A 102 16.90 26.04 -28.99
N LEU A 103 15.83 26.04 -28.21
CA LEU A 103 14.92 24.90 -28.20
C LEU A 103 13.57 25.23 -28.82
N GLU A 104 13.53 26.33 -29.56
CA GLU A 104 12.30 26.76 -30.21
C GLU A 104 11.83 25.71 -31.22
N ALA A 105 10.55 25.34 -31.11
CA ALA A 105 9.94 24.35 -32.00
C ALA A 105 10.53 22.94 -31.93
N VAL A 106 11.40 22.69 -30.95
CA VAL A 106 12.02 21.37 -30.82
C VAL A 106 11.14 20.28 -30.22
N PHE A 107 10.55 20.55 -29.05
CA PHE A 107 9.73 19.57 -28.35
C PHE A 107 8.24 19.59 -28.70
N THR A 108 7.61 18.42 -28.63
CA THR A 108 6.18 18.29 -28.91
C THR A 108 5.40 18.74 -27.68
N ASP A 109 4.10 18.97 -27.85
CA ASP A 109 3.27 19.42 -26.72
C ASP A 109 3.28 18.37 -25.60
N LEU A 110 3.31 17.09 -25.97
CA LEU A 110 3.32 16.03 -24.98
C LEU A 110 4.61 16.05 -24.16
N GLU A 111 5.75 16.31 -24.81
CA GLU A 111 7.01 16.37 -24.09
C GLU A 111 7.04 17.60 -23.17
N ILE A 112 6.48 18.71 -23.64
CA ILE A 112 6.39 19.93 -22.85
C ILE A 112 5.55 19.60 -21.61
N LEU A 113 4.39 18.98 -21.85
CA LEU A 113 3.51 18.59 -20.76
C LEU A 113 4.25 17.69 -19.75
N ALA A 114 5.03 16.75 -20.26
CA ALA A 114 5.79 15.84 -19.41
C ALA A 114 6.80 16.57 -18.52
N ALA A 115 7.51 17.53 -19.10
CA ALA A 115 8.51 18.27 -18.35
C ALA A 115 7.90 19.11 -17.24
N ILE A 116 6.78 19.75 -17.53
CA ILE A 116 6.10 20.58 -16.54
C ILE A 116 5.40 19.75 -15.46
N PHE A 117 4.71 18.68 -15.87
CA PHE A 117 4.05 17.82 -14.90
C PHE A 117 5.12 17.20 -14.00
N ALA A 118 6.19 16.70 -14.61
CA ALA A 118 7.28 16.09 -13.83
C ALA A 118 7.78 17.09 -12.78
N SER A 119 8.01 18.33 -13.20
CA SER A 119 8.47 19.38 -12.30
C SER A 119 7.53 19.61 -11.13
N ALA A 120 6.22 19.62 -11.43
CA ALA A 120 5.22 19.84 -10.40
C ALA A 120 5.18 18.76 -9.33
N ILE A 121 5.37 17.51 -9.74
CA ILE A 121 5.32 16.41 -8.77
C ILE A 121 6.68 15.89 -8.29
N HIS A 122 7.77 16.36 -8.88
CA HIS A 122 9.09 15.82 -8.54
C HIS A 122 9.49 15.67 -7.07
N ASP A 123 8.83 16.39 -6.17
CA ASP A 123 9.17 16.27 -4.75
C ASP A 123 7.97 16.13 -3.83
N VAL A 124 6.80 15.78 -4.39
CA VAL A 124 5.60 15.70 -3.58
C VAL A 124 5.72 14.71 -2.41
N ASP A 125 5.22 15.15 -1.26
CA ASP A 125 5.24 14.36 -0.04
C ASP A 125 6.66 14.09 0.47
N HIS A 126 7.54 15.07 0.28
CA HIS A 126 8.93 14.97 0.75
C HIS A 126 8.89 15.16 2.27
N PRO A 127 9.46 14.21 3.03
CA PRO A 127 9.47 14.29 4.49
C PRO A 127 10.49 15.27 5.11
N GLY A 128 11.34 15.85 4.28
CA GLY A 128 12.32 16.79 4.81
C GLY A 128 13.65 16.15 5.19
N VAL A 129 13.81 14.86 4.89
CA VAL A 129 15.06 14.17 5.16
C VAL A 129 15.47 13.48 3.86
N SER A 130 16.76 13.22 3.72
CA SER A 130 17.32 12.60 2.52
C SER A 130 17.14 11.10 2.37
N ASN A 131 17.42 10.61 1.17
CA ASN A 131 17.33 9.17 0.88
C ASN A 131 18.21 8.38 1.84
N GLN A 132 19.44 8.85 2.03
CA GLN A 132 20.39 8.17 2.90
C GLN A 132 19.87 8.08 4.32
N PHE A 133 19.28 9.16 4.81
CA PHE A 133 18.73 9.16 6.16
C PHE A 133 17.61 8.12 6.24
N LEU A 134 16.76 8.10 5.22
CA LEU A 134 15.65 7.16 5.16
C LEU A 134 16.18 5.73 5.16
N ILE A 135 17.23 5.49 4.38
CA ILE A 135 17.85 4.18 4.30
C ILE A 135 18.47 3.76 5.64
N ASN A 136 19.23 4.66 6.25
CA ASN A 136 19.90 4.40 7.52
C ASN A 136 18.99 4.23 8.73
N THR A 137 17.77 4.77 8.68
CA THR A 137 16.86 4.65 9.81
C THR A 137 15.83 3.53 9.63
N ASN A 138 16.01 2.75 8.57
CA ASN A 138 15.12 1.63 8.27
C ASN A 138 13.68 2.10 8.07
N SER A 139 13.50 3.25 7.44
CA SER A 139 12.16 3.82 7.22
C SER A 139 11.33 2.99 6.23
N GLU A 140 10.02 3.00 6.41
CA GLU A 140 9.11 2.26 5.55
C GLU A 140 9.32 2.60 4.09
N LEU A 141 9.56 3.88 3.82
CA LEU A 141 9.79 4.34 2.44
C LEU A 141 10.98 3.61 1.82
N ALA A 142 12.10 3.57 2.54
CA ALA A 142 13.30 2.91 2.05
C ALA A 142 13.11 1.40 1.85
N LEU A 143 12.31 0.77 2.71
CA LEU A 143 12.06 -0.66 2.58
C LEU A 143 11.14 -0.94 1.39
N MET A 144 10.21 -0.02 1.18
CA MET A 144 9.26 -0.14 0.08
C MET A 144 9.97 -0.10 -1.29
N TYR A 145 10.97 0.76 -1.42
CA TYR A 145 11.68 0.92 -2.69
C TYR A 145 13.09 0.35 -2.73
N ASN A 146 13.39 -0.52 -1.77
CA ASN A 146 14.70 -1.18 -1.69
C ASN A 146 15.92 -0.26 -1.73
N ASP A 147 15.88 0.82 -0.95
CA ASP A 147 16.97 1.78 -0.89
C ASP A 147 17.34 2.40 -2.24
N SER A 148 16.56 2.10 -3.27
CA SER A 148 16.86 2.63 -4.60
C SER A 148 16.08 3.90 -4.95
N SER A 149 16.77 5.04 -5.05
CA SER A 149 16.12 6.30 -5.35
C SER A 149 14.80 6.36 -4.58
N VAL A 150 14.88 6.12 -3.27
CA VAL A 150 13.69 6.07 -2.43
C VAL A 150 12.69 7.21 -2.59
N LEU A 151 13.11 8.43 -2.32
CA LEU A 151 12.23 9.58 -2.43
C LEU A 151 11.68 9.81 -3.85
N GLU A 152 12.55 9.73 -4.85
CA GLU A 152 12.11 9.97 -6.22
C GLU A 152 11.05 8.98 -6.66
N ASN A 153 11.19 7.71 -6.28
CA ASN A 153 10.18 6.73 -6.64
C ASN A 153 8.87 7.08 -5.96
N HIS A 154 8.97 7.54 -4.71
CA HIS A 154 7.79 7.91 -3.95
C HIS A 154 7.09 9.14 -4.51
N HIS A 155 7.85 10.14 -4.93
CA HIS A 155 7.25 11.35 -5.49
C HIS A 155 6.43 10.97 -6.72
N LEU A 156 6.96 10.10 -7.56
CA LEU A 156 6.24 9.65 -8.74
C LEU A 156 4.95 8.89 -8.39
N ALA A 157 5.07 7.89 -7.51
CA ALA A 157 3.91 7.09 -7.12
C ALA A 157 2.78 7.98 -6.58
N VAL A 158 3.14 8.97 -5.76
CA VAL A 158 2.15 9.87 -5.20
C VAL A 158 1.59 10.77 -6.30
N GLY A 159 2.48 11.38 -7.07
CA GLY A 159 2.05 12.25 -8.15
C GLY A 159 1.03 11.57 -9.03
N PHE A 160 1.27 10.29 -9.34
CA PHE A 160 0.34 9.54 -10.18
C PHE A 160 -0.91 9.08 -9.45
N LYS A 161 -0.76 8.61 -8.21
CA LYS A 161 -1.92 8.15 -7.45
C LYS A 161 -2.96 9.23 -7.21
N LEU A 162 -2.52 10.47 -7.03
CA LEU A 162 -3.46 11.57 -6.77
C LEU A 162 -4.45 11.80 -7.91
N LEU A 163 -4.10 11.36 -9.12
CA LEU A 163 -4.97 11.50 -10.28
C LEU A 163 -6.26 10.69 -10.11
N GLN A 164 -6.23 9.73 -9.19
CA GLN A 164 -7.38 8.89 -8.93
C GLN A 164 -8.39 9.48 -7.94
N GLU A 165 -8.03 10.59 -7.28
CA GLU A 165 -8.97 11.18 -6.34
C GLU A 165 -10.13 11.83 -7.11
N GLU A 166 -11.20 12.18 -6.40
CA GLU A 166 -12.39 12.76 -7.02
C GLU A 166 -12.11 13.94 -7.97
N ASN A 167 -12.49 13.78 -9.24
CA ASN A 167 -12.32 14.80 -10.25
C ASN A 167 -10.88 15.31 -10.34
N CYS A 168 -9.92 14.38 -10.28
CA CYS A 168 -8.51 14.74 -10.35
C CYS A 168 -7.77 14.23 -11.59
N ASP A 169 -8.42 13.40 -12.40
CA ASP A 169 -7.74 12.83 -13.56
C ASP A 169 -7.60 13.79 -14.74
N ILE A 170 -6.55 14.61 -14.70
CA ILE A 170 -6.29 15.59 -15.74
C ILE A 170 -5.90 14.96 -17.09
N PHE A 171 -5.63 13.66 -17.09
CA PHE A 171 -5.24 12.97 -18.32
C PHE A 171 -6.36 12.08 -18.83
N GLN A 172 -7.56 12.28 -18.30
CA GLN A 172 -8.71 11.47 -18.69
C GLN A 172 -9.02 11.45 -20.19
N ASN A 173 -8.69 12.52 -20.92
CA ASN A 173 -8.98 12.54 -22.35
C ASN A 173 -7.84 12.17 -23.30
N LEU A 174 -6.68 11.85 -22.75
CA LEU A 174 -5.55 11.45 -23.58
C LEU A 174 -5.75 9.97 -23.98
N THR A 175 -5.29 9.63 -25.19
CA THR A 175 -5.40 8.24 -25.64
C THR A 175 -4.40 7.42 -24.84
N LYS A 176 -4.55 6.10 -24.88
CA LYS A 176 -3.64 5.20 -24.18
C LYS A 176 -2.20 5.44 -24.65
N LYS A 177 -2.04 5.73 -25.94
CA LYS A 177 -0.73 6.00 -26.52
C LYS A 177 -0.10 7.24 -25.90
N GLN A 178 -0.86 8.33 -25.85
CA GLN A 178 -0.35 9.56 -25.27
C GLN A 178 -0.01 9.35 -23.80
N ARG A 179 -0.87 8.63 -23.08
CA ARG A 179 -0.65 8.40 -21.65
C ARG A 179 0.57 7.55 -21.35
N GLN A 180 0.76 6.46 -22.11
CA GLN A 180 1.92 5.60 -21.89
C GLN A 180 3.23 6.32 -22.17
N SER A 181 3.24 7.14 -23.21
CA SER A 181 4.42 7.90 -23.58
C SER A 181 4.67 8.98 -22.52
N LEU A 182 3.60 9.69 -22.15
CA LEU A 182 3.68 10.74 -21.13
C LEU A 182 4.21 10.17 -19.82
N ARG A 183 3.65 9.05 -19.40
CA ARG A 183 4.05 8.39 -18.15
C ARG A 183 5.51 7.99 -18.15
N LYS A 184 5.97 7.40 -19.25
CA LYS A 184 7.36 6.97 -19.34
C LYS A 184 8.29 8.16 -19.20
N MET A 185 8.02 9.23 -19.96
CA MET A 185 8.84 10.43 -19.91
C MET A 185 8.85 11.07 -18.53
N VAL A 186 7.71 11.09 -17.87
CA VAL A 186 7.63 11.70 -16.54
C VAL A 186 8.45 10.88 -15.55
N ILE A 187 8.35 9.56 -15.64
CA ILE A 187 9.12 8.67 -14.77
C ILE A 187 10.63 8.89 -14.99
N ASP A 188 11.03 8.93 -16.26
CA ASP A 188 12.44 9.12 -16.58
C ASP A 188 12.97 10.45 -16.07
N ILE A 189 12.13 11.49 -16.14
CA ILE A 189 12.56 12.80 -15.68
C ILE A 189 12.69 12.90 -14.16
N VAL A 190 11.65 12.52 -13.43
CA VAL A 190 11.72 12.60 -11.96
C VAL A 190 12.84 11.73 -11.38
N LEU A 191 13.03 10.54 -11.93
CA LEU A 191 14.09 9.66 -11.43
C LEU A 191 15.45 10.30 -11.65
N ALA A 192 15.55 11.13 -12.69
CA ALA A 192 16.80 11.81 -12.99
C ALA A 192 17.11 12.95 -12.02
N THR A 193 16.16 13.29 -11.15
CA THR A 193 16.41 14.35 -10.18
C THR A 193 17.18 13.82 -8.96
N ASP A 194 17.30 12.50 -8.86
CA ASP A 194 18.05 11.89 -7.77
C ASP A 194 19.50 12.35 -7.97
N MET A 195 20.07 13.06 -7.00
CA MET A 195 21.45 13.54 -7.11
C MET A 195 22.52 12.48 -7.39
N SER A 196 22.24 11.22 -7.06
CA SER A 196 23.21 10.16 -7.29
C SER A 196 23.44 9.97 -8.80
N LYS A 197 22.52 10.50 -9.60
CA LYS A 197 22.62 10.37 -11.05
C LYS A 197 23.19 11.62 -11.70
N HIS A 198 23.53 12.62 -10.89
CA HIS A 198 24.07 13.88 -11.39
C HIS A 198 25.27 13.70 -12.33
N MET A 199 26.31 13.02 -11.86
CA MET A 199 27.51 12.82 -12.69
C MET A 199 27.21 12.16 -14.04
N ASN A 200 26.38 11.13 -14.05
CA ASN A 200 26.06 10.44 -15.30
C ASN A 200 25.31 11.38 -16.25
N LEU A 201 24.35 12.13 -15.72
CA LEU A 201 23.58 13.05 -16.54
C LEU A 201 24.51 14.11 -17.13
N LEU A 202 25.35 14.69 -16.28
CA LEU A 202 26.27 15.72 -16.74
C LEU A 202 27.22 15.17 -17.80
N ALA A 203 27.66 13.93 -17.60
CA ALA A 203 28.56 13.30 -18.57
C ALA A 203 27.87 13.19 -19.91
N ASP A 204 26.63 12.72 -19.89
CA ASP A 204 25.86 12.58 -21.12
C ASP A 204 25.56 13.93 -21.75
N LEU A 205 25.31 14.94 -20.92
CA LEU A 205 25.03 16.28 -21.44
C LEU A 205 26.28 16.82 -22.14
N LYS A 206 27.44 16.62 -21.51
CA LYS A 206 28.70 17.08 -22.09
C LYS A 206 28.96 16.41 -23.43
N THR A 207 28.72 15.10 -23.49
CA THR A 207 28.90 14.35 -24.72
C THR A 207 27.98 14.93 -25.80
N MET A 208 26.78 15.31 -25.38
CA MET A 208 25.81 15.88 -26.31
C MET A 208 26.31 17.24 -26.82
N VAL A 209 26.88 18.04 -25.93
CA VAL A 209 27.41 19.34 -26.33
C VAL A 209 28.58 19.10 -27.29
N GLU A 210 29.29 18.00 -27.10
CA GLU A 210 30.42 17.66 -27.97
C GLU A 210 29.94 17.30 -29.37
N THR A 211 28.88 16.50 -29.44
CA THR A 211 28.31 16.07 -30.71
C THR A 211 27.17 16.97 -31.14
N LYS A 212 27.07 18.13 -30.49
CA LYS A 212 26.03 19.11 -30.79
C LYS A 212 25.86 19.30 -32.28
N LYS A 213 24.61 19.31 -32.73
CA LYS A 213 24.29 19.47 -34.14
C LYS A 213 22.96 20.21 -34.23
N VAL A 214 22.97 21.36 -34.92
CA VAL A 214 21.77 22.17 -35.06
C VAL A 214 21.09 21.98 -36.42
N THR A 215 20.04 22.75 -36.64
CA THR A 215 19.29 22.69 -37.89
C THR A 215 19.57 23.93 -38.73
N SER A 216 18.65 24.24 -39.63
CA SER A 216 18.78 25.39 -40.52
C SER A 216 18.85 26.71 -39.75
N SER A 217 17.85 26.96 -38.91
CA SER A 217 17.77 28.18 -38.12
C SER A 217 18.68 28.21 -36.90
N GLY A 218 19.47 27.16 -36.72
CA GLY A 218 20.37 27.11 -35.58
C GLY A 218 19.70 26.60 -34.31
N VAL A 219 18.67 25.79 -34.48
CA VAL A 219 17.95 25.23 -33.35
C VAL A 219 18.42 23.79 -33.14
N LEU A 220 18.54 23.39 -31.88
CA LEU A 220 19.00 22.05 -31.52
C LEU A 220 18.25 20.95 -32.28
N LEU A 221 18.98 19.92 -32.68
CA LEU A 221 18.41 18.80 -33.41
C LEU A 221 18.52 17.53 -32.57
N LEU A 222 17.38 16.95 -32.21
CA LEU A 222 17.36 15.74 -31.39
C LEU A 222 16.50 14.66 -32.05
N ASP A 223 17.14 13.65 -32.59
CA ASP A 223 16.47 12.55 -33.27
C ASP A 223 15.76 11.59 -32.34
N ASN A 224 16.54 10.63 -31.83
CA ASN A 224 16.08 9.58 -30.94
C ASN A 224 15.55 10.03 -29.59
N TYR A 225 14.80 9.13 -28.96
CA TYR A 225 14.21 9.37 -27.65
C TYR A 225 15.31 9.60 -26.61
N SER A 226 16.39 8.83 -26.73
CA SER A 226 17.50 8.96 -25.79
C SER A 226 18.02 10.38 -25.69
N ASP A 227 18.14 11.06 -26.82
CA ASP A 227 18.63 12.43 -26.81
C ASP A 227 17.55 13.38 -26.30
N ARG A 228 16.32 13.22 -26.78
CA ARG A 228 15.21 14.07 -26.37
C ARG A 228 15.05 14.02 -24.85
N ILE A 229 14.90 12.80 -24.31
CA ILE A 229 14.71 12.62 -22.89
C ILE A 229 15.90 13.06 -22.04
N GLN A 230 17.12 12.92 -22.59
CA GLN A 230 18.30 13.35 -21.84
C GLN A 230 18.27 14.86 -21.64
N VAL A 231 17.97 15.59 -22.70
CA VAL A 231 17.89 17.05 -22.62
C VAL A 231 16.79 17.48 -21.65
N LEU A 232 15.65 16.78 -21.69
CA LEU A 232 14.56 17.10 -20.79
C LEU A 232 14.96 16.76 -19.35
N GLN A 233 15.63 15.63 -19.16
CA GLN A 233 16.07 15.23 -17.83
C GLN A 233 17.03 16.27 -17.26
N ASN A 234 17.99 16.70 -18.08
CA ASN A 234 18.96 17.70 -17.62
C ASN A 234 18.30 19.05 -17.40
N MET A 235 17.25 19.33 -18.16
CA MET A 235 16.55 20.60 -18.03
C MET A 235 15.89 20.71 -16.66
N VAL A 236 15.09 19.71 -16.30
CA VAL A 236 14.42 19.72 -15.00
C VAL A 236 15.44 19.64 -13.88
N HIS A 237 16.56 18.97 -14.15
CA HIS A 237 17.65 18.85 -13.18
C HIS A 237 18.25 20.24 -12.95
N CYS A 238 18.45 20.99 -14.04
CA CYS A 238 18.98 22.35 -13.95
C CYS A 238 18.00 23.21 -13.15
N ALA A 239 16.71 23.08 -13.45
CA ALA A 239 15.67 23.83 -12.76
C ALA A 239 15.69 23.50 -11.26
N ASP A 240 15.89 22.21 -10.96
CA ASP A 240 15.95 21.74 -9.58
C ASP A 240 17.15 22.35 -8.85
N LEU A 241 18.25 22.56 -9.59
CA LEU A 241 19.46 23.13 -9.02
C LEU A 241 19.67 24.55 -9.54
N SER A 242 18.58 25.32 -9.64
CA SER A 242 18.68 26.67 -10.16
C SER A 242 18.77 27.79 -9.13
N ASN A 243 18.55 27.47 -7.86
CA ASN A 243 18.58 28.48 -6.80
C ASN A 243 19.78 29.44 -6.89
N PRO A 244 20.99 28.90 -7.07
CA PRO A 244 22.17 29.77 -7.16
C PRO A 244 22.25 30.69 -8.39
N THR A 245 21.44 30.42 -9.41
CA THR A 245 21.45 31.22 -10.63
C THR A 245 20.38 32.31 -10.62
N LYS A 246 19.64 32.41 -9.52
CA LYS A 246 18.59 33.41 -9.39
C LYS A 246 19.12 34.64 -8.67
N PRO A 247 18.41 35.78 -8.78
CA PRO A 247 18.86 37.00 -8.10
C PRO A 247 19.16 36.69 -6.65
N LEU A 248 20.27 37.23 -6.16
CA LEU A 248 20.71 37.00 -4.79
C LEU A 248 19.62 37.02 -3.72
N GLN A 249 18.68 37.96 -3.84
CA GLN A 249 17.60 38.04 -2.86
C GLN A 249 16.81 36.73 -2.80
N LEU A 250 16.62 36.10 -3.95
CA LEU A 250 15.89 34.83 -4.00
C LEU A 250 16.80 33.69 -3.52
N TYR A 251 17.99 33.63 -4.10
CA TYR A 251 18.99 32.62 -3.75
C TYR A 251 19.20 32.51 -2.24
N ARG A 252 19.30 33.65 -1.58
CA ARG A 252 19.51 33.68 -0.13
C ARG A 252 18.38 33.05 0.68
N GLN A 253 17.14 33.26 0.23
CA GLN A 253 16.01 32.68 0.94
C GLN A 253 16.05 31.16 0.76
N TRP A 254 16.45 30.71 -0.42
CA TRP A 254 16.53 29.28 -0.67
C TRP A 254 17.59 28.66 0.24
N THR A 255 18.75 29.31 0.33
CA THR A 255 19.82 28.81 1.18
C THR A 255 19.34 28.70 2.63
N ASP A 256 18.70 29.76 3.13
CA ASP A 256 18.20 29.74 4.50
C ASP A 256 17.29 28.53 4.71
N ARG A 257 16.38 28.31 3.76
CA ARG A 257 15.45 27.20 3.86
C ARG A 257 16.13 25.84 3.83
N ILE A 258 17.01 25.63 2.87
CA ILE A 258 17.70 24.34 2.77
C ILE A 258 18.57 24.10 4.01
N MET A 259 19.19 25.16 4.54
CA MET A 259 20.03 25.01 5.72
C MET A 259 19.18 24.61 6.93
N GLU A 260 18.00 25.22 7.05
CA GLU A 260 17.10 24.91 8.15
C GLU A 260 16.69 23.44 8.08
N GLU A 261 16.34 22.97 6.88
CA GLU A 261 15.93 21.59 6.67
C GLU A 261 17.10 20.65 6.97
N PHE A 262 18.30 21.00 6.49
CA PHE A 262 19.48 20.17 6.71
C PHE A 262 19.91 20.13 8.18
N PHE A 263 19.93 21.29 8.84
CA PHE A 263 20.29 21.32 10.24
C PHE A 263 19.30 20.50 11.03
N ARG A 264 18.04 20.53 10.62
CA ARG A 264 17.01 19.77 11.31
C ARG A 264 17.34 18.28 11.19
N GLN A 265 17.74 17.85 10.01
CA GLN A 265 18.09 16.45 9.82
C GLN A 265 19.29 16.14 10.70
N GLY A 266 20.27 17.04 10.68
CA GLY A 266 21.47 16.87 11.47
C GLY A 266 21.16 16.71 12.94
N ASP A 267 20.13 17.43 13.42
CA ASP A 267 19.75 17.32 14.81
C ASP A 267 19.24 15.92 15.14
N ARG A 268 18.52 15.32 14.19
CA ARG A 268 18.00 13.97 14.38
C ARG A 268 19.13 12.96 14.37
N GLU A 269 20.08 13.15 13.46
CA GLU A 269 21.22 12.24 13.37
C GLU A 269 22.07 12.31 14.63
N ARG A 270 22.23 13.51 15.16
CA ARG A 270 23.02 13.72 16.37
C ARG A 270 22.36 12.96 17.53
N GLU A 271 21.04 13.05 17.62
CA GLU A 271 20.28 12.37 18.67
C GLU A 271 20.35 10.84 18.48
N ARG A 272 20.18 10.39 17.25
CA ARG A 272 20.24 8.96 16.95
C ARG A 272 21.66 8.43 17.09
N GLY A 273 22.60 9.32 17.34
CA GLY A 273 23.99 8.92 17.50
C GLY A 273 24.69 8.63 16.18
N MET A 274 24.12 9.14 15.08
CA MET A 274 24.68 8.94 13.75
C MET A 274 25.72 10.02 13.46
N GLU A 275 26.56 9.78 12.46
CA GLU A 275 27.57 10.77 12.09
C GLU A 275 26.90 11.87 11.28
N ILE A 276 27.32 13.11 11.50
CA ILE A 276 26.73 14.25 10.82
C ILE A 276 27.72 14.94 9.89
N SER A 277 27.23 15.40 8.75
CA SER A 277 28.06 16.11 7.78
C SER A 277 28.12 17.57 8.21
N PRO A 278 29.27 18.24 8.01
CA PRO A 278 29.39 19.65 8.40
C PRO A 278 28.19 20.40 7.84
N MET A 279 27.76 19.94 6.67
CA MET A 279 26.63 20.48 5.95
C MET A 279 25.35 20.50 6.78
N CYS A 280 25.13 19.42 7.55
CA CYS A 280 23.94 19.30 8.40
C CYS A 280 24.19 19.60 9.87
N ASP A 281 25.43 19.97 10.23
CA ASP A 281 25.76 20.26 11.63
C ASP A 281 25.68 21.76 11.93
N LYS A 282 24.61 22.17 12.59
CA LYS A 282 24.42 23.58 12.93
C LYS A 282 25.53 24.11 13.82
N HIS A 283 26.30 23.22 14.43
CA HIS A 283 27.39 23.64 15.31
C HIS A 283 28.69 23.86 14.54
N ASN A 284 29.02 22.93 13.65
CA ASN A 284 30.23 23.04 12.85
C ASN A 284 29.87 23.25 11.39
N ALA A 285 29.14 24.32 11.10
CA ALA A 285 28.74 24.58 9.73
C ALA A 285 29.23 25.90 9.16
N SER A 286 29.69 25.85 7.91
CA SER A 286 30.17 27.02 7.20
C SER A 286 29.24 27.21 6.00
N VAL A 287 28.13 27.90 6.22
CA VAL A 287 27.15 28.13 5.16
C VAL A 287 27.76 28.73 3.90
N GLU A 288 28.60 29.75 4.07
CA GLU A 288 29.23 30.41 2.93
C GLU A 288 30.12 29.46 2.13
N LYS A 289 30.94 28.69 2.83
CA LYS A 289 31.84 27.75 2.17
C LYS A 289 31.04 26.66 1.46
N SER A 290 29.99 26.18 2.12
CA SER A 290 29.16 25.14 1.57
C SER A 290 28.51 25.55 0.24
N GLN A 291 28.07 26.81 0.15
CA GLN A 291 27.45 27.29 -1.07
C GLN A 291 28.49 27.44 -2.17
N VAL A 292 29.68 27.86 -1.80
CA VAL A 292 30.76 28.02 -2.77
C VAL A 292 31.16 26.64 -3.31
N GLY A 293 31.27 25.67 -2.41
CA GLY A 293 31.61 24.34 -2.85
C GLY A 293 30.50 23.80 -3.74
N PHE A 294 29.27 24.00 -3.28
CA PHE A 294 28.09 23.56 -4.03
C PHE A 294 28.15 24.07 -5.47
N ILE A 295 28.43 25.37 -5.62
CA ILE A 295 28.51 26.00 -6.93
C ILE A 295 29.72 25.54 -7.76
N ASP A 296 30.90 25.52 -7.15
CA ASP A 296 32.11 25.10 -7.86
C ASP A 296 32.09 23.65 -8.33
N TYR A 297 31.60 22.75 -7.49
CA TYR A 297 31.59 21.34 -7.83
C TYR A 297 30.35 20.79 -8.52
N ILE A 298 29.21 21.43 -8.30
CA ILE A 298 27.97 20.93 -8.90
C ILE A 298 27.20 21.87 -9.81
N VAL A 299 26.79 23.00 -9.27
CA VAL A 299 25.98 23.95 -10.04
C VAL A 299 26.64 24.58 -11.24
N HIS A 300 27.86 25.09 -11.08
CA HIS A 300 28.56 25.72 -12.19
C HIS A 300 28.90 24.74 -13.31
N PRO A 301 29.43 23.56 -12.97
CA PRO A 301 29.75 22.60 -14.03
C PRO A 301 28.49 22.23 -14.83
N LEU A 302 27.37 22.15 -14.12
CA LEU A 302 26.11 21.80 -14.77
C LEU A 302 25.63 22.93 -15.67
N TRP A 303 25.46 24.11 -15.10
CA TRP A 303 24.99 25.24 -15.87
C TRP A 303 25.91 25.70 -16.99
N GLU A 304 27.20 25.48 -16.82
CA GLU A 304 28.17 25.85 -17.83
C GLU A 304 27.97 24.96 -19.06
N THR A 305 27.69 23.69 -18.81
CA THR A 305 27.47 22.73 -19.90
C THR A 305 26.13 23.02 -20.58
N TRP A 306 25.13 23.41 -19.78
CA TRP A 306 23.84 23.73 -20.34
C TRP A 306 23.95 25.00 -21.18
N ALA A 307 24.71 25.96 -20.66
CA ALA A 307 24.91 27.22 -21.38
C ALA A 307 25.50 26.90 -22.74
N ASP A 308 26.42 25.94 -22.77
CA ASP A 308 27.07 25.54 -24.01
C ASP A 308 26.06 24.95 -24.98
N LEU A 309 25.21 24.05 -24.47
CA LEU A 309 24.21 23.41 -25.32
C LEU A 309 23.29 24.42 -26.01
N VAL A 310 22.85 25.43 -25.27
CA VAL A 310 21.95 26.44 -25.81
C VAL A 310 22.62 27.80 -25.99
N HIS A 311 23.95 27.81 -26.09
CA HIS A 311 24.70 29.05 -26.26
C HIS A 311 24.15 29.93 -27.37
N PRO A 312 24.01 31.24 -27.12
CA PRO A 312 24.33 31.96 -25.88
C PRO A 312 23.10 32.31 -25.04
N ASP A 313 22.01 31.59 -25.25
CA ASP A 313 20.76 31.87 -24.52
C ASP A 313 20.85 31.97 -23.00
N ALA A 314 21.74 31.19 -22.39
CA ALA A 314 21.84 31.21 -20.93
C ALA A 314 23.00 32.05 -20.40
N GLN A 315 23.55 32.94 -21.23
CA GLN A 315 24.66 33.77 -20.80
C GLN A 315 24.39 34.59 -19.55
N ASP A 316 23.19 35.15 -19.45
CA ASP A 316 22.84 35.96 -18.29
C ASP A 316 22.69 35.15 -17.02
N ILE A 317 22.15 33.94 -17.14
CA ILE A 317 21.96 33.08 -15.98
C ILE A 317 23.32 32.66 -15.42
N LEU A 318 24.26 32.38 -16.32
CA LEU A 318 25.60 31.98 -15.91
C LEU A 318 26.31 33.15 -15.21
N ASP A 319 26.10 34.36 -15.72
CA ASP A 319 26.73 35.53 -15.12
C ASP A 319 26.20 35.77 -13.70
N THR A 320 24.92 35.51 -13.51
CA THR A 320 24.31 35.70 -12.20
C THR A 320 24.85 34.66 -11.24
N LEU A 321 25.03 33.44 -11.72
CA LEU A 321 25.57 32.36 -10.90
C LEU A 321 26.96 32.74 -10.41
N GLU A 322 27.79 33.24 -11.34
CA GLU A 322 29.15 33.62 -11.01
C GLU A 322 29.22 34.83 -10.09
N ASP A 323 28.31 35.77 -10.24
CA ASP A 323 28.31 36.92 -9.34
C ASP A 323 27.92 36.45 -7.94
N ASN A 324 26.93 35.57 -7.87
CA ASN A 324 26.50 35.06 -6.57
C ASN A 324 27.61 34.26 -5.91
N ARG A 325 28.33 33.49 -6.71
CA ARG A 325 29.44 32.68 -6.21
C ARG A 325 30.48 33.59 -5.57
N GLU A 326 30.77 34.70 -6.24
CA GLU A 326 31.74 35.66 -5.71
C GLU A 326 31.21 36.35 -4.47
N TRP A 327 29.90 36.57 -4.41
CA TRP A 327 29.31 37.22 -3.25
C TRP A 327 29.51 36.36 -2.00
N TYR A 328 29.15 35.08 -2.09
CA TYR A 328 29.30 34.16 -0.98
C TYR A 328 30.77 33.96 -0.62
N GLN A 329 31.63 33.96 -1.64
CA GLN A 329 33.06 33.77 -1.42
C GLN A 329 33.63 34.91 -0.56
N SER A 330 33.28 36.14 -0.92
CA SER A 330 33.75 37.31 -0.19
C SER A 330 33.08 37.41 1.18
N THR A 331 32.03 36.63 1.38
CA THR A 331 31.30 36.63 2.64
C THR A 331 32.00 35.73 3.66
N ILE A 332 32.84 34.84 3.18
CA ILE A 332 33.56 33.93 4.05
C ILE A 332 34.48 34.69 5.00
N PRO A 333 34.19 34.62 6.31
CA PRO A 333 34.97 35.31 7.35
C PRO A 333 36.37 34.75 7.53
N GLN A 334 37.24 35.53 8.17
CA GLN A 334 38.62 35.12 8.41
C GLN A 334 39.17 35.73 9.69
N THR B 8 6.93 -44.27 5.29
CA THR B 8 8.39 -44.13 5.02
C THR B 8 8.77 -44.78 3.69
N GLU B 9 7.78 -45.41 3.04
CA GLU B 9 8.00 -46.07 1.76
C GLU B 9 8.39 -45.08 0.67
N GLN B 10 7.49 -44.14 0.39
CA GLN B 10 7.74 -43.11 -0.62
C GLN B 10 8.76 -42.09 -0.12
N GLU B 11 9.10 -42.19 1.16
CA GLU B 11 10.08 -41.28 1.76
C GLU B 11 11.46 -41.72 1.29
N ASP B 12 11.70 -43.03 1.27
CA ASP B 12 12.97 -43.57 0.85
C ASP B 12 13.22 -43.19 -0.61
N VAL B 13 12.17 -43.22 -1.41
CA VAL B 13 12.27 -42.88 -2.82
C VAL B 13 12.68 -41.42 -2.97
N LEU B 14 12.00 -40.54 -2.25
CA LEU B 14 12.29 -39.12 -2.29
C LEU B 14 13.70 -38.86 -1.76
N ALA B 15 14.02 -39.48 -0.63
CA ALA B 15 15.32 -39.33 -0.01
C ALA B 15 16.44 -39.76 -0.96
N LYS B 16 16.20 -40.85 -1.68
CA LYS B 16 17.19 -41.35 -2.63
C LYS B 16 17.34 -40.37 -3.77
N GLU B 17 16.21 -39.84 -4.24
CA GLU B 17 16.21 -38.88 -5.34
C GLU B 17 16.95 -37.63 -4.89
N LEU B 18 16.79 -37.28 -3.62
CA LEU B 18 17.44 -36.11 -3.05
C LEU B 18 18.94 -36.29 -2.86
N GLU B 19 19.46 -37.44 -3.25
CA GLU B 19 20.89 -37.69 -3.11
C GLU B 19 21.68 -36.97 -4.20
N ASP B 20 20.98 -36.54 -5.25
CA ASP B 20 21.62 -35.83 -6.35
C ASP B 20 21.43 -34.32 -6.25
N VAL B 21 21.18 -33.82 -5.04
CA VAL B 21 20.98 -32.40 -4.81
C VAL B 21 22.18 -31.60 -5.32
N ASN B 22 23.36 -32.18 -5.24
CA ASN B 22 24.57 -31.50 -5.69
C ASN B 22 24.84 -31.73 -7.17
N LYS B 23 23.89 -32.36 -7.85
CA LYS B 23 24.05 -32.65 -9.27
C LYS B 23 23.16 -31.86 -10.23
N TRP B 24 23.77 -31.42 -11.32
CA TRP B 24 23.08 -30.68 -12.36
C TRP B 24 22.17 -31.72 -13.02
N GLY B 25 20.88 -31.42 -13.12
CA GLY B 25 19.99 -32.38 -13.74
C GLY B 25 19.22 -33.20 -12.72
N LEU B 26 19.01 -32.62 -11.54
CA LEU B 26 18.26 -33.27 -10.48
C LEU B 26 16.84 -33.49 -10.98
N HIS B 27 16.23 -34.60 -10.59
CA HIS B 27 14.87 -34.92 -11.01
C HIS B 27 13.91 -34.13 -10.12
N VAL B 28 13.90 -32.81 -10.31
CA VAL B 28 13.08 -31.90 -9.51
C VAL B 28 11.58 -32.13 -9.67
N PHE B 29 11.14 -32.54 -10.86
CA PHE B 29 9.72 -32.78 -11.09
C PHE B 29 9.26 -34.01 -10.31
N ARG B 30 10.14 -35.01 -10.24
CA ARG B 30 9.84 -36.24 -9.53
C ARG B 30 9.77 -35.91 -8.04
N ILE B 31 10.71 -35.07 -7.60
CA ILE B 31 10.77 -34.66 -6.20
C ILE B 31 9.51 -33.87 -5.83
N ALA B 32 8.98 -33.11 -6.77
CA ALA B 32 7.76 -32.33 -6.53
C ALA B 32 6.60 -33.29 -6.29
N GLU B 33 6.57 -34.38 -7.05
CA GLU B 33 5.52 -35.38 -6.92
C GLU B 33 5.64 -36.11 -5.59
N LEU B 34 6.84 -36.60 -5.31
CA LEU B 34 7.12 -37.36 -4.08
C LEU B 34 6.97 -36.59 -2.77
N SER B 35 7.11 -35.26 -2.82
CA SER B 35 6.99 -34.47 -1.61
C SER B 35 5.61 -33.82 -1.43
N GLY B 36 4.63 -34.28 -2.21
CA GLY B 36 3.31 -33.72 -2.11
C GLY B 36 3.33 -32.27 -2.56
N ASN B 37 4.16 -32.00 -3.57
CA ASN B 37 4.33 -30.66 -4.13
C ASN B 37 4.95 -29.69 -3.15
N ARG B 38 6.05 -30.12 -2.55
CA ARG B 38 6.80 -29.30 -1.60
C ARG B 38 8.28 -29.35 -2.00
N PRO B 39 8.58 -29.27 -3.31
CA PRO B 39 9.97 -29.31 -3.76
C PRO B 39 10.83 -28.19 -3.21
N LEU B 40 10.28 -26.99 -3.13
CA LEU B 40 11.03 -25.86 -2.61
C LEU B 40 11.38 -26.09 -1.15
N THR B 41 10.38 -26.48 -0.36
CA THR B 41 10.60 -26.73 1.06
C THR B 41 11.61 -27.86 1.28
N VAL B 42 11.43 -28.98 0.56
CA VAL B 42 12.34 -30.12 0.71
C VAL B 42 13.75 -29.85 0.22
N ILE B 43 13.87 -29.25 -0.97
CA ILE B 43 15.18 -28.95 -1.51
C ILE B 43 15.92 -27.89 -0.68
N MET B 44 15.23 -26.82 -0.30
CA MET B 44 15.86 -25.78 0.50
C MET B 44 16.37 -26.39 1.81
N HIS B 45 15.52 -27.16 2.48
CA HIS B 45 15.88 -27.80 3.74
C HIS B 45 17.10 -28.71 3.57
N THR B 46 17.10 -29.52 2.52
CA THR B 46 18.21 -30.43 2.28
C THR B 46 19.52 -29.66 2.06
N ILE B 47 19.43 -28.56 1.29
CA ILE B 47 20.59 -27.74 0.99
C ILE B 47 21.10 -27.03 2.22
N PHE B 48 20.19 -26.52 3.04
CA PHE B 48 20.58 -25.82 4.27
C PHE B 48 21.35 -26.72 5.22
N GLN B 49 20.89 -27.95 5.39
CA GLN B 49 21.55 -28.89 6.27
C GLN B 49 22.88 -29.27 5.60
N GLU B 50 22.81 -29.52 4.30
CA GLU B 50 23.96 -29.90 3.50
C GLU B 50 25.10 -28.90 3.75
N ARG B 51 24.75 -27.61 3.79
CA ARG B 51 25.74 -26.55 4.01
C ARG B 51 25.83 -26.16 5.47
N ASP B 52 25.10 -26.87 6.32
CA ASP B 52 25.11 -26.61 7.75
C ASP B 52 24.77 -25.16 8.08
N LEU B 53 23.90 -24.56 7.26
CA LEU B 53 23.51 -23.17 7.45
C LEU B 53 22.69 -22.92 8.73
N LEU B 54 21.95 -23.92 9.18
CA LEU B 54 21.15 -23.77 10.40
C LEU B 54 22.07 -23.53 11.58
N LYS B 55 23.07 -24.39 11.74
CA LYS B 55 24.02 -24.23 12.84
C LYS B 55 24.83 -22.95 12.70
N THR B 56 25.33 -22.71 11.49
CA THR B 56 26.13 -21.53 11.22
C THR B 56 25.43 -20.22 11.57
N PHE B 57 24.14 -20.14 11.28
CA PHE B 57 23.38 -18.92 11.56
C PHE B 57 22.36 -19.08 12.68
N LYS B 58 22.45 -20.19 13.41
CA LYS B 58 21.54 -20.47 14.52
C LYS B 58 20.09 -20.31 14.08
N ILE B 59 19.75 -20.92 12.95
CA ILE B 59 18.40 -20.86 12.43
C ILE B 59 17.60 -21.99 13.04
N PRO B 60 16.59 -21.65 13.85
CA PRO B 60 15.80 -22.73 14.45
C PRO B 60 15.13 -23.56 13.36
N VAL B 61 15.21 -24.88 13.49
CA VAL B 61 14.65 -25.81 12.51
C VAL B 61 13.18 -25.60 12.22
N ASP B 62 12.38 -25.51 13.28
CA ASP B 62 10.94 -25.30 13.12
C ASP B 62 10.67 -24.02 12.33
N THR B 63 11.44 -22.97 12.61
CA THR B 63 11.28 -21.69 11.94
C THR B 63 11.62 -21.76 10.44
N LEU B 64 12.63 -22.55 10.10
CA LEU B 64 13.02 -22.69 8.69
C LEU B 64 11.93 -23.37 7.90
N ILE B 65 11.40 -24.46 8.47
CA ILE B 65 10.35 -25.23 7.82
C ILE B 65 9.04 -24.46 7.67
N THR B 66 8.69 -23.69 8.71
CA THR B 66 7.45 -22.91 8.66
C THR B 66 7.58 -21.85 7.57
N TYR B 67 8.70 -21.12 7.54
CA TYR B 67 8.92 -20.10 6.53
C TYR B 67 8.94 -20.70 5.13
N LEU B 68 9.65 -21.82 4.97
CA LEU B 68 9.74 -22.47 3.67
C LEU B 68 8.37 -22.84 3.14
N MET B 69 7.56 -23.48 4.00
CA MET B 69 6.22 -23.88 3.58
C MET B 69 5.37 -22.66 3.26
N THR B 70 5.60 -21.58 4.01
CA THR B 70 4.87 -20.34 3.81
C THR B 70 5.27 -19.76 2.47
N LEU B 71 6.57 -19.64 2.23
CA LEU B 71 7.07 -19.10 0.97
C LEU B 71 6.54 -19.90 -0.21
N GLU B 72 6.70 -21.22 -0.13
CA GLU B 72 6.24 -22.11 -1.18
C GLU B 72 4.74 -21.95 -1.40
N ASP B 73 3.99 -21.78 -0.32
CA ASP B 73 2.54 -21.60 -0.43
C ASP B 73 2.19 -20.32 -1.18
N HIS B 74 3.15 -19.41 -1.29
CA HIS B 74 2.88 -18.16 -2.00
C HIS B 74 3.20 -18.19 -3.48
N TYR B 75 3.61 -19.35 -3.98
CA TYR B 75 3.86 -19.50 -5.41
C TYR B 75 2.51 -20.05 -5.90
N HIS B 76 2.09 -19.68 -7.10
CA HIS B 76 0.80 -20.13 -7.63
C HIS B 76 0.90 -21.48 -8.33
N ALA B 77 0.13 -22.45 -7.83
CA ALA B 77 0.13 -23.78 -8.39
C ALA B 77 -0.57 -23.80 -9.75
N ASP B 78 -1.33 -22.76 -10.05
CA ASP B 78 -2.03 -22.68 -11.33
C ASP B 78 -1.15 -22.11 -12.44
N VAL B 79 0.02 -21.62 -12.07
CA VAL B 79 0.96 -21.06 -13.04
C VAL B 79 1.87 -22.19 -13.52
N ALA B 80 1.77 -22.52 -14.81
CA ALA B 80 2.55 -23.61 -15.41
C ALA B 80 4.08 -23.56 -15.25
N TYR B 81 4.68 -22.37 -15.35
CA TYR B 81 6.14 -22.26 -15.23
C TYR B 81 6.63 -21.57 -13.96
N HIS B 82 6.23 -20.32 -13.78
CA HIS B 82 6.66 -19.55 -12.62
C HIS B 82 5.98 -19.93 -11.31
N ASN B 83 6.24 -21.16 -10.88
CA ASN B 83 5.67 -21.69 -9.65
C ASN B 83 6.76 -22.15 -8.67
N ASN B 84 6.37 -22.95 -7.68
CA ASN B 84 7.32 -23.42 -6.67
C ASN B 84 8.35 -24.42 -7.22
N ILE B 85 8.01 -25.14 -8.27
CA ILE B 85 8.94 -26.09 -8.85
C ILE B 85 10.08 -25.32 -9.51
N HIS B 86 9.74 -24.22 -10.19
CA HIS B 86 10.74 -23.39 -10.83
C HIS B 86 11.65 -22.77 -9.76
N ALA B 87 11.06 -22.34 -8.66
CA ALA B 87 11.83 -21.73 -7.58
C ALA B 87 12.80 -22.76 -6.98
N ALA B 88 12.31 -23.98 -6.78
CA ALA B 88 13.14 -25.05 -6.24
C ALA B 88 14.27 -25.37 -7.21
N ASP B 89 13.97 -25.30 -8.51
CA ASP B 89 14.95 -25.57 -9.54
C ASP B 89 16.03 -24.49 -9.52
N VAL B 90 15.61 -23.23 -9.45
CA VAL B 90 16.58 -22.14 -9.43
C VAL B 90 17.44 -22.20 -8.17
N VAL B 91 16.84 -22.64 -7.06
CA VAL B 91 17.57 -22.77 -5.80
C VAL B 91 18.64 -23.85 -5.92
N GLN B 92 18.23 -25.02 -6.39
CA GLN B 92 19.14 -26.14 -6.53
C GLN B 92 20.25 -25.83 -7.53
N SER B 93 19.91 -25.19 -8.64
CA SER B 93 20.92 -24.84 -9.64
C SER B 93 21.93 -23.85 -9.05
N THR B 94 21.42 -22.85 -8.34
CA THR B 94 22.30 -21.86 -7.71
C THR B 94 23.25 -22.57 -6.73
N HIS B 95 22.70 -23.54 -6.00
CA HIS B 95 23.47 -24.32 -5.03
C HIS B 95 24.62 -25.07 -5.72
N VAL B 96 24.36 -25.64 -6.89
CA VAL B 96 25.40 -26.36 -7.63
C VAL B 96 26.47 -25.40 -8.13
N LEU B 97 26.06 -24.24 -8.66
CA LEU B 97 27.02 -23.27 -9.18
C LEU B 97 27.92 -22.69 -8.09
N LEU B 98 27.37 -22.53 -6.88
CA LEU B 98 28.16 -22.00 -5.79
C LEU B 98 29.25 -22.98 -5.38
N SER B 99 28.98 -24.27 -5.58
CA SER B 99 29.93 -25.32 -5.22
C SER B 99 30.98 -25.60 -6.30
N THR B 100 30.89 -24.90 -7.42
CA THR B 100 31.83 -25.10 -8.52
C THR B 100 33.27 -24.93 -8.03
N PRO B 101 34.15 -25.91 -8.36
CA PRO B 101 35.55 -25.87 -7.95
C PRO B 101 36.23 -24.52 -8.14
N ALA B 102 36.06 -23.92 -9.32
CA ALA B 102 36.68 -22.64 -9.63
C ALA B 102 36.30 -21.51 -8.67
N LEU B 103 35.18 -21.65 -7.97
CA LEU B 103 34.74 -20.62 -7.04
C LEU B 103 34.94 -20.96 -5.56
N GLU B 104 35.63 -22.06 -5.29
CA GLU B 104 35.85 -22.48 -3.91
C GLU B 104 36.59 -21.38 -3.13
N ALA B 105 36.20 -21.21 -1.87
CA ALA B 105 36.81 -20.24 -0.98
C ALA B 105 36.62 -18.77 -1.39
N VAL B 106 35.71 -18.51 -2.32
CA VAL B 106 35.48 -17.13 -2.73
C VAL B 106 34.43 -16.42 -1.88
N PHE B 107 33.26 -17.04 -1.75
CA PHE B 107 32.16 -16.44 -1.00
C PHE B 107 31.99 -16.88 0.45
N THR B 108 31.60 -15.93 1.29
CA THR B 108 31.37 -16.19 2.70
C THR B 108 30.02 -16.89 2.88
N ASP B 109 29.76 -17.38 4.09
CA ASP B 109 28.52 -18.08 4.38
C ASP B 109 27.32 -17.15 4.24
N LEU B 110 27.52 -15.87 4.56
CA LEU B 110 26.43 -14.90 4.46
C LEU B 110 26.08 -14.66 3.00
N GLU B 111 27.11 -14.58 2.15
CA GLU B 111 26.89 -14.36 0.73
C GLU B 111 26.22 -15.60 0.13
N ILE B 112 26.66 -16.78 0.56
CA ILE B 112 26.08 -18.02 0.09
C ILE B 112 24.60 -18.05 0.50
N LEU B 113 24.35 -17.70 1.76
CA LEU B 113 23.00 -17.66 2.29
C LEU B 113 22.10 -16.74 1.46
N ALA B 114 22.63 -15.56 1.14
CA ALA B 114 21.91 -14.56 0.35
C ALA B 114 21.53 -15.08 -1.04
N ALA B 115 22.50 -15.69 -1.74
CA ALA B 115 22.24 -16.19 -3.08
C ALA B 115 21.16 -17.28 -3.08
N ILE B 116 21.18 -18.14 -2.07
CA ILE B 116 20.20 -19.23 -1.98
C ILE B 116 18.82 -18.70 -1.58
N PHE B 117 18.78 -17.80 -0.60
CA PHE B 117 17.52 -17.21 -0.17
C PHE B 117 16.92 -16.44 -1.35
N ALA B 118 17.75 -15.61 -1.97
CA ALA B 118 17.31 -14.83 -3.13
C ALA B 118 16.72 -15.76 -4.18
N SER B 119 17.41 -16.87 -4.44
CA SER B 119 16.92 -17.82 -5.42
C SER B 119 15.53 -18.34 -5.05
N ALA B 120 15.32 -18.61 -3.76
CA ALA B 120 14.05 -19.16 -3.30
C ALA B 120 12.86 -18.19 -3.42
N ILE B 121 13.11 -16.91 -3.19
CA ILE B 121 12.06 -15.90 -3.25
C ILE B 121 12.02 -15.08 -4.55
N HIS B 122 12.93 -15.36 -5.48
CA HIS B 122 13.01 -14.54 -6.70
C HIS B 122 11.79 -14.41 -7.62
N ASP B 123 10.80 -15.28 -7.47
CA ASP B 123 9.56 -15.23 -8.27
C ASP B 123 8.30 -15.45 -7.44
N VAL B 124 8.40 -15.30 -6.12
CA VAL B 124 7.23 -15.56 -5.29
C VAL B 124 6.03 -14.68 -5.63
N ASP B 125 4.86 -15.32 -5.66
CA ASP B 125 3.58 -14.67 -5.97
C ASP B 125 3.56 -14.15 -7.40
N HIS B 126 4.20 -14.88 -8.31
CA HIS B 126 4.22 -14.50 -9.73
C HIS B 126 2.82 -14.76 -10.28
N PRO B 127 2.26 -13.78 -11.02
CA PRO B 127 0.91 -13.95 -11.58
C PRO B 127 0.83 -14.72 -12.88
N GLY B 128 1.97 -15.08 -13.45
CA GLY B 128 1.95 -15.81 -14.71
C GLY B 128 1.90 -14.91 -15.93
N VAL B 129 2.08 -13.60 -15.72
CA VAL B 129 2.08 -12.62 -16.81
C VAL B 129 3.31 -11.75 -16.61
N SER B 130 3.75 -11.10 -17.69
CA SER B 130 4.95 -10.28 -17.68
C SER B 130 4.78 -8.87 -17.12
N ASN B 131 5.91 -8.23 -16.86
CA ASN B 131 5.90 -6.87 -16.34
C ASN B 131 5.12 -5.94 -17.29
N GLN B 132 5.32 -6.13 -18.59
CA GLN B 132 4.65 -5.28 -19.57
C GLN B 132 3.13 -5.42 -19.50
N PHE B 133 2.66 -6.64 -19.24
CA PHE B 133 1.22 -6.87 -19.13
C PHE B 133 0.68 -6.10 -17.92
N LEU B 134 1.42 -6.15 -16.81
CA LEU B 134 1.01 -5.44 -15.60
C LEU B 134 1.08 -3.93 -15.83
N ILE B 135 2.07 -3.49 -16.60
CA ILE B 135 2.22 -2.07 -16.89
C ILE B 135 1.08 -1.56 -17.77
N ASN B 136 0.75 -2.31 -18.82
CA ASN B 136 -0.31 -1.95 -19.76
C ASN B 136 -1.72 -1.84 -19.16
N THR B 137 -2.00 -2.67 -18.15
CA THR B 137 -3.31 -2.66 -17.50
C THR B 137 -3.39 -1.65 -16.35
N ASN B 138 -2.30 -0.92 -16.14
CA ASN B 138 -2.23 0.07 -15.07
C ASN B 138 -2.47 -0.60 -13.73
N SER B 139 -1.88 -1.77 -13.52
CA SER B 139 -2.06 -2.48 -12.27
C SER B 139 -1.49 -1.66 -11.11
N GLU B 140 -1.99 -1.95 -9.91
CA GLU B 140 -1.53 -1.26 -8.70
C GLU B 140 -0.02 -1.48 -8.52
N LEU B 141 0.43 -2.70 -8.77
CA LEU B 141 1.84 -3.05 -8.64
C LEU B 141 2.70 -2.13 -9.52
N ALA B 142 2.30 -1.96 -10.78
CA ALA B 142 3.05 -1.12 -11.71
C ALA B 142 3.02 0.37 -11.29
N LEU B 143 1.89 0.82 -10.79
CA LEU B 143 1.76 2.20 -10.34
C LEU B 143 2.64 2.42 -9.10
N MET B 144 2.70 1.41 -8.25
CA MET B 144 3.50 1.49 -7.03
C MET B 144 5.01 1.55 -7.31
N TYR B 145 5.46 0.80 -8.30
CA TYR B 145 6.88 0.76 -8.64
C TYR B 145 7.29 1.52 -9.89
N ASN B 146 6.38 2.37 -10.39
CA ASN B 146 6.66 3.18 -11.56
C ASN B 146 7.16 2.39 -12.78
N ASP B 147 6.46 1.30 -13.08
CA ASP B 147 6.76 0.43 -14.23
C ASP B 147 8.20 -0.10 -14.28
N SER B 148 8.92 -0.03 -13.18
CA SER B 148 10.31 -0.48 -13.16
C SER B 148 10.45 -1.76 -12.34
N SER B 149 10.95 -2.82 -12.99
CA SER B 149 11.13 -4.13 -12.35
C SER B 149 9.93 -4.41 -11.44
N VAL B 150 8.74 -4.16 -11.96
CA VAL B 150 7.51 -4.35 -11.21
C VAL B 150 7.41 -5.66 -10.43
N LEU B 151 7.53 -6.78 -11.14
CA LEU B 151 7.44 -8.09 -10.50
C LEU B 151 8.58 -8.36 -9.52
N GLU B 152 9.80 -8.09 -9.93
CA GLU B 152 10.98 -8.31 -9.10
C GLU B 152 10.87 -7.52 -7.78
N ASN B 153 10.43 -6.26 -7.89
CA ASN B 153 10.24 -5.45 -6.69
C ASN B 153 9.22 -6.17 -5.82
N HIS B 154 8.19 -6.71 -6.47
CA HIS B 154 7.13 -7.43 -5.78
C HIS B 154 7.62 -8.74 -5.15
N HIS B 155 8.43 -9.49 -5.90
CA HIS B 155 8.96 -10.75 -5.36
C HIS B 155 9.76 -10.46 -4.10
N LEU B 156 10.49 -9.36 -4.10
CA LEU B 156 11.29 -8.96 -2.94
C LEU B 156 10.36 -8.62 -1.77
N ALA B 157 9.36 -7.79 -2.03
CA ALA B 157 8.40 -7.37 -1.02
C ALA B 157 7.78 -8.57 -0.31
N VAL B 158 7.25 -9.52 -1.08
CA VAL B 158 6.61 -10.69 -0.51
C VAL B 158 7.61 -11.56 0.27
N GLY B 159 8.73 -11.88 -0.38
CA GLY B 159 9.74 -12.71 0.26
C GLY B 159 10.16 -12.21 1.62
N PHE B 160 10.44 -10.92 1.73
CA PHE B 160 10.86 -10.34 3.00
C PHE B 160 9.69 -10.29 3.97
N LYS B 161 8.54 -9.83 3.46
CA LYS B 161 7.34 -9.70 4.28
C LYS B 161 6.94 -11.00 4.98
N LEU B 162 7.10 -12.13 4.30
CA LEU B 162 6.73 -13.42 4.89
C LEU B 162 7.57 -13.81 6.10
N LEU B 163 8.73 -13.17 6.27
CA LEU B 163 9.60 -13.47 7.41
C LEU B 163 8.92 -12.99 8.69
N GLN B 164 7.98 -12.05 8.52
CA GLN B 164 7.27 -11.48 9.64
C GLN B 164 6.05 -12.28 10.13
N GLU B 165 5.73 -13.39 9.46
CA GLU B 165 4.58 -14.19 9.88
C GLU B 165 4.98 -15.10 11.05
N GLU B 166 4.00 -15.68 11.73
CA GLU B 166 4.26 -16.54 12.89
C GLU B 166 5.37 -17.59 12.70
N ASN B 167 6.40 -17.49 13.54
CA ASN B 167 7.55 -18.40 13.52
C ASN B 167 8.17 -18.56 12.13
N CYS B 168 8.33 -17.45 11.43
CA CYS B 168 8.90 -17.46 10.07
C CYS B 168 10.23 -16.73 9.93
N ASP B 169 10.62 -15.95 10.93
CA ASP B 169 11.86 -15.18 10.85
C ASP B 169 13.12 -16.05 11.00
N ILE B 170 13.59 -16.58 9.87
CA ILE B 170 14.79 -17.43 9.86
C ILE B 170 16.07 -16.66 10.11
N PHE B 171 16.00 -15.33 10.04
CA PHE B 171 17.17 -14.49 10.27
C PHE B 171 17.12 -13.85 11.65
N GLN B 172 16.29 -14.41 12.53
CA GLN B 172 16.14 -13.88 13.88
C GLN B 172 17.44 -13.81 14.67
N ASN B 173 18.37 -14.70 14.38
CA ASN B 173 19.63 -14.71 15.12
C ASN B 173 20.86 -14.13 14.42
N LEU B 174 20.67 -13.61 13.21
CA LEU B 174 21.79 -12.99 12.49
C LEU B 174 22.05 -11.67 13.21
N THR B 175 23.29 -11.19 13.16
CA THR B 175 23.60 -9.93 13.82
C THR B 175 22.95 -8.83 13.01
N LYS B 176 22.93 -7.62 13.56
CA LYS B 176 22.33 -6.49 12.86
C LYS B 176 23.03 -6.28 11.51
N LYS B 177 24.36 -6.24 11.54
CA LYS B 177 25.14 -6.05 10.32
C LYS B 177 24.97 -7.18 9.33
N GLN B 178 24.75 -8.39 9.82
CA GLN B 178 24.53 -9.54 8.94
C GLN B 178 23.21 -9.36 8.20
N ARG B 179 22.18 -8.94 8.94
CA ARG B 179 20.88 -8.73 8.34
C ARG B 179 20.94 -7.58 7.33
N GLN B 180 21.67 -6.53 7.67
CA GLN B 180 21.81 -5.39 6.77
C GLN B 180 22.46 -5.82 5.47
N SER B 181 23.61 -6.48 5.60
CA SER B 181 24.35 -6.95 4.45
C SER B 181 23.55 -7.96 3.63
N LEU B 182 23.00 -8.95 4.31
CA LEU B 182 22.19 -9.98 3.65
C LEU B 182 21.05 -9.34 2.86
N ARG B 183 20.37 -8.39 3.48
CA ARG B 183 19.26 -7.70 2.83
C ARG B 183 19.68 -6.97 1.55
N LYS B 184 20.80 -6.25 1.60
CA LYS B 184 21.25 -5.54 0.42
C LYS B 184 21.60 -6.49 -0.72
N MET B 185 22.28 -7.58 -0.40
CA MET B 185 22.65 -8.55 -1.42
C MET B 185 21.44 -9.20 -2.09
N VAL B 186 20.45 -9.57 -1.29
CA VAL B 186 19.24 -10.20 -1.82
C VAL B 186 18.51 -9.24 -2.77
N ILE B 187 18.45 -7.96 -2.39
CA ILE B 187 17.80 -6.96 -3.23
C ILE B 187 18.52 -6.89 -4.57
N ASP B 188 19.85 -6.79 -4.52
CA ASP B 188 20.64 -6.70 -5.74
C ASP B 188 20.51 -7.95 -6.62
N ILE B 189 20.50 -9.13 -6.01
CA ILE B 189 20.36 -10.36 -6.79
C ILE B 189 18.98 -10.49 -7.45
N VAL B 190 17.91 -10.41 -6.66
CA VAL B 190 16.55 -10.54 -7.23
C VAL B 190 16.29 -9.52 -8.36
N LEU B 191 16.64 -8.26 -8.13
CA LEU B 191 16.41 -7.25 -9.15
C LEU B 191 17.17 -7.55 -10.45
N ALA B 192 18.26 -8.30 -10.33
CA ALA B 192 19.06 -8.66 -11.49
C ALA B 192 18.41 -9.79 -12.29
N THR B 193 17.31 -10.35 -11.79
CA THR B 193 16.64 -11.42 -12.54
C THR B 193 15.68 -10.82 -13.56
N ASP B 194 15.61 -9.49 -13.60
CA ASP B 194 14.76 -8.77 -14.54
C ASP B 194 15.46 -8.84 -15.90
N MET B 195 14.86 -9.54 -16.86
CA MET B 195 15.46 -9.67 -18.18
C MET B 195 15.87 -8.34 -18.82
N SER B 196 15.18 -7.25 -18.49
CA SER B 196 15.53 -5.96 -19.07
C SER B 196 16.95 -5.55 -18.67
N LYS B 197 17.50 -6.21 -17.67
CA LYS B 197 18.85 -5.91 -17.21
C LYS B 197 19.89 -6.91 -17.74
N HIS B 198 19.43 -7.90 -18.50
CA HIS B 198 20.30 -8.93 -19.03
C HIS B 198 21.56 -8.45 -19.74
N MET B 199 21.40 -7.61 -20.75
CA MET B 199 22.53 -7.10 -21.51
C MET B 199 23.61 -6.41 -20.67
N ASN B 200 23.21 -5.49 -19.80
CA ASN B 200 24.18 -4.79 -18.96
C ASN B 200 24.85 -5.74 -17.99
N LEU B 201 24.10 -6.72 -17.53
CA LEU B 201 24.62 -7.71 -16.60
C LEU B 201 25.66 -8.55 -17.37
N LEU B 202 25.36 -8.86 -18.63
CA LEU B 202 26.26 -9.65 -19.45
C LEU B 202 27.51 -8.87 -19.83
N ALA B 203 27.33 -7.58 -20.14
CA ALA B 203 28.45 -6.73 -20.51
C ALA B 203 29.47 -6.70 -19.39
N ASP B 204 28.99 -6.49 -18.17
CA ASP B 204 29.87 -6.42 -17.00
C ASP B 204 30.54 -7.75 -16.73
N LEU B 205 29.81 -8.85 -16.91
CA LEU B 205 30.38 -10.16 -16.68
C LEU B 205 31.55 -10.36 -17.64
N LYS B 206 31.37 -9.93 -18.88
CA LYS B 206 32.41 -10.06 -19.90
C LYS B 206 33.64 -9.24 -19.54
N THR B 207 33.40 -8.01 -19.09
CA THR B 207 34.49 -7.14 -18.71
C THR B 207 35.29 -7.74 -17.56
N MET B 208 34.59 -8.34 -16.61
CA MET B 208 35.28 -8.94 -15.47
C MET B 208 36.09 -10.15 -15.89
N VAL B 209 35.58 -10.93 -16.83
CA VAL B 209 36.31 -12.10 -17.30
C VAL B 209 37.58 -11.66 -18.02
N GLU B 210 37.47 -10.55 -18.75
CA GLU B 210 38.61 -9.99 -19.49
C GLU B 210 39.67 -9.42 -18.57
N THR B 211 39.26 -8.94 -17.41
CA THR B 211 40.18 -8.36 -16.44
C THR B 211 40.24 -9.21 -15.17
N LYS B 212 39.94 -10.49 -15.35
CA LYS B 212 39.92 -11.46 -14.27
C LYS B 212 41.21 -11.49 -13.45
N LYS B 213 41.08 -11.65 -12.14
CA LYS B 213 42.22 -11.73 -11.24
C LYS B 213 42.07 -12.92 -10.31
N VAL B 214 43.18 -13.55 -9.95
CA VAL B 214 43.15 -14.72 -9.08
C VAL B 214 44.26 -14.69 -8.03
N THR B 215 44.10 -15.47 -6.98
CA THR B 215 45.13 -15.54 -5.94
C THR B 215 46.22 -16.45 -6.46
N SER B 216 47.25 -16.65 -5.64
CA SER B 216 48.36 -17.52 -6.01
C SER B 216 47.88 -18.97 -6.16
N SER B 217 46.78 -19.30 -5.48
CA SER B 217 46.23 -20.66 -5.54
C SER B 217 45.27 -20.82 -6.70
N GLY B 218 44.98 -19.71 -7.39
CA GLY B 218 44.08 -19.77 -8.52
C GLY B 218 42.66 -19.40 -8.15
N VAL B 219 42.45 -19.05 -6.88
CA VAL B 219 41.13 -18.68 -6.41
C VAL B 219 40.73 -17.33 -7.02
N LEU B 220 39.47 -17.23 -7.46
CA LEU B 220 38.98 -15.99 -8.06
C LEU B 220 39.09 -14.87 -7.04
N LEU B 221 39.60 -13.73 -7.48
CA LEU B 221 39.80 -12.58 -6.59
C LEU B 221 38.76 -11.48 -6.83
N LEU B 222 37.87 -11.31 -5.86
CA LEU B 222 36.81 -10.32 -5.93
C LEU B 222 37.02 -9.41 -4.71
N ASP B 223 37.79 -8.35 -4.92
CA ASP B 223 38.17 -7.40 -3.88
C ASP B 223 37.16 -6.33 -3.47
N ASN B 224 36.08 -6.16 -4.23
CA ASN B 224 35.10 -5.14 -3.87
C ASN B 224 33.67 -5.67 -3.97
N TYR B 225 32.74 -4.98 -3.30
CA TYR B 225 31.34 -5.39 -3.32
C TYR B 225 30.80 -5.46 -4.74
N SER B 226 31.00 -4.39 -5.49
CA SER B 226 30.53 -4.31 -6.86
C SER B 226 30.85 -5.59 -7.65
N ASP B 227 32.10 -6.05 -7.59
CA ASP B 227 32.48 -7.25 -8.32
C ASP B 227 31.91 -8.53 -7.72
N ARG B 228 31.88 -8.60 -6.40
CA ARG B 228 31.35 -9.77 -5.72
C ARG B 228 29.86 -9.95 -6.00
N ILE B 229 29.11 -8.85 -5.99
CA ILE B 229 27.67 -8.91 -6.21
C ILE B 229 27.33 -9.18 -7.67
N GLN B 230 28.11 -8.62 -8.60
CA GLN B 230 27.86 -8.87 -10.02
C GLN B 230 27.99 -10.37 -10.30
N VAL B 231 28.98 -11.01 -9.69
CA VAL B 231 29.16 -12.44 -9.91
C VAL B 231 27.98 -13.22 -9.32
N LEU B 232 27.50 -12.80 -8.15
CA LEU B 232 26.35 -13.49 -7.56
C LEU B 232 25.09 -13.23 -8.39
N GLN B 233 24.95 -12.01 -8.90
CA GLN B 233 23.81 -11.65 -9.73
C GLN B 233 23.80 -12.54 -10.98
N ASN B 234 24.91 -12.57 -11.70
CA ASN B 234 25.01 -13.38 -12.92
C ASN B 234 24.83 -14.86 -12.61
N MET B 235 25.27 -15.27 -11.42
CA MET B 235 25.14 -16.67 -11.03
C MET B 235 23.67 -17.04 -10.94
N VAL B 236 22.90 -16.30 -10.15
CA VAL B 236 21.48 -16.59 -10.00
C VAL B 236 20.74 -16.36 -11.32
N HIS B 237 21.21 -15.40 -12.11
CA HIS B 237 20.62 -15.11 -13.40
C HIS B 237 20.81 -16.32 -14.32
N CYS B 238 22.00 -16.92 -14.28
CA CYS B 238 22.30 -18.10 -15.07
C CYS B 238 21.41 -19.27 -14.68
N ALA B 239 21.20 -19.44 -13.38
CA ALA B 239 20.38 -20.52 -12.87
C ALA B 239 18.94 -20.29 -13.34
N ASP B 240 18.53 -19.03 -13.31
CA ASP B 240 17.21 -18.64 -13.74
C ASP B 240 17.04 -18.99 -15.22
N LEU B 241 18.14 -18.93 -15.96
CA LEU B 241 18.11 -19.26 -17.38
C LEU B 241 18.91 -20.53 -17.64
N SER B 242 18.75 -21.53 -16.77
CA SER B 242 19.48 -22.78 -16.91
C SER B 242 18.72 -23.94 -17.56
N ASN B 243 17.42 -23.75 -17.78
CA ASN B 243 16.59 -24.78 -18.38
C ASN B 243 17.22 -25.42 -19.64
N PRO B 244 17.62 -24.61 -20.62
CA PRO B 244 18.21 -25.14 -21.85
C PRO B 244 19.51 -25.92 -21.67
N THR B 245 20.14 -25.78 -20.50
CA THR B 245 21.41 -26.47 -20.23
C THR B 245 21.25 -27.76 -19.45
N LYS B 246 20.03 -28.12 -19.10
CA LYS B 246 19.78 -29.34 -18.36
C LYS B 246 19.54 -30.48 -19.33
N PRO B 247 19.61 -31.74 -18.85
CA PRO B 247 19.36 -32.85 -19.78
C PRO B 247 18.04 -32.63 -20.50
N LEU B 248 18.01 -32.97 -21.79
CA LEU B 248 16.84 -32.80 -22.65
C LEU B 248 15.49 -33.13 -22.03
N GLN B 249 15.41 -34.22 -21.28
CA GLN B 249 14.15 -34.62 -20.66
C GLN B 249 13.58 -33.49 -19.79
N LEU B 250 14.45 -32.87 -19.00
CA LEU B 250 14.03 -31.78 -18.13
C LEU B 250 13.73 -30.51 -18.93
N TYR B 251 14.65 -30.15 -19.81
CA TYR B 251 14.52 -28.97 -20.65
C TYR B 251 13.18 -28.96 -21.40
N ARG B 252 12.83 -30.07 -22.04
CA ARG B 252 11.58 -30.15 -22.79
C ARG B 252 10.33 -29.86 -21.94
N GLN B 253 10.31 -30.37 -20.72
CA GLN B 253 9.19 -30.12 -19.84
C GLN B 253 9.10 -28.64 -19.48
N TRP B 254 10.25 -28.03 -19.21
CA TRP B 254 10.29 -26.60 -18.86
C TRP B 254 9.74 -25.78 -20.04
N THR B 255 10.10 -26.19 -21.25
CA THR B 255 9.64 -25.51 -22.45
C THR B 255 8.13 -25.65 -22.55
N ASP B 256 7.62 -26.86 -22.32
CA ASP B 256 6.18 -27.10 -22.38
C ASP B 256 5.46 -26.18 -21.42
N ARG B 257 6.04 -25.99 -20.24
CA ARG B 257 5.47 -25.16 -19.20
C ARG B 257 5.51 -23.65 -19.50
N ILE B 258 6.64 -23.18 -20.00
CA ILE B 258 6.75 -21.75 -20.30
C ILE B 258 5.82 -21.40 -21.46
N MET B 259 5.69 -22.31 -22.43
CA MET B 259 4.82 -22.04 -23.56
C MET B 259 3.35 -22.03 -23.14
N GLU B 260 2.98 -22.89 -22.20
CA GLU B 260 1.62 -22.91 -21.73
C GLU B 260 1.34 -21.58 -21.03
N GLU B 261 2.27 -21.15 -20.19
CA GLU B 261 2.11 -19.90 -19.46
C GLU B 261 2.03 -18.72 -20.43
N PHE B 262 2.94 -18.67 -21.39
CA PHE B 262 2.95 -17.60 -22.38
C PHE B 262 1.70 -17.58 -23.25
N PHE B 263 1.24 -18.77 -23.64
CA PHE B 263 0.06 -18.86 -24.47
C PHE B 263 -1.15 -18.35 -23.68
N ARG B 264 -1.19 -18.64 -22.39
CA ARG B 264 -2.29 -18.19 -21.57
C ARG B 264 -2.32 -16.67 -21.50
N GLN B 265 -1.13 -16.05 -21.44
CA GLN B 265 -1.07 -14.60 -21.40
C GLN B 265 -1.60 -14.10 -22.73
N GLY B 266 -1.17 -14.77 -23.80
CA GLY B 266 -1.59 -14.41 -25.13
C GLY B 266 -3.11 -14.44 -25.21
N ASP B 267 -3.72 -15.48 -24.65
CA ASP B 267 -5.16 -15.59 -24.69
C ASP B 267 -5.82 -14.45 -23.90
N ARG B 268 -5.16 -14.01 -22.83
CA ARG B 268 -5.69 -12.94 -22.01
C ARG B 268 -5.63 -11.62 -22.76
N GLU B 269 -4.52 -11.40 -23.45
CA GLU B 269 -4.36 -10.17 -24.22
C GLU B 269 -5.41 -10.14 -25.34
N ARG B 270 -5.59 -11.26 -26.02
CA ARG B 270 -6.58 -11.32 -27.10
C ARG B 270 -8.00 -11.07 -26.60
N GLU B 271 -8.33 -11.57 -25.40
CA GLU B 271 -9.65 -11.35 -24.81
C GLU B 271 -9.84 -9.85 -24.62
N ARG B 272 -8.77 -9.21 -24.17
CA ARG B 272 -8.76 -7.78 -23.89
C ARG B 272 -8.54 -6.94 -25.12
N GLY B 273 -8.33 -7.61 -26.26
CA GLY B 273 -8.09 -6.87 -27.49
C GLY B 273 -6.69 -6.30 -27.53
N MET B 274 -5.85 -6.69 -26.57
CA MET B 274 -4.47 -6.21 -26.52
C MET B 274 -3.67 -6.79 -27.67
N GLU B 275 -2.51 -6.20 -27.92
CA GLU B 275 -1.63 -6.66 -28.98
C GLU B 275 -0.98 -7.94 -28.43
N ILE B 276 -0.79 -8.95 -29.28
CA ILE B 276 -0.19 -10.21 -28.84
C ILE B 276 1.17 -10.49 -29.47
N SER B 277 2.17 -10.73 -28.62
CA SER B 277 3.50 -11.06 -29.13
C SER B 277 3.40 -12.45 -29.77
N PRO B 278 4.01 -12.63 -30.95
CA PRO B 278 3.99 -13.92 -31.66
C PRO B 278 4.31 -15.14 -30.81
N MET B 279 5.24 -14.99 -29.85
CA MET B 279 5.62 -16.10 -28.98
C MET B 279 4.55 -16.44 -27.95
N CYS B 280 3.59 -15.54 -27.78
CA CYS B 280 2.50 -15.76 -26.83
C CYS B 280 1.22 -16.09 -27.59
N ASP B 281 1.33 -16.17 -28.91
CA ASP B 281 0.18 -16.49 -29.75
C ASP B 281 0.17 -17.96 -30.13
N LYS B 282 -0.66 -18.74 -29.45
CA LYS B 282 -0.76 -20.17 -29.71
C LYS B 282 -1.24 -20.47 -31.13
N HIS B 283 -1.57 -19.43 -31.88
CA HIS B 283 -2.05 -19.62 -33.26
C HIS B 283 -0.94 -19.35 -34.27
N ASN B 284 0.07 -18.60 -33.86
CA ASN B 284 1.19 -18.27 -34.73
C ASN B 284 2.50 -18.34 -33.96
N ALA B 285 2.80 -19.51 -33.39
CA ALA B 285 4.02 -19.66 -32.61
C ALA B 285 4.92 -20.77 -33.15
N SER B 286 6.22 -20.50 -33.15
CA SER B 286 7.21 -21.47 -33.60
C SER B 286 7.98 -21.88 -32.35
N VAL B 287 7.35 -22.71 -31.52
CA VAL B 287 7.97 -23.16 -30.28
C VAL B 287 9.43 -23.58 -30.46
N GLU B 288 9.69 -24.50 -31.38
CA GLU B 288 11.05 -24.97 -31.62
C GLU B 288 11.99 -23.87 -32.10
N LYS B 289 11.55 -23.10 -33.09
CA LYS B 289 12.38 -22.03 -33.62
C LYS B 289 12.69 -21.00 -32.54
N SER B 290 11.73 -20.75 -31.66
CA SER B 290 11.93 -19.78 -30.58
C SER B 290 12.95 -20.26 -29.55
N GLN B 291 12.97 -21.56 -29.28
CA GLN B 291 13.94 -22.07 -28.32
C GLN B 291 15.34 -21.88 -28.87
N VAL B 292 15.51 -22.17 -30.16
CA VAL B 292 16.81 -22.02 -30.80
C VAL B 292 17.23 -20.56 -30.77
N GLY B 293 16.27 -19.66 -30.98
CA GLY B 293 16.57 -18.24 -30.96
C GLY B 293 16.88 -17.79 -29.54
N PHE B 294 16.16 -18.38 -28.59
CA PHE B 294 16.35 -18.07 -27.18
C PHE B 294 17.80 -18.42 -26.81
N ILE B 295 18.22 -19.60 -27.24
CA ILE B 295 19.57 -20.09 -26.96
C ILE B 295 20.68 -19.26 -27.63
N ASP B 296 20.53 -19.01 -28.94
CA ASP B 296 21.54 -18.26 -29.69
C ASP B 296 21.77 -16.82 -29.27
N TYR B 297 20.71 -16.10 -28.91
CA TYR B 297 20.85 -14.69 -28.53
C TYR B 297 20.92 -14.39 -27.04
N ILE B 298 20.50 -15.33 -26.21
CA ILE B 298 20.50 -15.06 -24.77
C ILE B 298 21.22 -16.08 -23.90
N VAL B 299 20.76 -17.33 -23.93
CA VAL B 299 21.34 -18.37 -23.10
C VAL B 299 22.79 -18.74 -23.40
N HIS B 300 23.11 -19.00 -24.66
CA HIS B 300 24.48 -19.39 -25.00
C HIS B 300 25.48 -18.26 -24.73
N PRO B 301 25.17 -17.03 -25.14
CA PRO B 301 26.11 -15.93 -24.90
C PRO B 301 26.34 -15.73 -23.39
N LEU B 302 25.29 -15.94 -22.59
CA LEU B 302 25.41 -15.79 -21.15
C LEU B 302 26.23 -16.93 -20.55
N TRP B 303 25.81 -18.16 -20.84
CA TRP B 303 26.48 -19.34 -20.32
C TRP B 303 27.89 -19.55 -20.82
N GLU B 304 28.18 -19.06 -22.02
CA GLU B 304 29.53 -19.18 -22.57
C GLU B 304 30.45 -18.23 -21.82
N THR B 305 29.91 -17.11 -21.37
CA THR B 305 30.71 -16.13 -20.63
C THR B 305 30.91 -16.65 -19.20
N TRP B 306 29.87 -17.27 -18.65
CA TRP B 306 30.00 -17.81 -17.30
C TRP B 306 30.96 -19.00 -17.31
N ALA B 307 30.91 -19.79 -18.38
CA ALA B 307 31.79 -20.95 -18.50
C ALA B 307 33.23 -20.46 -18.55
N ASP B 308 33.40 -19.29 -19.16
CA ASP B 308 34.71 -18.67 -19.28
C ASP B 308 35.23 -18.32 -17.89
N LEU B 309 34.37 -17.73 -17.07
CA LEU B 309 34.72 -17.34 -15.71
C LEU B 309 35.13 -18.54 -14.85
N VAL B 310 34.35 -19.62 -14.90
CA VAL B 310 34.64 -20.79 -14.09
C VAL B 310 35.27 -21.94 -14.87
N HIS B 311 35.90 -21.61 -15.99
CA HIS B 311 36.55 -22.61 -16.84
C HIS B 311 37.46 -23.53 -16.01
N PRO B 312 37.40 -24.85 -16.27
CA PRO B 312 36.54 -25.49 -17.27
C PRO B 312 35.37 -26.22 -16.58
N ASP B 313 35.00 -25.76 -15.39
CA ASP B 313 33.93 -26.40 -14.62
C ASP B 313 32.56 -26.53 -15.28
N ALA B 314 32.23 -25.61 -16.18
CA ALA B 314 30.92 -25.62 -16.84
C ALA B 314 30.92 -26.25 -18.22
N GLN B 315 32.04 -26.89 -18.59
CA GLN B 315 32.16 -27.49 -19.91
C GLN B 315 31.01 -28.43 -20.27
N ASP B 316 30.64 -29.33 -19.37
CA ASP B 316 29.56 -30.27 -19.64
C ASP B 316 28.22 -29.56 -19.80
N ILE B 317 28.06 -28.48 -19.04
CA ILE B 317 26.84 -27.69 -19.10
C ILE B 317 26.74 -27.03 -20.47
N LEU B 318 27.87 -26.53 -20.98
CA LEU B 318 27.89 -25.90 -22.29
C LEU B 318 27.63 -26.92 -23.39
N ASP B 319 28.30 -28.07 -23.31
CA ASP B 319 28.11 -29.13 -24.29
C ASP B 319 26.64 -29.53 -24.36
N THR B 320 26.01 -29.70 -23.20
CA THR B 320 24.61 -30.09 -23.16
C THR B 320 23.73 -29.01 -23.79
N LEU B 321 24.02 -27.75 -23.48
CA LEU B 321 23.27 -26.63 -24.04
C LEU B 321 23.31 -26.71 -25.56
N GLU B 322 24.51 -26.88 -26.09
CA GLU B 322 24.71 -26.97 -27.53
C GLU B 322 24.04 -28.19 -28.13
N ASP B 323 24.06 -29.32 -27.42
CA ASP B 323 23.39 -30.52 -27.94
C ASP B 323 21.89 -30.28 -27.96
N ASN B 324 21.36 -29.66 -26.92
CA ASN B 324 19.92 -29.39 -26.87
C ASN B 324 19.54 -28.40 -27.96
N ARG B 325 20.43 -27.46 -28.22
CA ARG B 325 20.23 -26.45 -29.25
C ARG B 325 20.08 -27.17 -30.59
N GLU B 326 20.92 -28.18 -30.82
CA GLU B 326 20.88 -28.93 -32.07
C GLU B 326 19.64 -29.82 -32.10
N TRP B 327 19.24 -30.35 -30.95
CA TRP B 327 18.05 -31.19 -30.92
C TRP B 327 16.82 -30.40 -31.34
N TYR B 328 16.62 -29.24 -30.73
CA TYR B 328 15.48 -28.40 -31.06
C TYR B 328 15.55 -27.94 -32.52
N GLN B 329 16.77 -27.67 -32.99
CA GLN B 329 16.98 -27.24 -34.37
C GLN B 329 16.45 -28.29 -35.35
N SER B 330 16.69 -29.57 -35.04
CA SER B 330 16.25 -30.65 -35.91
C SER B 330 14.73 -30.84 -35.94
N THR B 331 14.03 -30.24 -34.98
CA THR B 331 12.57 -30.37 -34.93
C THR B 331 11.85 -29.17 -35.56
N ILE B 332 12.61 -28.21 -36.09
CA ILE B 332 12.02 -27.03 -36.72
C ILE B 332 11.55 -27.37 -38.14
N PRO B 333 10.22 -27.29 -38.38
CA PRO B 333 9.64 -27.60 -39.68
C PRO B 333 10.21 -26.80 -40.85
N GLN B 334 9.82 -27.18 -42.06
CA GLN B 334 10.27 -26.55 -43.29
C GLN B 334 11.75 -26.83 -43.57
N GLN C 10 16.04 28.15 30.41
CA GLN C 10 14.88 27.38 29.87
C GLN C 10 14.76 26.02 30.53
N GLU C 11 15.89 25.37 30.75
CA GLU C 11 15.92 24.06 31.38
C GLU C 11 15.18 24.05 32.71
N ASP C 12 15.51 24.99 33.59
CA ASP C 12 14.87 25.06 34.89
C ASP C 12 13.39 25.36 34.76
N VAL C 13 13.05 26.24 33.81
CA VAL C 13 11.66 26.62 33.60
C VAL C 13 10.85 25.44 33.05
N LEU C 14 11.42 24.75 32.06
CA LEU C 14 10.76 23.60 31.46
C LEU C 14 10.57 22.55 32.55
N ALA C 15 11.66 22.22 33.23
CA ALA C 15 11.64 21.24 34.29
C ALA C 15 10.60 21.63 35.33
N LYS C 16 10.54 22.92 35.62
CA LYS C 16 9.59 23.47 36.58
C LYS C 16 8.16 23.19 36.14
N GLU C 17 7.87 23.47 34.88
CA GLU C 17 6.54 23.25 34.31
C GLU C 17 6.17 21.76 34.33
N LEU C 18 7.15 20.91 33.99
CA LEU C 18 6.92 19.47 33.96
C LEU C 18 6.58 18.91 35.33
N GLU C 19 6.80 19.71 36.36
CA GLU C 19 6.49 19.31 37.72
C GLU C 19 4.97 19.18 37.91
N ASP C 20 4.19 19.82 37.05
CA ASP C 20 2.73 19.76 37.13
C ASP C 20 2.15 18.61 36.31
N VAL C 21 3.03 17.71 35.88
CA VAL C 21 2.63 16.56 35.07
C VAL C 21 1.43 15.77 35.61
N ASN C 22 1.24 15.75 36.93
CA ASN C 22 0.12 15.01 37.51
C ASN C 22 -1.08 15.92 37.77
N LYS C 23 -0.99 17.14 37.30
CA LYS C 23 -2.07 18.10 37.52
C LYS C 23 -2.93 18.40 36.31
N TRP C 24 -4.24 18.43 36.52
CA TRP C 24 -5.18 18.76 35.47
C TRP C 24 -4.98 20.26 35.28
N GLY C 25 -4.63 20.66 34.07
CA GLY C 25 -4.41 22.08 33.85
C GLY C 25 -2.95 22.41 33.58
N LEU C 26 -2.18 21.37 33.28
CA LEU C 26 -0.76 21.51 32.96
C LEU C 26 -0.66 22.56 31.87
N HIS C 27 0.39 23.37 31.92
CA HIS C 27 0.61 24.41 30.92
C HIS C 27 1.30 23.82 29.70
N VAL C 28 0.59 22.94 29.01
CA VAL C 28 1.13 22.25 27.85
C VAL C 28 1.63 23.16 26.72
N PHE C 29 1.00 24.30 26.52
CA PHE C 29 1.44 25.22 25.46
C PHE C 29 2.78 25.84 25.84
N ARG C 30 2.93 26.20 27.11
CA ARG C 30 4.16 26.78 27.62
C ARG C 30 5.28 25.76 27.45
N ILE C 31 4.99 24.51 27.82
CA ILE C 31 5.98 23.45 27.70
C ILE C 31 6.35 23.29 26.23
N ALA C 32 5.37 23.44 25.34
CA ALA C 32 5.63 23.32 23.92
C ALA C 32 6.67 24.36 23.51
N GLU C 33 6.47 25.60 23.94
CA GLU C 33 7.38 26.69 23.63
C GLU C 33 8.77 26.38 24.20
N LEU C 34 8.81 26.10 25.50
CA LEU C 34 10.05 25.82 26.19
C LEU C 34 10.89 24.65 25.65
N SER C 35 10.23 23.64 25.09
CA SER C 35 10.94 22.46 24.58
C SER C 35 11.28 22.48 23.09
N GLY C 36 11.18 23.64 22.45
CA GLY C 36 11.48 23.72 21.04
C GLY C 36 10.42 22.96 20.24
N ASN C 37 9.20 23.00 20.76
CA ASN C 37 8.07 22.31 20.15
C ASN C 37 8.26 20.79 20.17
N ARG C 38 8.59 20.26 21.34
CA ARG C 38 8.77 18.82 21.53
C ARG C 38 7.99 18.44 22.78
N PRO C 39 6.76 18.95 22.92
CA PRO C 39 5.97 18.61 24.12
C PRO C 39 5.63 17.13 24.25
N LEU C 40 5.32 16.48 23.14
CA LEU C 40 4.97 15.06 23.19
C LEU C 40 6.13 14.25 23.75
N THR C 41 7.33 14.56 23.28
CA THR C 41 8.52 13.86 23.74
C THR C 41 8.79 14.08 25.23
N VAL C 42 8.91 15.34 25.66
CA VAL C 42 9.21 15.60 27.07
C VAL C 42 8.12 15.16 28.03
N ILE C 43 6.86 15.34 27.64
CA ILE C 43 5.76 14.94 28.50
C ILE C 43 5.64 13.40 28.57
N MET C 44 5.75 12.74 27.42
CA MET C 44 5.69 11.28 27.39
C MET C 44 6.83 10.69 28.22
N HIS C 45 8.02 11.25 28.05
CA HIS C 45 9.19 10.78 28.78
C HIS C 45 9.01 11.00 30.29
N THR C 46 8.56 12.19 30.68
CA THR C 46 8.36 12.50 32.10
C THR C 46 7.36 11.54 32.72
N ILE C 47 6.27 11.27 32.00
CA ILE C 47 5.23 10.36 32.48
C ILE C 47 5.75 8.92 32.57
N PHE C 48 6.58 8.51 31.61
CA PHE C 48 7.13 7.16 31.65
C PHE C 48 8.00 6.99 32.90
N GLN C 49 8.73 8.05 33.27
CA GLN C 49 9.55 8.00 34.47
C GLN C 49 8.61 7.99 35.68
N GLU C 50 7.63 8.88 35.63
CA GLU C 50 6.65 9.02 36.70
C GLU C 50 5.97 7.69 37.05
N ARG C 51 5.60 6.93 36.03
CA ARG C 51 4.94 5.65 36.26
C ARG C 51 5.94 4.51 36.23
N ASP C 52 7.22 4.85 36.24
CA ASP C 52 8.31 3.87 36.24
C ASP C 52 8.14 2.81 35.14
N LEU C 53 7.65 3.24 33.98
CA LEU C 53 7.43 2.31 32.87
C LEU C 53 8.72 1.83 32.19
N LEU C 54 9.76 2.66 32.19
CA LEU C 54 11.02 2.25 31.57
C LEU C 54 11.56 1.02 32.31
N LYS C 55 11.54 1.07 33.64
CA LYS C 55 12.02 -0.04 34.45
C LYS C 55 11.13 -1.27 34.30
N THR C 56 9.84 -1.07 34.53
CA THR C 56 8.87 -2.16 34.43
C THR C 56 8.91 -2.95 33.13
N PHE C 57 8.98 -2.25 32.00
CA PHE C 57 8.98 -2.92 30.72
C PHE C 57 10.37 -2.94 30.09
N LYS C 58 11.38 -2.61 30.88
CA LYS C 58 12.76 -2.59 30.42
C LYS C 58 12.93 -1.87 29.10
N ILE C 59 12.42 -0.64 29.02
CA ILE C 59 12.54 0.16 27.81
C ILE C 59 13.84 0.95 27.88
N PRO C 60 14.82 0.65 27.01
CA PRO C 60 16.05 1.43 27.09
C PRO C 60 15.72 2.89 26.80
N VAL C 61 16.37 3.81 27.52
CA VAL C 61 16.10 5.24 27.36
C VAL C 61 16.31 5.79 25.96
N ASP C 62 17.44 5.46 25.34
CA ASP C 62 17.73 5.94 24.00
C ASP C 62 16.65 5.51 23.01
N THR C 63 16.17 4.27 23.18
CA THR C 63 15.13 3.74 22.30
C THR C 63 13.84 4.54 22.49
N LEU C 64 13.47 4.78 23.74
CA LEU C 64 12.26 5.55 24.04
C LEU C 64 12.34 6.94 23.42
N ILE C 65 13.49 7.61 23.57
CA ILE C 65 13.66 8.95 23.03
C ILE C 65 13.68 8.97 21.51
N THR C 66 14.31 7.98 20.90
CA THR C 66 14.35 7.93 19.45
C THR C 66 12.92 7.72 18.92
N TYR C 67 12.19 6.78 19.51
CA TYR C 67 10.83 6.54 19.06
C TYR C 67 9.96 7.78 19.27
N LEU C 68 10.02 8.37 20.46
CA LEU C 68 9.22 9.56 20.76
C LEU C 68 9.53 10.70 19.78
N MET C 69 10.81 10.89 19.51
CA MET C 69 11.24 11.93 18.58
C MET C 69 10.64 11.67 17.19
N THR C 70 10.72 10.41 16.75
CA THR C 70 10.20 10.06 15.44
C THR C 70 8.68 10.20 15.40
N LEU C 71 8.01 9.75 16.45
CA LEU C 71 6.56 9.85 16.52
C LEU C 71 6.11 11.32 16.43
N GLU C 72 6.76 12.18 17.21
CA GLU C 72 6.43 13.60 17.22
C GLU C 72 6.66 14.22 15.84
N ASP C 73 7.73 13.79 15.18
CA ASP C 73 8.04 14.27 13.83
C ASP C 73 6.95 13.92 12.84
N HIS C 74 6.12 12.93 13.18
CA HIS C 74 5.06 12.54 12.28
C HIS C 74 3.71 13.18 12.61
N TYR C 75 3.74 14.18 13.48
CA TYR C 75 2.55 14.98 13.80
C TYR C 75 2.86 16.27 13.04
N HIS C 76 1.89 16.85 12.35
CA HIS C 76 2.15 18.05 11.55
C HIS C 76 2.09 19.37 12.31
N ALA C 77 3.19 20.10 12.32
CA ALA C 77 3.27 21.39 12.98
C ALA C 77 2.41 22.42 12.26
N ASP C 78 2.08 22.16 11.00
CA ASP C 78 1.27 23.10 10.23
C ASP C 78 -0.23 22.93 10.50
N VAL C 79 -0.62 21.80 11.08
CA VAL C 79 -2.03 21.55 11.40
C VAL C 79 -2.28 22.22 12.75
N ALA C 80 -3.25 23.14 12.76
CA ALA C 80 -3.58 23.94 13.95
C ALA C 80 -4.00 23.21 15.22
N TYR C 81 -4.84 22.20 15.07
CA TYR C 81 -5.32 21.45 16.23
C TYR C 81 -4.73 20.06 16.39
N HIS C 82 -4.98 19.19 15.41
CA HIS C 82 -4.49 17.81 15.49
C HIS C 82 -2.99 17.69 15.24
N ASN C 83 -2.22 18.20 16.20
CA ASN C 83 -0.77 18.18 16.12
C ASN C 83 -0.16 17.54 17.35
N ASN C 84 1.15 17.68 17.49
CA ASN C 84 1.87 17.10 18.62
C ASN C 84 1.48 17.66 19.99
N ILE C 85 1.02 18.91 20.03
CA ILE C 85 0.63 19.52 21.28
C ILE C 85 -0.63 18.82 21.77
N HIS C 86 -1.59 18.63 20.87
CA HIS C 86 -2.84 17.95 21.20
C HIS C 86 -2.52 16.52 21.66
N ALA C 87 -1.57 15.87 20.98
CA ALA C 87 -1.20 14.50 21.33
C ALA C 87 -0.67 14.50 22.77
N ALA C 88 0.26 15.40 23.06
CA ALA C 88 0.85 15.51 24.39
C ALA C 88 -0.24 15.72 25.43
N ASP C 89 -1.18 16.62 25.13
CA ASP C 89 -2.29 16.93 26.02
C ASP C 89 -3.13 15.69 26.35
N VAL C 90 -3.48 14.92 25.32
CA VAL C 90 -4.28 13.72 25.55
C VAL C 90 -3.50 12.70 26.38
N VAL C 91 -2.20 12.61 26.14
CA VAL C 91 -1.36 11.69 26.90
C VAL C 91 -1.37 12.08 28.38
N GLN C 92 -1.14 13.36 28.64
CA GLN C 92 -1.12 13.87 30.00
C GLN C 92 -2.49 13.83 30.68
N SER C 93 -3.56 14.04 29.91
CA SER C 93 -4.91 13.99 30.49
C SER C 93 -5.24 12.55 30.84
N THR C 94 -4.87 11.61 29.96
CA THR C 94 -5.12 10.20 30.21
C THR C 94 -4.34 9.78 31.47
N HIS C 95 -3.13 10.29 31.59
CA HIS C 95 -2.27 10.00 32.73
C HIS C 95 -2.92 10.44 34.04
N VAL C 96 -3.51 11.63 34.05
CA VAL C 96 -4.16 12.11 35.26
C VAL C 96 -5.41 11.27 35.55
N LEU C 97 -6.15 10.95 34.50
CA LEU C 97 -7.36 10.15 34.65
C LEU C 97 -7.06 8.76 35.20
N LEU C 98 -5.93 8.19 34.79
CA LEU C 98 -5.53 6.87 35.26
C LEU C 98 -5.30 6.86 36.77
N SER C 99 -5.01 8.02 37.33
CA SER C 99 -4.75 8.13 38.77
C SER C 99 -5.97 8.42 39.61
N THR C 100 -7.14 8.48 39.00
CA THR C 100 -8.36 8.76 39.76
C THR C 100 -8.48 7.77 40.93
N PRO C 101 -8.76 8.29 42.15
CA PRO C 101 -8.90 7.44 43.34
C PRO C 101 -9.77 6.21 43.12
N ALA C 102 -10.90 6.40 42.46
CA ALA C 102 -11.82 5.31 42.21
C ALA C 102 -11.24 4.17 41.36
N LEU C 103 -10.12 4.42 40.69
CA LEU C 103 -9.50 3.39 39.86
C LEU C 103 -8.19 2.83 40.39
N GLU C 104 -7.81 3.23 41.60
CA GLU C 104 -6.57 2.74 42.18
C GLU C 104 -6.48 1.22 42.18
N ALA C 105 -5.35 0.70 41.71
CA ALA C 105 -5.08 -0.73 41.66
C ALA C 105 -5.98 -1.51 40.70
N VAL C 106 -6.83 -0.81 39.96
CA VAL C 106 -7.73 -1.48 39.01
C VAL C 106 -7.07 -1.99 37.74
N PHE C 107 -6.15 -1.22 37.17
CA PHE C 107 -5.50 -1.63 35.93
C PHE C 107 -4.08 -2.18 36.10
N THR C 108 -3.71 -3.10 35.21
CA THR C 108 -2.38 -3.69 35.22
C THR C 108 -1.42 -2.70 34.55
N ASP C 109 -0.12 -2.94 34.71
CA ASP C 109 0.88 -2.08 34.10
C ASP C 109 0.76 -2.09 32.58
N LEU C 110 0.44 -3.26 32.01
CA LEU C 110 0.30 -3.40 30.56
C LEU C 110 -0.89 -2.56 30.07
N GLU C 111 -1.98 -2.56 30.83
CA GLU C 111 -3.14 -1.78 30.45
C GLU C 111 -2.81 -0.29 30.57
N ILE C 112 -2.05 0.07 31.60
CA ILE C 112 -1.66 1.46 31.79
C ILE C 112 -0.79 1.88 30.60
N LEU C 113 0.19 1.04 30.26
CA LEU C 113 1.09 1.30 29.15
C LEU C 113 0.31 1.47 27.83
N ALA C 114 -0.68 0.61 27.63
CA ALA C 114 -1.50 0.65 26.43
C ALA C 114 -2.28 1.95 26.32
N ALA C 115 -2.93 2.34 27.41
CA ALA C 115 -3.71 3.57 27.43
C ALA C 115 -2.84 4.77 27.09
N ILE C 116 -1.66 4.85 27.70
CA ILE C 116 -0.75 5.97 27.46
C ILE C 116 -0.19 5.94 26.03
N PHE C 117 0.24 4.77 25.57
CA PHE C 117 0.78 4.65 24.21
C PHE C 117 -0.30 5.00 23.20
N ALA C 118 -1.51 4.49 23.40
CA ALA C 118 -2.63 4.78 22.50
C ALA C 118 -2.87 6.28 22.42
N SER C 119 -2.89 6.93 23.58
CA SER C 119 -3.10 8.36 23.66
C SER C 119 -2.06 9.10 22.81
N ALA C 120 -0.81 8.67 22.91
CA ALA C 120 0.30 9.28 22.19
C ALA C 120 0.22 9.18 20.67
N ILE C 121 -0.23 8.04 20.16
CA ILE C 121 -0.31 7.84 18.71
C ILE C 121 -1.70 8.02 18.10
N HIS C 122 -2.72 8.23 18.94
CA HIS C 122 -4.07 8.32 18.41
C HIS C 122 -4.36 9.28 17.27
N ASP C 123 -3.50 10.27 17.03
CA ASP C 123 -3.72 11.21 15.93
C ASP C 123 -2.48 11.43 15.07
N VAL C 124 -1.50 10.54 15.17
CA VAL C 124 -0.27 10.70 14.40
C VAL C 124 -0.56 10.79 12.90
N ASP C 125 0.15 11.72 12.25
CA ASP C 125 0.03 11.97 10.82
C ASP C 125 -1.37 12.44 10.40
N HIS C 126 -2.06 13.15 11.31
CA HIS C 126 -3.38 13.68 11.01
C HIS C 126 -3.18 14.76 9.94
N PRO C 127 -3.98 14.72 8.86
CA PRO C 127 -3.87 15.70 7.77
C PRO C 127 -4.57 17.05 7.97
N GLY C 128 -5.35 17.17 9.02
CA GLY C 128 -6.04 18.42 9.26
C GLY C 128 -7.44 18.43 8.68
N VAL C 129 -7.89 17.29 8.16
CA VAL C 129 -9.24 17.17 7.61
C VAL C 129 -9.90 15.92 8.16
N SER C 130 -11.22 15.95 8.26
CA SER C 130 -12.02 14.86 8.79
C SER C 130 -12.09 13.63 7.91
N ASN C 131 -12.63 12.56 8.49
CA ASN C 131 -12.81 11.31 7.79
C ASN C 131 -13.69 11.52 6.55
N GLN C 132 -14.79 12.23 6.70
CA GLN C 132 -15.71 12.44 5.58
C GLN C 132 -15.02 13.13 4.40
N PHE C 133 -14.07 14.02 4.69
CA PHE C 133 -13.35 14.73 3.64
C PHE C 133 -12.52 13.72 2.86
N LEU C 134 -11.87 12.82 3.58
CA LEU C 134 -11.04 11.80 2.94
C LEU C 134 -11.91 10.83 2.15
N ILE C 135 -13.13 10.60 2.66
CA ILE C 135 -14.08 9.71 2.01
C ILE C 135 -14.58 10.38 0.72
N ASN C 136 -14.99 11.64 0.84
CA ASN C 136 -15.50 12.38 -0.30
C ASN C 136 -14.52 12.54 -1.46
N THR C 137 -13.22 12.64 -1.15
CA THR C 137 -12.18 12.81 -2.17
C THR C 137 -11.70 11.49 -2.76
N ASN C 138 -12.25 10.37 -2.28
CA ASN C 138 -11.86 9.06 -2.74
C ASN C 138 -10.36 8.87 -2.50
N SER C 139 -9.90 9.29 -1.33
CA SER C 139 -8.48 9.18 -1.01
C SER C 139 -8.09 7.72 -0.88
N GLU C 140 -6.80 7.46 -1.03
CA GLU C 140 -6.24 6.13 -0.93
C GLU C 140 -6.53 5.49 0.42
N LEU C 141 -6.44 6.28 1.49
CA LEU C 141 -6.73 5.78 2.84
C LEU C 141 -8.18 5.30 2.96
N ALA C 142 -9.11 6.09 2.43
CA ALA C 142 -10.52 5.73 2.49
C ALA C 142 -10.81 4.47 1.69
N LEU C 143 -10.03 4.25 0.61
CA LEU C 143 -10.23 3.06 -0.19
C LEU C 143 -9.73 1.81 0.52
N MET C 144 -8.55 1.88 1.14
CA MET C 144 -8.02 0.71 1.83
C MET C 144 -8.75 0.33 3.11
N TYR C 145 -9.39 1.29 3.77
CA TYR C 145 -10.12 1.00 5.01
C TYR C 145 -11.64 1.04 4.84
N ASN C 146 -12.09 0.99 3.58
CA ASN C 146 -13.51 0.99 3.26
C ASN C 146 -14.35 2.05 4.00
N ASP C 147 -13.86 3.29 3.99
CA ASP C 147 -14.53 4.43 4.61
C ASP C 147 -14.88 4.31 6.08
N SER C 148 -14.33 3.31 6.77
CA SER C 148 -14.63 3.12 8.19
C SER C 148 -13.45 3.53 9.07
N SER C 149 -13.69 4.46 9.98
CA SER C 149 -12.65 4.96 10.89
C SER C 149 -11.35 5.13 10.12
N VAL C 150 -11.45 5.75 8.95
CA VAL C 150 -10.28 5.95 8.09
C VAL C 150 -9.04 6.53 8.76
N LEU C 151 -9.19 7.67 9.44
CA LEU C 151 -8.05 8.28 10.09
C LEU C 151 -7.53 7.41 11.24
N GLU C 152 -8.46 6.96 12.07
CA GLU C 152 -8.14 6.13 13.23
C GLU C 152 -7.28 4.92 12.85
N ASN C 153 -7.67 4.22 11.79
CA ASN C 153 -6.87 3.07 11.34
C ASN C 153 -5.50 3.54 10.88
N HIS C 154 -5.44 4.70 10.24
CA HIS C 154 -4.18 5.25 9.77
C HIS C 154 -3.28 5.60 10.96
N HIS C 155 -3.84 6.27 11.96
CA HIS C 155 -3.06 6.64 13.13
C HIS C 155 -2.45 5.37 13.76
N LEU C 156 -3.23 4.29 13.82
CA LEU C 156 -2.75 3.03 14.36
C LEU C 156 -1.64 2.46 13.50
N ALA C 157 -1.85 2.46 12.19
CA ALA C 157 -0.85 1.93 11.26
C ALA C 157 0.48 2.66 11.38
N VAL C 158 0.43 3.99 11.40
CA VAL C 158 1.65 4.77 11.52
C VAL C 158 2.27 4.59 12.90
N GLY C 159 1.45 4.72 13.94
CA GLY C 159 1.95 4.56 15.30
C GLY C 159 2.79 3.31 15.51
N PHE C 160 2.27 2.17 15.04
CA PHE C 160 2.96 0.89 15.18
C PHE C 160 4.15 0.75 14.21
N LYS C 161 3.97 1.20 12.98
CA LYS C 161 5.03 1.09 11.98
C LYS C 161 6.31 1.80 12.41
N LEU C 162 6.17 2.94 13.08
CA LEU C 162 7.33 3.69 13.52
C LEU C 162 8.21 2.89 14.50
N LEU C 163 7.61 1.94 15.20
CA LEU C 163 8.37 1.10 16.14
C LEU C 163 9.47 0.31 15.42
N GLN C 164 9.27 0.10 14.12
CA GLN C 164 10.21 -0.67 13.30
C GLN C 164 11.41 0.10 12.75
N GLU C 165 11.49 1.40 12.99
CA GLU C 165 12.63 2.16 12.50
C GLU C 165 13.82 1.92 13.44
N GLU C 166 15.02 2.17 12.95
CA GLU C 166 16.24 1.99 13.73
C GLU C 166 16.16 2.47 15.18
N ASN C 167 16.37 1.54 16.11
CA ASN C 167 16.35 1.80 17.55
C ASN C 167 15.07 2.48 18.00
N CYS C 168 13.92 2.03 17.46
CA CYS C 168 12.63 2.61 17.83
C CYS C 168 11.66 1.64 18.49
N ASP C 169 12.00 0.36 18.59
CA ASP C 169 11.07 -0.60 19.20
C ASP C 169 11.12 -0.54 20.72
N ILE C 170 10.29 0.34 21.29
CA ILE C 170 10.25 0.51 22.74
C ILE C 170 9.68 -0.72 23.46
N PHE C 171 9.11 -1.65 22.69
CA PHE C 171 8.54 -2.88 23.24
C PHE C 171 9.43 -4.08 22.95
N GLN C 172 10.67 -3.83 22.58
CA GLN C 172 11.58 -4.92 22.25
C GLN C 172 11.75 -5.93 23.39
N ASN C 173 11.58 -5.49 24.63
CA ASN C 173 11.73 -6.42 25.75
C ASN C 173 10.44 -6.97 26.34
N LEU C 174 9.31 -6.75 25.68
CA LEU C 174 8.07 -7.32 26.16
C LEU C 174 7.98 -8.70 25.48
N THR C 175 7.29 -9.65 26.11
CA THR C 175 7.14 -10.98 25.54
C THR C 175 6.11 -10.90 24.43
N LYS C 176 6.00 -11.97 23.64
CA LYS C 176 5.02 -12.01 22.56
C LYS C 176 3.61 -11.89 23.12
N LYS C 177 3.36 -12.52 24.25
CA LYS C 177 2.03 -12.45 24.85
C LYS C 177 1.70 -11.01 25.25
N GLN C 178 2.67 -10.33 25.85
CA GLN C 178 2.46 -8.93 26.27
C GLN C 178 2.23 -8.07 25.02
N ARG C 179 3.10 -8.26 24.02
CA ARG C 179 3.02 -7.49 22.78
C ARG C 179 1.67 -7.64 22.11
N GLN C 180 1.21 -8.88 21.97
CA GLN C 180 -0.08 -9.17 21.35
C GLN C 180 -1.23 -8.56 22.15
N SER C 181 -1.16 -8.66 23.48
CA SER C 181 -2.20 -8.11 24.34
C SER C 181 -2.24 -6.58 24.27
N LEU C 182 -1.06 -5.97 24.28
CA LEU C 182 -0.95 -4.53 24.21
C LEU C 182 -1.48 -4.04 22.87
N ARG C 183 -1.16 -4.79 21.81
CA ARG C 183 -1.59 -4.44 20.45
C ARG C 183 -3.12 -4.34 20.34
N LYS C 184 -3.82 -5.36 20.86
CA LYS C 184 -5.27 -5.36 20.79
C LYS C 184 -5.89 -4.23 21.60
N MET C 185 -5.36 -4.00 22.79
CA MET C 185 -5.89 -2.93 23.63
C MET C 185 -5.71 -1.57 22.96
N VAL C 186 -4.53 -1.33 22.41
CA VAL C 186 -4.26 -0.05 21.75
C VAL C 186 -5.20 0.14 20.55
N ILE C 187 -5.41 -0.92 19.78
CA ILE C 187 -6.32 -0.85 18.64
C ILE C 187 -7.74 -0.49 19.12
N ASP C 188 -8.19 -1.18 20.15
CA ASP C 188 -9.53 -0.93 20.67
C ASP C 188 -9.65 0.50 21.21
N ILE C 189 -8.59 1.01 21.83
CA ILE C 189 -8.63 2.36 22.38
C ILE C 189 -8.62 3.43 21.29
N VAL C 190 -7.66 3.36 20.37
CA VAL C 190 -7.59 4.34 19.29
C VAL C 190 -8.86 4.36 18.44
N LEU C 191 -9.40 3.19 18.10
CA LEU C 191 -10.61 3.14 17.29
C LEU C 191 -11.77 3.80 18.01
N ALA C 192 -11.74 3.74 19.34
CA ALA C 192 -12.79 4.33 20.16
C ALA C 192 -12.76 5.86 20.13
N THR C 193 -11.71 6.46 19.59
CA THR C 193 -11.63 7.93 19.53
C THR C 193 -12.38 8.49 18.32
N ASP C 194 -12.88 7.58 17.49
CA ASP C 194 -13.64 7.97 16.30
C ASP C 194 -14.98 8.51 16.81
N MET C 195 -15.25 9.79 16.56
CA MET C 195 -16.48 10.43 17.02
C MET C 195 -17.77 9.76 16.58
N SER C 196 -17.74 9.06 15.45
CA SER C 196 -18.94 8.38 14.97
C SER C 196 -19.34 7.28 15.94
N LYS C 197 -18.45 6.97 16.89
CA LYS C 197 -18.73 5.92 17.87
C LYS C 197 -19.11 6.49 19.24
N HIS C 198 -19.12 7.81 19.34
CA HIS C 198 -19.44 8.48 20.60
C HIS C 198 -20.72 8.00 21.29
N MET C 199 -21.85 8.12 20.60
CA MET C 199 -23.12 7.72 21.19
C MET C 199 -23.12 6.28 21.69
N ASN C 200 -22.44 5.38 20.98
CA ASN C 200 -22.38 3.98 21.41
C ASN C 200 -21.53 3.85 22.67
N LEU C 201 -20.40 4.55 22.70
CA LEU C 201 -19.51 4.51 23.85
C LEU C 201 -20.23 5.03 25.09
N LEU C 202 -20.82 6.22 24.96
CA LEU C 202 -21.54 6.83 26.06
C LEU C 202 -22.65 5.91 26.56
N ALA C 203 -23.34 5.24 25.63
CA ALA C 203 -24.42 4.34 26.02
C ALA C 203 -23.86 3.21 26.88
N ASP C 204 -22.78 2.58 26.41
CA ASP C 204 -22.17 1.49 27.18
C ASP C 204 -21.69 2.01 28.53
N LEU C 205 -21.12 3.22 28.53
CA LEU C 205 -20.62 3.83 29.75
C LEU C 205 -21.74 4.05 30.76
N LYS C 206 -22.89 4.53 30.28
CA LYS C 206 -24.04 4.77 31.14
C LYS C 206 -24.51 3.46 31.75
N THR C 207 -24.63 2.45 30.90
CA THR C 207 -25.06 1.13 31.34
C THR C 207 -24.10 0.63 32.41
N MET C 208 -22.81 0.87 32.20
CA MET C 208 -21.80 0.43 33.15
C MET C 208 -21.92 1.19 34.47
N VAL C 209 -22.41 2.42 34.40
CA VAL C 209 -22.59 3.21 35.61
C VAL C 209 -23.74 2.65 36.42
N GLU C 210 -24.80 2.25 35.71
CA GLU C 210 -25.98 1.69 36.36
C GLU C 210 -25.70 0.33 37.00
N THR C 211 -24.75 -0.41 36.44
CA THR C 211 -24.39 -1.72 36.95
C THR C 211 -23.17 -1.60 37.87
N LYS C 212 -22.70 -0.38 38.05
CA LYS C 212 -21.54 -0.08 38.88
C LYS C 212 -21.45 -0.95 40.13
N LYS C 213 -20.23 -1.34 40.48
CA LYS C 213 -19.97 -2.18 41.64
C LYS C 213 -18.58 -1.87 42.20
N VAL C 214 -18.54 -1.35 43.43
CA VAL C 214 -17.28 -1.00 44.08
C VAL C 214 -16.88 -1.94 45.22
N THR C 215 -15.60 -1.87 45.59
CA THR C 215 -15.06 -2.72 46.65
C THR C 215 -15.35 -2.13 48.03
N SER C 216 -14.76 -2.74 49.05
CA SER C 216 -14.94 -2.30 50.43
C SER C 216 -14.35 -0.90 50.63
N SER C 217 -13.28 -0.61 49.89
CA SER C 217 -12.60 0.68 49.98
C SER C 217 -13.34 1.72 49.15
N GLY C 218 -13.93 1.29 48.04
CA GLY C 218 -14.65 2.20 47.17
C GLY C 218 -14.06 2.30 45.79
N VAL C 219 -13.43 1.22 45.33
CA VAL C 219 -12.81 1.19 44.02
C VAL C 219 -13.63 0.31 43.06
N LEU C 220 -13.72 0.73 41.80
CA LEU C 220 -14.47 -0.02 40.80
C LEU C 220 -13.92 -1.41 40.54
N LEU C 221 -14.82 -2.38 40.38
CA LEU C 221 -14.43 -3.76 40.10
C LEU C 221 -14.71 -4.03 38.64
N LEU C 222 -13.66 -4.30 37.86
CA LEU C 222 -13.82 -4.58 36.45
C LEU C 222 -13.45 -6.03 36.17
N ASP C 223 -14.47 -6.90 36.26
CA ASP C 223 -14.31 -8.33 36.06
C ASP C 223 -13.59 -8.69 34.76
N ASN C 224 -14.36 -8.82 33.70
CA ASN C 224 -13.85 -9.19 32.38
C ASN C 224 -13.12 -8.10 31.62
N TYR C 225 -12.50 -8.50 30.51
CA TYR C 225 -11.76 -7.59 29.64
C TYR C 225 -12.73 -6.58 29.02
N SER C 226 -13.96 -7.02 28.80
CA SER C 226 -15.00 -6.19 28.21
C SER C 226 -15.22 -4.89 28.97
N ASP C 227 -15.31 -4.98 30.30
CA ASP C 227 -15.52 -3.79 31.13
C ASP C 227 -14.24 -2.97 31.22
N ARG C 228 -13.11 -3.67 31.36
CA ARG C 228 -11.82 -3.01 31.47
C ARG C 228 -11.50 -2.16 30.24
N ILE C 229 -11.53 -2.78 29.07
CA ILE C 229 -11.21 -2.04 27.85
C ILE C 229 -12.21 -0.92 27.63
N GLN C 230 -13.46 -1.17 28.00
CA GLN C 230 -14.53 -0.19 27.86
C GLN C 230 -14.23 1.07 28.68
N VAL C 231 -13.77 0.89 29.91
CA VAL C 231 -13.45 2.02 30.76
C VAL C 231 -12.26 2.79 30.16
N LEU C 232 -11.29 2.06 29.64
CA LEU C 232 -10.11 2.67 29.03
C LEU C 232 -10.50 3.42 27.75
N GLN C 233 -11.35 2.83 26.93
CA GLN C 233 -11.79 3.48 25.69
C GLN C 233 -12.50 4.79 26.03
N ASN C 234 -13.38 4.75 27.03
CA ASN C 234 -14.09 5.95 27.45
C ASN C 234 -13.14 6.93 28.13
N MET C 235 -12.13 6.42 28.82
CA MET C 235 -11.16 7.29 29.49
C MET C 235 -10.36 8.11 28.49
N VAL C 236 -9.86 7.45 27.45
CA VAL C 236 -9.08 8.15 26.42
C VAL C 236 -9.98 9.04 25.58
N HIS C 237 -11.23 8.62 25.40
CA HIS C 237 -12.20 9.42 24.63
C HIS C 237 -12.45 10.69 25.43
N CYS C 238 -12.50 10.57 26.76
CA CYS C 238 -12.70 11.72 27.64
C CYS C 238 -11.49 12.65 27.52
N ALA C 239 -10.29 12.08 27.57
CA ALA C 239 -9.09 12.87 27.45
C ALA C 239 -9.09 13.61 26.12
N ASP C 240 -9.56 12.93 25.08
CA ASP C 240 -9.64 13.49 23.73
C ASP C 240 -10.62 14.67 23.69
N LEU C 241 -11.67 14.61 24.50
CA LEU C 241 -12.68 15.67 24.55
C LEU C 241 -12.59 16.42 25.89
N SER C 242 -11.37 16.63 26.38
CA SER C 242 -11.17 17.28 27.68
C SER C 242 -10.89 18.78 27.65
N ASN C 243 -10.74 19.35 26.45
CA ASN C 243 -10.45 20.78 26.31
C ASN C 243 -11.39 21.70 27.09
N PRO C 244 -12.71 21.50 26.99
CA PRO C 244 -13.66 22.36 27.72
C PRO C 244 -13.61 22.26 29.24
N THR C 245 -13.03 21.16 29.75
CA THR C 245 -12.93 20.94 31.19
C THR C 245 -11.63 21.49 31.77
N LYS C 246 -10.84 22.16 30.93
CA LYS C 246 -9.56 22.70 31.38
C LYS C 246 -9.61 24.19 31.74
N PRO C 247 -8.65 24.65 32.56
CA PRO C 247 -8.63 26.07 32.93
C PRO C 247 -8.84 26.86 31.64
N LEU C 248 -9.63 27.94 31.73
CA LEU C 248 -9.98 28.75 30.56
C LEU C 248 -8.85 29.21 29.61
N GLN C 249 -7.67 29.55 30.12
CA GLN C 249 -6.62 30.00 29.20
C GLN C 249 -6.21 28.86 28.25
N LEU C 250 -6.31 27.63 28.74
CA LEU C 250 -5.96 26.48 27.91
C LEU C 250 -7.10 26.19 26.92
N TYR C 251 -8.32 26.17 27.45
CA TYR C 251 -9.50 25.90 26.63
C TYR C 251 -9.58 26.87 25.45
N ARG C 252 -9.38 28.16 25.72
CA ARG C 252 -9.42 29.20 24.69
C ARG C 252 -8.52 28.91 23.49
N GLN C 253 -7.28 28.52 23.77
CA GLN C 253 -6.34 28.23 22.69
C GLN C 253 -6.79 27.00 21.90
N TRP C 254 -7.35 26.01 22.60
CA TRP C 254 -7.82 24.80 21.93
C TRP C 254 -8.96 25.18 20.99
N THR C 255 -9.85 26.07 21.46
CA THR C 255 -10.97 26.48 20.64
C THR C 255 -10.51 27.25 19.41
N ASP C 256 -9.57 28.17 19.60
CA ASP C 256 -9.06 28.95 18.47
C ASP C 256 -8.41 28.03 17.44
N ARG C 257 -7.68 27.03 17.93
CA ARG C 257 -6.99 26.09 17.06
C ARG C 257 -7.94 25.18 16.29
N ILE C 258 -8.88 24.54 16.98
CA ILE C 258 -9.83 23.67 16.30
C ILE C 258 -10.64 24.46 15.26
N MET C 259 -10.99 25.69 15.60
CA MET C 259 -11.76 26.52 14.66
C MET C 259 -10.92 26.86 13.44
N GLU C 260 -9.64 27.13 13.66
CA GLU C 260 -8.76 27.44 12.54
C GLU C 260 -8.64 26.23 11.62
N GLU C 261 -8.51 25.05 12.22
CA GLU C 261 -8.40 23.82 11.44
C GLU C 261 -9.71 23.58 10.66
N PHE C 262 -10.84 23.73 11.32
CA PHE C 262 -12.13 23.55 10.66
C PHE C 262 -12.32 24.56 9.51
N PHE C 263 -11.96 25.81 9.77
CA PHE C 263 -12.11 26.84 8.74
C PHE C 263 -11.26 26.55 7.51
N ARG C 264 -10.07 25.98 7.74
CA ARG C 264 -9.17 25.65 6.64
C ARG C 264 -9.78 24.54 5.80
N GLN C 265 -10.47 23.62 6.45
CA GLN C 265 -11.12 22.54 5.72
C GLN C 265 -12.25 23.14 4.91
N GLY C 266 -12.93 24.13 5.50
CA GLY C 266 -14.02 24.79 4.81
C GLY C 266 -13.51 25.43 3.53
N ASP C 267 -12.35 26.08 3.59
CA ASP C 267 -11.76 26.70 2.42
C ASP C 267 -11.38 25.64 1.38
N ARG C 268 -10.86 24.52 1.85
CA ARG C 268 -10.47 23.42 0.97
C ARG C 268 -11.70 22.95 0.19
N GLU C 269 -12.82 22.85 0.89
CA GLU C 269 -14.05 22.41 0.26
C GLU C 269 -14.61 23.49 -0.66
N ARG C 270 -14.44 24.75 -0.26
CA ARG C 270 -14.93 25.86 -1.08
C ARG C 270 -14.13 25.90 -2.37
N GLU C 271 -12.81 25.69 -2.26
CA GLU C 271 -11.93 25.69 -3.42
C GLU C 271 -12.39 24.64 -4.41
N ARG C 272 -12.79 23.49 -3.89
CA ARG C 272 -13.25 22.37 -4.71
C ARG C 272 -14.73 22.48 -5.06
N GLY C 273 -15.33 23.61 -4.70
CA GLY C 273 -16.73 23.81 -4.99
C GLY C 273 -17.65 22.95 -4.15
N MET C 274 -17.06 22.16 -3.24
CA MET C 274 -17.84 21.28 -2.37
C MET C 274 -18.74 22.11 -1.45
N GLU C 275 -19.55 21.42 -0.65
CA GLU C 275 -20.44 22.09 0.29
C GLU C 275 -19.66 22.40 1.56
N ILE C 276 -20.14 23.35 2.35
CA ILE C 276 -19.46 23.72 3.58
C ILE C 276 -20.43 23.76 4.77
N SER C 277 -19.92 23.37 5.94
CA SER C 277 -20.72 23.38 7.15
C SER C 277 -20.50 24.71 7.85
N PRO C 278 -21.43 25.11 8.74
CA PRO C 278 -21.29 26.38 9.45
C PRO C 278 -20.02 26.48 10.28
N MET C 279 -19.70 25.41 11.00
CA MET C 279 -18.51 25.38 11.85
C MET C 279 -17.23 25.42 11.02
N CYS C 280 -17.33 24.99 9.75
CA CYS C 280 -16.16 25.00 8.86
C CYS C 280 -16.21 26.23 7.96
N ASP C 281 -17.33 26.95 8.00
CA ASP C 281 -17.49 28.14 7.19
C ASP C 281 -17.12 29.40 7.96
N LYS C 282 -15.94 29.95 7.68
CA LYS C 282 -15.48 31.15 8.36
C LYS C 282 -16.35 32.38 8.10
N HIS C 283 -17.33 32.24 7.21
CA HIS C 283 -18.22 33.36 6.88
C HIS C 283 -19.63 33.18 7.45
N ASN C 284 -19.82 32.08 8.18
CA ASN C 284 -21.12 31.78 8.78
C ASN C 284 -20.89 30.89 9.98
N ALA C 285 -19.97 31.30 10.84
CA ALA C 285 -19.65 30.53 12.04
C ALA C 285 -20.01 31.31 13.29
N SER C 286 -20.30 30.57 14.36
CA SER C 286 -20.64 31.16 15.65
C SER C 286 -19.80 30.43 16.68
N VAL C 287 -18.53 30.80 16.75
CA VAL C 287 -17.58 30.17 17.67
C VAL C 287 -18.14 29.95 19.07
N GLU C 288 -18.53 31.02 19.75
CA GLU C 288 -19.05 30.91 21.11
C GLU C 288 -20.29 30.02 21.23
N LYS C 289 -21.25 30.20 20.33
CA LYS C 289 -22.47 29.39 20.36
C LYS C 289 -22.15 27.92 20.17
N SER C 290 -21.27 27.63 19.21
CA SER C 290 -20.90 26.26 18.92
C SER C 290 -20.25 25.58 20.11
N GLN C 291 -19.37 26.28 20.81
CA GLN C 291 -18.73 25.71 21.98
C GLN C 291 -19.77 25.35 23.02
N VAL C 292 -20.76 26.21 23.17
CA VAL C 292 -21.83 25.97 24.13
C VAL C 292 -22.59 24.72 23.71
N GLY C 293 -22.95 24.67 22.42
CA GLY C 293 -23.67 23.51 21.92
C GLY C 293 -22.84 22.24 22.07
N PHE C 294 -21.54 22.35 21.80
CA PHE C 294 -20.61 21.24 21.90
C PHE C 294 -20.61 20.70 23.33
N ILE C 295 -20.57 21.60 24.30
CA ILE C 295 -20.58 21.20 25.71
C ILE C 295 -21.94 20.60 26.10
N ASP C 296 -23.03 21.28 25.72
CA ASP C 296 -24.36 20.81 26.06
C ASP C 296 -24.76 19.44 25.51
N TYR C 297 -24.42 19.15 24.27
CA TYR C 297 -24.81 17.86 23.68
C TYR C 297 -23.75 16.75 23.63
N ILE C 298 -22.50 17.10 23.87
CA ILE C 298 -21.44 16.09 23.80
C ILE C 298 -20.54 15.97 25.03
N VAL C 299 -19.81 17.03 25.33
CA VAL C 299 -18.88 17.03 26.46
C VAL C 299 -19.49 16.86 27.85
N HIS C 300 -20.50 17.66 28.18
CA HIS C 300 -21.09 17.56 29.50
C HIS C 300 -21.74 16.20 29.77
N PRO C 301 -22.48 15.64 28.79
CA PRO C 301 -23.11 14.34 29.00
C PRO C 301 -22.06 13.25 29.25
N LEU C 302 -20.98 13.31 28.47
CA LEU C 302 -19.91 12.33 28.59
C LEU C 302 -19.22 12.41 29.94
N TRP C 303 -18.75 13.60 30.29
CA TRP C 303 -18.06 13.80 31.56
C TRP C 303 -18.94 13.62 32.77
N GLU C 304 -20.22 13.95 32.62
CA GLU C 304 -21.17 13.80 33.71
C GLU C 304 -21.30 12.31 34.02
N THR C 305 -21.34 11.50 32.97
CA THR C 305 -21.46 10.06 33.12
C THR C 305 -20.14 9.53 33.69
N TRP C 306 -19.03 10.09 33.23
CA TRP C 306 -17.74 9.65 33.75
C TRP C 306 -17.65 10.05 35.23
N ALA C 307 -18.08 11.27 35.54
CA ALA C 307 -18.07 11.75 36.92
C ALA C 307 -18.84 10.78 37.80
N ASP C 308 -20.00 10.33 37.30
CA ASP C 308 -20.84 9.39 38.03
C ASP C 308 -20.10 8.08 38.27
N LEU C 309 -19.33 7.65 37.28
CA LEU C 309 -18.57 6.42 37.37
C LEU C 309 -17.52 6.43 38.47
N VAL C 310 -16.80 7.54 38.60
CA VAL C 310 -15.75 7.64 39.60
C VAL C 310 -16.10 8.67 40.66
N HIS C 311 -17.40 8.82 40.92
CA HIS C 311 -17.87 9.77 41.92
C HIS C 311 -17.11 9.59 43.23
N PRO C 312 -16.64 10.71 43.82
CA PRO C 312 -16.78 12.08 43.32
C PRO C 312 -15.46 12.65 42.81
N ASP C 313 -14.52 11.79 42.48
CA ASP C 313 -13.19 12.21 42.01
C ASP C 313 -13.14 13.28 40.91
N ALA C 314 -14.14 13.29 40.03
CA ALA C 314 -14.13 14.26 38.93
C ALA C 314 -15.02 15.48 39.16
N GLN C 315 -15.49 15.66 40.39
CA GLN C 315 -16.35 16.79 40.70
C GLN C 315 -15.77 18.14 40.25
N ASP C 316 -14.48 18.35 40.50
CA ASP C 316 -13.85 19.60 40.11
C ASP C 316 -13.75 19.75 38.59
N ILE C 317 -13.54 18.64 37.88
CA ILE C 317 -13.45 18.69 36.43
C ILE C 317 -14.80 19.16 35.90
N LEU C 318 -15.88 18.62 36.44
CA LEU C 318 -17.22 19.02 36.03
C LEU C 318 -17.46 20.50 36.35
N ASP C 319 -17.03 20.94 37.53
CA ASP C 319 -17.21 22.34 37.91
C ASP C 319 -16.53 23.26 36.92
N THR C 320 -15.32 22.91 36.52
CA THR C 320 -14.57 23.73 35.57
C THR C 320 -15.32 23.77 34.24
N LEU C 321 -15.85 22.62 33.84
CA LEU C 321 -16.60 22.53 32.58
C LEU C 321 -17.81 23.48 32.61
N GLU C 322 -18.64 23.31 33.64
CA GLU C 322 -19.83 24.14 33.78
C GLU C 322 -19.48 25.62 33.86
N ASP C 323 -18.33 25.94 34.46
CA ASP C 323 -17.90 27.33 34.57
C ASP C 323 -17.52 27.87 33.19
N ASN C 324 -16.77 27.06 32.44
CA ASN C 324 -16.36 27.47 31.10
C ASN C 324 -17.59 27.60 30.20
N ARG C 325 -18.55 26.72 30.43
CA ARG C 325 -19.79 26.73 29.66
C ARG C 325 -20.45 28.11 29.81
N GLU C 326 -20.57 28.59 31.04
CA GLU C 326 -21.18 29.89 31.29
C GLU C 326 -20.32 31.03 30.73
N TRP C 327 -19.01 30.90 30.85
CA TRP C 327 -18.11 31.92 30.33
C TRP C 327 -18.37 32.13 28.84
N TYR C 328 -18.31 31.04 28.07
CA TYR C 328 -18.53 31.13 26.63
C TYR C 328 -19.93 31.63 26.31
N GLN C 329 -20.90 31.21 27.12
CA GLN C 329 -22.28 31.62 26.92
C GLN C 329 -22.41 33.15 27.03
N SER C 330 -21.77 33.73 28.03
CA SER C 330 -21.84 35.17 28.23
C SER C 330 -21.03 35.94 27.19
N THR C 331 -20.43 35.22 26.25
CA THR C 331 -19.62 35.85 25.21
C THR C 331 -20.38 35.96 23.89
N ILE C 332 -21.51 35.27 23.81
CA ILE C 332 -22.32 35.30 22.60
C ILE C 332 -22.84 36.71 22.31
N PRO C 333 -22.59 37.23 21.10
CA PRO C 333 -23.01 38.56 20.67
C PRO C 333 -24.51 38.79 20.55
N GLN C 334 -24.87 39.99 20.11
CA GLN C 334 -26.27 40.39 19.92
C GLN C 334 -27.11 40.04 21.15
N GLU D 9 -15.89 -21.90 -29.26
CA GLU D 9 -16.42 -22.53 -30.51
C GLU D 9 -17.81 -23.12 -30.28
N GLN D 10 -18.07 -23.56 -29.05
CA GLN D 10 -19.38 -24.12 -28.71
C GLN D 10 -20.28 -23.01 -28.19
N GLU D 11 -20.22 -21.87 -28.87
CA GLU D 11 -21.01 -20.70 -28.51
C GLU D 11 -22.51 -21.01 -28.45
N ASP D 12 -22.96 -21.95 -29.29
CA ASP D 12 -24.35 -22.34 -29.33
C ASP D 12 -24.78 -22.85 -27.96
N VAL D 13 -24.06 -23.85 -27.49
CA VAL D 13 -24.34 -24.47 -26.21
C VAL D 13 -24.26 -23.46 -25.06
N LEU D 14 -23.26 -22.59 -25.11
CA LEU D 14 -23.07 -21.58 -24.06
C LEU D 14 -24.25 -20.63 -24.00
N ALA D 15 -24.65 -20.12 -25.16
CA ALA D 15 -25.77 -19.20 -25.26
C ALA D 15 -27.05 -19.84 -24.77
N LYS D 16 -27.23 -21.12 -25.08
CA LYS D 16 -28.43 -21.83 -24.66
C LYS D 16 -28.43 -22.05 -23.14
N GLU D 17 -27.30 -22.45 -22.59
CA GLU D 17 -27.20 -22.67 -21.14
C GLU D 17 -27.51 -21.37 -20.40
N LEU D 18 -27.00 -20.25 -20.93
CA LEU D 18 -27.20 -18.95 -20.31
C LEU D 18 -28.66 -18.48 -20.29
N GLU D 19 -29.51 -19.21 -21.01
CA GLU D 19 -30.92 -18.88 -21.04
C GLU D 19 -31.57 -19.25 -19.70
N ASP D 20 -30.85 -20.01 -18.89
CA ASP D 20 -31.34 -20.42 -17.57
C ASP D 20 -30.84 -19.48 -16.48
N VAL D 21 -30.32 -18.33 -16.89
CA VAL D 21 -29.77 -17.35 -15.96
C VAL D 21 -30.78 -16.92 -14.90
N ASN D 22 -32.07 -17.00 -15.20
CA ASN D 22 -33.09 -16.58 -14.24
C ASN D 22 -33.59 -17.77 -13.41
N LYS D 23 -32.95 -18.92 -13.58
CA LYS D 23 -33.38 -20.10 -12.86
C LYS D 23 -32.44 -20.58 -11.77
N TRP D 24 -33.03 -21.11 -10.70
CA TRP D 24 -32.28 -21.63 -9.58
C TRP D 24 -31.76 -23.00 -10.04
N GLY D 25 -30.47 -23.25 -9.90
CA GLY D 25 -29.95 -24.54 -10.33
C GLY D 25 -29.28 -24.47 -11.68
N LEU D 26 -28.95 -23.27 -12.11
CA LEU D 26 -28.25 -23.05 -13.38
C LEU D 26 -27.04 -23.99 -13.41
N HIS D 27 -26.70 -24.49 -14.59
CA HIS D 27 -25.55 -25.39 -14.72
C HIS D 27 -24.29 -24.53 -14.81
N VAL D 28 -23.93 -23.93 -13.68
CA VAL D 28 -22.77 -23.02 -13.60
C VAL D 28 -21.42 -23.67 -13.91
N PHE D 29 -21.23 -24.92 -13.53
CA PHE D 29 -19.96 -25.59 -13.81
C PHE D 29 -19.84 -25.83 -15.32
N ARG D 30 -20.96 -26.19 -15.94
CA ARG D 30 -21.00 -26.43 -17.38
C ARG D 30 -20.70 -25.12 -18.11
N ILE D 31 -21.20 -24.02 -17.56
CA ILE D 31 -20.97 -22.71 -18.17
C ILE D 31 -19.50 -22.32 -18.01
N ALA D 32 -18.90 -22.71 -16.89
CA ALA D 32 -17.48 -22.41 -16.64
C ALA D 32 -16.65 -23.13 -17.71
N GLU D 33 -17.07 -24.36 -18.05
CA GLU D 33 -16.37 -25.15 -19.06
C GLU D 33 -16.54 -24.55 -20.46
N LEU D 34 -17.79 -24.28 -20.82
CA LEU D 34 -18.12 -23.73 -22.13
C LEU D 34 -17.52 -22.36 -22.41
N SER D 35 -17.42 -21.53 -21.37
CA SER D 35 -16.88 -20.18 -21.51
C SER D 35 -15.36 -20.11 -21.35
N GLY D 36 -14.71 -21.27 -21.26
CA GLY D 36 -13.26 -21.27 -21.09
C GLY D 36 -12.88 -20.67 -19.76
N ASN D 37 -13.58 -21.09 -18.72
CA ASN D 37 -13.35 -20.61 -17.36
C ASN D 37 -13.61 -19.12 -17.20
N ARG D 38 -14.67 -18.65 -17.85
CA ARG D 38 -15.07 -17.24 -17.77
C ARG D 38 -16.52 -17.16 -17.30
N PRO D 39 -16.91 -18.02 -16.34
CA PRO D 39 -18.28 -18.01 -15.84
C PRO D 39 -18.73 -16.69 -15.22
N LEU D 40 -17.84 -16.05 -14.46
CA LEU D 40 -18.22 -14.79 -13.83
C LEU D 40 -18.45 -13.71 -14.89
N THR D 41 -17.54 -13.65 -15.86
CA THR D 41 -17.67 -12.67 -16.92
C THR D 41 -18.92 -12.85 -17.78
N VAL D 42 -19.15 -14.04 -18.31
CA VAL D 42 -20.33 -14.26 -19.16
C VAL D 42 -21.65 -14.15 -18.38
N ILE D 43 -21.67 -14.64 -17.15
CA ILE D 43 -22.90 -14.56 -16.36
C ILE D 43 -23.21 -13.12 -15.95
N MET D 44 -22.19 -12.37 -15.54
CA MET D 44 -22.42 -10.96 -15.18
C MET D 44 -22.87 -10.18 -16.41
N HIS D 45 -22.25 -10.45 -17.56
CA HIS D 45 -22.62 -9.74 -18.77
C HIS D 45 -24.09 -9.99 -19.12
N THR D 46 -24.49 -11.27 -19.06
CA THR D 46 -25.86 -11.67 -19.37
C THR D 46 -26.83 -10.95 -18.44
N ILE D 47 -26.51 -10.94 -17.14
CA ILE D 47 -27.36 -10.30 -16.16
C ILE D 47 -27.46 -8.78 -16.37
N PHE D 48 -26.34 -8.13 -16.68
CA PHE D 48 -26.38 -6.68 -16.91
C PHE D 48 -27.21 -6.34 -18.15
N GLN D 49 -27.08 -7.15 -19.20
CA GLN D 49 -27.84 -6.93 -20.43
C GLN D 49 -29.32 -7.18 -20.11
N GLU D 50 -29.58 -8.28 -19.42
CA GLU D 50 -30.94 -8.66 -19.05
C GLU D 50 -31.67 -7.62 -18.20
N ARG D 51 -30.94 -6.95 -17.30
CA ARG D 51 -31.56 -5.93 -16.47
C ARG D 51 -31.40 -4.55 -17.10
N ASP D 52 -30.85 -4.51 -18.31
CA ASP D 52 -30.66 -3.25 -19.03
C ASP D 52 -29.83 -2.25 -18.22
N LEU D 53 -28.93 -2.79 -17.40
CA LEU D 53 -28.07 -1.97 -16.55
C LEU D 53 -27.05 -1.13 -17.31
N LEU D 54 -26.60 -1.62 -18.46
CA LEU D 54 -25.61 -0.87 -19.23
C LEU D 54 -26.18 0.45 -19.73
N LYS D 55 -27.44 0.40 -20.15
CA LYS D 55 -28.11 1.61 -20.65
C LYS D 55 -28.51 2.52 -19.50
N THR D 56 -29.00 1.92 -18.42
CA THR D 56 -29.43 2.69 -17.27
C THR D 56 -28.29 3.46 -16.62
N PHE D 57 -27.10 2.86 -16.55
CA PHE D 57 -25.97 3.52 -15.92
C PHE D 57 -24.86 3.98 -16.86
N LYS D 58 -25.19 4.03 -18.15
CA LYS D 58 -24.25 4.46 -19.18
C LYS D 58 -22.90 3.78 -19.06
N ILE D 59 -22.94 2.46 -18.97
CA ILE D 59 -21.72 1.68 -18.86
C ILE D 59 -21.25 1.20 -20.23
N PRO D 60 -20.10 1.68 -20.72
CA PRO D 60 -19.66 1.22 -22.03
C PRO D 60 -19.42 -0.29 -21.95
N VAL D 61 -19.93 -1.03 -22.94
CA VAL D 61 -19.81 -2.47 -22.97
C VAL D 61 -18.37 -2.97 -22.84
N ASP D 62 -17.44 -2.34 -23.54
CA ASP D 62 -16.03 -2.75 -23.48
C ASP D 62 -15.46 -2.55 -22.08
N THR D 63 -15.88 -1.48 -21.41
CA THR D 63 -15.43 -1.20 -20.06
C THR D 63 -15.94 -2.27 -19.10
N LEU D 64 -17.21 -2.66 -19.26
CA LEU D 64 -17.81 -3.68 -18.41
C LEU D 64 -17.11 -5.01 -18.57
N ILE D 65 -16.86 -5.39 -19.82
CA ILE D 65 -16.19 -6.65 -20.11
C ILE D 65 -14.76 -6.65 -19.61
N THR D 66 -14.07 -5.53 -19.76
CA THR D 66 -12.68 -5.45 -19.29
C THR D 66 -12.62 -5.57 -17.78
N TYR D 67 -13.53 -4.91 -17.08
CA TYR D 67 -13.54 -4.98 -15.63
C TYR D 67 -13.91 -6.38 -15.16
N LEU D 68 -14.89 -7.00 -15.84
CA LEU D 68 -15.31 -8.34 -15.45
C LEU D 68 -14.19 -9.36 -15.57
N MET D 69 -13.47 -9.32 -16.69
CA MET D 69 -12.37 -10.26 -16.88
C MET D 69 -11.29 -10.00 -15.84
N THR D 70 -11.06 -8.71 -15.56
CA THR D 70 -10.07 -8.31 -14.57
C THR D 70 -10.47 -8.84 -13.19
N LEU D 71 -11.74 -8.64 -12.83
CA LEU D 71 -12.24 -9.11 -11.55
C LEU D 71 -12.08 -10.64 -11.49
N GLU D 72 -12.52 -11.30 -12.55
CA GLU D 72 -12.45 -12.76 -12.61
C GLU D 72 -11.01 -13.24 -12.49
N ASP D 73 -10.08 -12.49 -13.09
CA ASP D 73 -8.66 -12.82 -13.05
C ASP D 73 -8.07 -12.73 -11.64
N HIS D 74 -8.74 -12.01 -10.75
CA HIS D 74 -8.22 -11.88 -9.40
C HIS D 74 -8.79 -12.87 -8.39
N TYR D 75 -9.56 -13.82 -8.91
CA TYR D 75 -10.07 -14.91 -8.09
C TYR D 75 -8.99 -15.95 -8.39
N HIS D 76 -8.61 -16.74 -7.41
CA HIS D 76 -7.53 -17.71 -7.62
C HIS D 76 -8.01 -19.03 -8.21
N ALA D 77 -7.52 -19.34 -9.41
CA ALA D 77 -7.90 -20.58 -10.08
C ALA D 77 -7.38 -21.81 -9.34
N ASP D 78 -6.45 -21.61 -8.41
CA ASP D 78 -5.89 -22.72 -7.64
C ASP D 78 -6.58 -22.95 -6.29
N VAL D 79 -7.66 -22.21 -6.02
CA VAL D 79 -8.42 -22.36 -4.78
C VAL D 79 -9.63 -23.19 -5.20
N ALA D 80 -9.87 -24.30 -4.50
CA ALA D 80 -10.96 -25.22 -4.85
C ALA D 80 -12.40 -24.71 -4.76
N TYR D 81 -12.73 -23.94 -3.74
CA TYR D 81 -14.09 -23.43 -3.59
C TYR D 81 -14.21 -21.94 -3.85
N HIS D 82 -13.45 -21.13 -3.11
CA HIS D 82 -13.51 -19.68 -3.25
C HIS D 82 -12.82 -19.13 -4.48
N ASN D 83 -13.32 -19.51 -5.64
CA ASN D 83 -12.78 -19.06 -6.91
C ASN D 83 -13.84 -18.33 -7.72
N ASN D 84 -13.54 -18.07 -8.99
CA ASN D 84 -14.46 -17.37 -9.88
C ASN D 84 -15.80 -18.09 -10.10
N ILE D 85 -15.79 -19.43 -10.02
CA ILE D 85 -17.04 -20.15 -10.21
C ILE D 85 -18.00 -19.85 -9.06
N HIS D 86 -17.48 -19.84 -7.84
CA HIS D 86 -18.29 -19.54 -6.67
C HIS D 86 -18.83 -18.12 -6.79
N ALA D 87 -17.96 -17.18 -7.19
CA ALA D 87 -18.37 -15.78 -7.36
C ALA D 87 -19.52 -15.72 -8.37
N ALA D 88 -19.36 -16.44 -9.49
CA ALA D 88 -20.37 -16.47 -10.53
C ALA D 88 -21.70 -17.06 -10.02
N ASP D 89 -21.60 -18.06 -9.15
CA ASP D 89 -22.77 -18.71 -8.58
C ASP D 89 -23.52 -17.75 -7.63
N VAL D 90 -22.77 -17.05 -6.78
CA VAL D 90 -23.40 -16.10 -5.85
C VAL D 90 -24.08 -14.96 -6.61
N VAL D 91 -23.43 -14.45 -7.65
CA VAL D 91 -23.99 -13.39 -8.47
C VAL D 91 -25.35 -13.85 -9.03
N GLN D 92 -25.34 -14.98 -9.71
CA GLN D 92 -26.53 -15.54 -10.34
C GLN D 92 -27.64 -15.86 -9.34
N SER D 93 -27.28 -16.40 -8.18
CA SER D 93 -28.25 -16.72 -7.14
C SER D 93 -28.86 -15.42 -6.62
N THR D 94 -28.02 -14.41 -6.40
CA THR D 94 -28.51 -13.12 -5.95
C THR D 94 -29.46 -12.59 -7.00
N HIS D 95 -29.10 -12.79 -8.27
CA HIS D 95 -29.92 -12.33 -9.38
C HIS D 95 -31.32 -12.94 -9.31
N VAL D 96 -31.39 -14.24 -9.05
CA VAL D 96 -32.68 -14.91 -8.95
C VAL D 96 -33.46 -14.43 -7.73
N LEU D 97 -32.78 -14.25 -6.59
CA LEU D 97 -33.47 -13.79 -5.39
C LEU D 97 -34.02 -12.39 -5.60
N LEU D 98 -33.27 -11.54 -6.28
CA LEU D 98 -33.72 -10.18 -6.56
C LEU D 98 -34.99 -10.19 -7.41
N SER D 99 -35.18 -11.27 -8.17
CA SER D 99 -36.33 -11.40 -9.08
C SER D 99 -37.59 -11.97 -8.44
N THR D 100 -37.49 -12.41 -7.20
CA THR D 100 -38.64 -13.00 -6.53
C THR D 100 -39.88 -12.08 -6.59
N PRO D 101 -41.07 -12.67 -6.86
CA PRO D 101 -42.29 -11.88 -6.94
C PRO D 101 -42.49 -10.93 -5.76
N ALA D 102 -42.32 -11.45 -4.55
CA ALA D 102 -42.47 -10.66 -3.33
C ALA D 102 -41.58 -9.41 -3.26
N LEU D 103 -40.62 -9.28 -4.16
CA LEU D 103 -39.73 -8.10 -4.14
C LEU D 103 -39.82 -7.26 -5.41
N GLU D 104 -40.77 -7.58 -6.29
CA GLU D 104 -40.90 -6.82 -7.53
C GLU D 104 -41.05 -5.32 -7.32
N ALA D 105 -40.20 -4.55 -7.98
CA ALA D 105 -40.20 -3.10 -7.91
C ALA D 105 -39.91 -2.51 -6.52
N VAL D 106 -39.43 -3.35 -5.61
CA VAL D 106 -39.12 -2.87 -4.26
C VAL D 106 -37.83 -2.05 -4.24
N PHE D 107 -36.79 -2.56 -4.89
CA PHE D 107 -35.49 -1.89 -4.93
C PHE D 107 -35.25 -1.03 -6.16
N THR D 108 -34.47 0.03 -6.00
CA THR D 108 -34.14 0.91 -7.12
C THR D 108 -33.09 0.26 -7.98
N ASP D 109 -32.83 0.82 -9.16
CA ASP D 109 -31.83 0.29 -10.07
C ASP D 109 -30.45 0.32 -9.40
N LEU D 110 -30.19 1.38 -8.64
CA LEU D 110 -28.91 1.54 -7.96
C LEU D 110 -28.70 0.48 -6.88
N GLU D 111 -29.77 0.12 -6.17
CA GLU D 111 -29.67 -0.89 -5.13
C GLU D 111 -29.48 -2.27 -5.77
N ILE D 112 -30.12 -2.47 -6.92
CA ILE D 112 -30.01 -3.72 -7.66
C ILE D 112 -28.56 -3.83 -8.15
N LEU D 113 -28.01 -2.72 -8.62
CA LEU D 113 -26.64 -2.68 -9.10
C LEU D 113 -25.67 -3.01 -7.97
N ALA D 114 -25.90 -2.38 -6.82
CA ALA D 114 -25.07 -2.59 -5.64
C ALA D 114 -25.05 -4.07 -5.21
N ALA D 115 -26.22 -4.68 -5.13
CA ALA D 115 -26.32 -6.08 -4.71
C ALA D 115 -25.57 -7.02 -5.68
N ILE D 116 -25.74 -6.80 -6.98
CA ILE D 116 -25.09 -7.63 -7.98
C ILE D 116 -23.57 -7.43 -8.01
N PHE D 117 -23.13 -6.17 -7.98
CA PHE D 117 -21.70 -5.87 -7.98
C PHE D 117 -21.09 -6.42 -6.70
N ALA D 118 -21.79 -6.25 -5.58
CA ALA D 118 -21.29 -6.75 -4.30
C ALA D 118 -21.08 -8.26 -4.39
N SER D 119 -22.05 -8.98 -4.96
CA SER D 119 -21.94 -10.42 -5.09
C SER D 119 -20.73 -10.82 -5.93
N ALA D 120 -20.51 -10.08 -7.02
CA ALA D 120 -19.41 -10.37 -7.92
C ALA D 120 -18.04 -10.25 -7.26
N ILE D 121 -17.87 -9.22 -6.42
CA ILE D 121 -16.58 -9.00 -5.77
C ILE D 121 -16.48 -9.53 -4.33
N HIS D 122 -17.56 -10.04 -3.77
CA HIS D 122 -17.56 -10.47 -2.36
C HIS D 122 -16.46 -11.40 -1.86
N ASP D 123 -15.82 -12.14 -2.76
CA ASP D 123 -14.73 -13.04 -2.36
C ASP D 123 -13.46 -12.87 -3.19
N VAL D 124 -13.37 -11.80 -3.96
CA VAL D 124 -12.22 -11.61 -4.82
C VAL D 124 -10.87 -11.64 -4.10
N ASP D 125 -9.93 -12.39 -4.69
CA ASP D 125 -8.59 -12.55 -4.17
C ASP D 125 -8.55 -13.36 -2.88
N HIS D 126 -9.52 -14.24 -2.71
CA HIS D 126 -9.59 -15.11 -1.53
C HIS D 126 -8.41 -16.09 -1.60
N PRO D 127 -7.65 -16.24 -0.51
CA PRO D 127 -6.50 -17.15 -0.47
C PRO D 127 -6.79 -18.64 -0.26
N GLY D 128 -8.02 -18.99 0.06
CA GLY D 128 -8.33 -20.39 0.28
C GLY D 128 -8.18 -20.77 1.75
N VAL D 129 -7.91 -19.78 2.60
CA VAL D 129 -7.77 -20.01 4.04
C VAL D 129 -8.68 -19.01 4.77
N SER D 130 -9.16 -19.41 5.95
CA SER D 130 -10.08 -18.59 6.73
C SER D 130 -9.48 -17.36 7.41
N ASN D 131 -10.37 -16.51 7.91
CA ASN D 131 -9.96 -15.32 8.64
C ASN D 131 -9.10 -15.71 9.83
N GLN D 132 -9.53 -16.74 10.56
CA GLN D 132 -8.80 -17.17 11.75
C GLN D 132 -7.37 -17.61 11.42
N PHE D 133 -7.21 -18.32 10.31
CA PHE D 133 -5.90 -18.78 9.88
C PHE D 133 -5.00 -17.58 9.57
N LEU D 134 -5.55 -16.57 8.90
CA LEU D 134 -4.78 -15.36 8.57
C LEU D 134 -4.40 -14.62 9.85
N ILE D 135 -5.30 -14.65 10.83
CA ILE D 135 -5.06 -14.01 12.12
C ILE D 135 -3.98 -14.77 12.86
N ASN D 136 -4.11 -16.10 12.88
CA ASN D 136 -3.15 -16.94 13.59
C ASN D 136 -1.74 -16.99 12.99
N THR D 137 -1.61 -16.67 11.71
CA THR D 137 -0.30 -16.68 11.09
C THR D 137 0.34 -15.28 11.14
N ASN D 138 -0.38 -14.33 11.71
CA ASN D 138 0.09 -12.95 11.82
C ASN D 138 0.30 -12.37 10.43
N SER D 139 -0.60 -12.70 9.51
CA SER D 139 -0.49 -12.22 8.13
C SER D 139 -0.67 -10.71 8.00
N GLU D 140 -0.07 -10.18 6.95
CA GLU D 140 -0.15 -8.77 6.64
C GLU D 140 -1.60 -8.31 6.58
N LEU D 141 -2.47 -9.15 6.03
CA LEU D 141 -3.88 -8.80 5.92
C LEU D 141 -4.56 -8.68 7.27
N ALA D 142 -4.26 -9.61 8.18
CA ALA D 142 -4.85 -9.57 9.52
C ALA D 142 -4.43 -8.28 10.24
N LEU D 143 -3.16 -7.91 10.06
CA LEU D 143 -2.62 -6.71 10.68
C LEU D 143 -3.28 -5.46 10.09
N MET D 144 -3.45 -5.45 8.77
CA MET D 144 -4.05 -4.32 8.07
C MET D 144 -5.49 -4.06 8.49
N TYR D 145 -6.22 -5.11 8.86
CA TYR D 145 -7.62 -4.93 9.23
C TYR D 145 -7.94 -5.29 10.68
N ASN D 146 -6.93 -5.27 11.53
CA ASN D 146 -7.11 -5.54 12.95
C ASN D 146 -7.89 -6.82 13.27
N ASP D 147 -7.57 -7.91 12.57
CA ASP D 147 -8.23 -9.19 12.79
C ASP D 147 -9.76 -9.14 12.66
N SER D 148 -10.29 -8.04 12.15
CA SER D 148 -11.74 -7.91 12.04
C SER D 148 -12.25 -7.94 10.60
N SER D 149 -13.05 -8.97 10.28
CA SER D 149 -13.57 -9.16 8.92
C SER D 149 -12.41 -8.94 7.95
N VAL D 150 -11.28 -9.56 8.26
CA VAL D 150 -10.06 -9.44 7.47
C VAL D 150 -10.27 -9.62 5.96
N LEU D 151 -10.71 -10.82 5.56
CA LEU D 151 -10.93 -11.11 4.15
C LEU D 151 -11.99 -10.24 3.49
N GLU D 152 -13.11 -10.06 4.17
CA GLU D 152 -14.18 -9.24 3.62
C GLU D 152 -13.72 -7.80 3.35
N ASN D 153 -12.94 -7.24 4.27
CA ASN D 153 -12.42 -5.89 4.06
C ASN D 153 -11.52 -5.94 2.82
N HIS D 154 -10.73 -6.99 2.71
CA HIS D 154 -9.83 -7.13 1.58
C HIS D 154 -10.57 -7.30 0.26
N HIS D 155 -11.62 -8.13 0.25
CA HIS D 155 -12.41 -8.34 -0.96
C HIS D 155 -12.89 -7.00 -1.49
N LEU D 156 -13.40 -6.16 -0.59
CA LEU D 156 -13.90 -4.84 -0.94
C LEU D 156 -12.80 -3.96 -1.52
N ALA D 157 -11.70 -3.84 -0.78
CA ALA D 157 -10.59 -3.01 -1.22
C ALA D 157 -10.17 -3.36 -2.64
N VAL D 158 -10.05 -4.66 -2.91
CA VAL D 158 -9.66 -5.14 -4.24
C VAL D 158 -10.75 -4.89 -5.28
N GLY D 159 -11.99 -5.20 -4.93
CA GLY D 159 -13.08 -4.99 -5.86
C GLY D 159 -13.11 -3.57 -6.38
N PHE D 160 -12.95 -2.59 -5.48
CA PHE D 160 -12.96 -1.19 -5.86
C PHE D 160 -11.67 -0.77 -6.55
N LYS D 161 -10.54 -1.25 -6.03
CA LYS D 161 -9.25 -0.92 -6.61
C LYS D 161 -9.15 -1.28 -8.09
N LEU D 162 -9.66 -2.46 -8.46
CA LEU D 162 -9.61 -2.93 -9.84
C LEU D 162 -10.33 -2.00 -10.82
N LEU D 163 -11.21 -1.14 -10.31
CA LEU D 163 -11.92 -0.18 -11.15
C LEU D 163 -10.94 0.83 -11.76
N GLN D 164 -9.75 0.91 -11.17
CA GLN D 164 -8.74 1.85 -11.63
C GLN D 164 -7.83 1.33 -12.72
N GLU D 165 -7.89 0.04 -13.04
CA GLU D 165 -7.03 -0.48 -14.10
C GLU D 165 -7.49 0.10 -15.45
N GLU D 166 -6.69 -0.07 -16.48
CA GLU D 166 -7.03 0.47 -17.80
C GLU D 166 -8.45 0.11 -18.25
N ASN D 167 -9.23 1.14 -18.58
CA ASN D 167 -10.61 0.98 -19.05
C ASN D 167 -11.43 0.02 -18.19
N CYS D 168 -11.38 0.19 -16.87
CA CYS D 168 -12.14 -0.67 -15.96
C CYS D 168 -13.20 0.02 -15.12
N ASP D 169 -13.26 1.35 -15.18
CA ASP D 169 -14.23 2.06 -14.35
C ASP D 169 -15.64 2.00 -14.91
N ILE D 170 -16.38 0.95 -14.56
CA ILE D 170 -17.75 0.78 -15.02
C ILE D 170 -18.72 1.78 -14.40
N PHE D 171 -18.29 2.49 -13.36
CA PHE D 171 -19.15 3.49 -12.71
C PHE D 171 -18.76 4.91 -13.10
N GLN D 172 -17.95 5.04 -14.15
CA GLN D 172 -17.50 6.36 -14.59
C GLN D 172 -18.60 7.37 -14.91
N ASN D 173 -19.74 6.89 -15.40
CA ASN D 173 -20.83 7.81 -15.74
C ASN D 173 -21.91 8.01 -14.67
N LEU D 174 -21.66 7.52 -13.46
CA LEU D 174 -22.60 7.69 -12.36
C LEU D 174 -22.28 9.02 -11.69
N THR D 175 -23.30 9.72 -11.20
CA THR D 175 -23.06 11.00 -10.53
C THR D 175 -22.34 10.69 -9.20
N LYS D 176 -21.83 11.74 -8.56
CA LYS D 176 -21.13 11.58 -7.29
C LYS D 176 -22.08 11.01 -6.24
N LYS D 177 -23.29 11.52 -6.18
CA LYS D 177 -24.27 11.03 -5.20
C LYS D 177 -24.57 9.56 -5.43
N GLN D 178 -24.63 9.15 -6.69
CA GLN D 178 -24.91 7.75 -7.01
C GLN D 178 -23.73 6.88 -6.59
N ARG D 179 -22.52 7.34 -6.92
CA ARG D 179 -21.34 6.57 -6.58
C ARG D 179 -21.16 6.43 -5.07
N GLN D 180 -21.48 7.47 -4.31
CA GLN D 180 -21.35 7.39 -2.87
C GLN D 180 -22.38 6.45 -2.27
N SER D 181 -23.62 6.52 -2.75
CA SER D 181 -24.65 5.64 -2.25
C SER D 181 -24.30 4.19 -2.58
N LEU D 182 -23.95 3.95 -3.86
CA LEU D 182 -23.57 2.63 -4.32
C LEU D 182 -22.46 2.04 -3.45
N ARG D 183 -21.38 2.80 -3.30
CA ARG D 183 -20.23 2.35 -2.51
C ARG D 183 -20.59 1.95 -1.09
N LYS D 184 -21.36 2.78 -0.39
CA LYS D 184 -21.74 2.48 0.97
C LYS D 184 -22.54 1.18 1.03
N MET D 185 -23.49 1.01 0.11
CA MET D 185 -24.30 -0.20 0.11
C MET D 185 -23.43 -1.43 -0.16
N VAL D 186 -22.51 -1.32 -1.12
CA VAL D 186 -21.66 -2.46 -1.43
C VAL D 186 -20.81 -2.84 -0.23
N ILE D 187 -20.30 -1.83 0.47
CA ILE D 187 -19.50 -2.09 1.66
C ILE D 187 -20.35 -2.79 2.72
N ASP D 188 -21.56 -2.27 2.97
CA ASP D 188 -22.45 -2.85 3.96
C ASP D 188 -22.79 -4.30 3.61
N ILE D 189 -22.97 -4.56 2.32
CA ILE D 189 -23.31 -5.91 1.88
C ILE D 189 -22.15 -6.90 1.99
N VAL D 190 -20.98 -6.57 1.46
CA VAL D 190 -19.86 -7.52 1.56
C VAL D 190 -19.43 -7.83 3.00
N LEU D 191 -19.39 -6.82 3.86
CA LEU D 191 -18.99 -7.04 5.25
C LEU D 191 -19.97 -8.00 5.92
N ALA D 192 -21.23 -7.97 5.48
CA ALA D 192 -22.25 -8.85 6.05
C ALA D 192 -22.08 -10.33 5.64
N THR D 193 -21.15 -10.61 4.73
CA THR D 193 -20.93 -12.00 4.31
C THR D 193 -20.00 -12.71 5.29
N ASP D 194 -19.41 -11.94 6.21
CA ASP D 194 -18.54 -12.50 7.24
C ASP D 194 -19.43 -13.38 8.13
N MET D 195 -19.14 -14.67 8.17
CA MET D 195 -19.95 -15.60 8.98
C MET D 195 -20.10 -15.25 10.46
N SER D 196 -19.17 -14.47 11.02
CA SER D 196 -19.27 -14.11 12.43
C SER D 196 -20.44 -13.18 12.66
N LYS D 197 -21.01 -12.66 11.57
CA LYS D 197 -22.13 -11.75 11.66
C LYS D 197 -23.45 -12.47 11.38
N HIS D 198 -23.36 -13.75 11.04
CA HIS D 198 -24.53 -14.56 10.72
C HIS D 198 -25.69 -14.46 11.72
N MET D 199 -25.40 -14.74 12.99
CA MET D 199 -26.43 -14.70 14.01
C MET D 199 -27.14 -13.35 14.14
N ASN D 200 -26.38 -12.26 14.09
CA ASN D 200 -27.01 -10.95 14.20
C ASN D 200 -27.86 -10.68 12.98
N LEU D 201 -27.35 -11.04 11.80
CA LEU D 201 -28.09 -10.85 10.56
C LEU D 201 -29.41 -11.62 10.62
N LEU D 202 -29.34 -12.89 11.03
CA LEU D 202 -30.53 -13.72 11.11
C LEU D 202 -31.50 -13.20 12.15
N ALA D 203 -30.97 -12.70 13.26
CA ALA D 203 -31.83 -12.17 14.31
C ALA D 203 -32.63 -11.00 13.76
N ASP D 204 -31.97 -10.15 12.95
CA ASP D 204 -32.65 -8.99 12.36
C ASP D 204 -33.63 -9.42 11.29
N LEU D 205 -33.26 -10.45 10.54
CA LEU D 205 -34.14 -10.96 9.49
C LEU D 205 -35.44 -11.44 10.14
N LYS D 206 -35.32 -12.24 11.20
CA LYS D 206 -36.49 -12.77 11.90
C LYS D 206 -37.37 -11.65 12.42
N THR D 207 -36.74 -10.65 13.04
CA THR D 207 -37.46 -9.51 13.58
C THR D 207 -38.32 -8.87 12.47
N MET D 208 -37.75 -8.80 11.28
CA MET D 208 -38.48 -8.21 10.17
C MET D 208 -39.65 -9.07 9.74
N VAL D 209 -39.48 -10.39 9.78
CA VAL D 209 -40.56 -11.27 9.40
C VAL D 209 -41.71 -11.12 10.38
N GLU D 210 -41.37 -11.01 11.67
CA GLU D 210 -42.37 -10.86 12.72
C GLU D 210 -43.17 -9.56 12.59
N THR D 211 -42.56 -8.54 11.99
CA THR D 211 -43.23 -7.26 11.83
C THR D 211 -43.42 -6.97 10.34
N LYS D 212 -43.45 -8.03 9.54
CA LYS D 212 -43.60 -7.95 8.11
C LYS D 212 -44.81 -7.15 7.64
N LYS D 213 -44.56 -6.25 6.69
CA LYS D 213 -45.62 -5.43 6.11
C LYS D 213 -45.53 -5.54 4.59
N VAL D 214 -46.69 -5.71 3.97
CA VAL D 214 -46.79 -5.84 2.52
C VAL D 214 -47.56 -4.65 1.96
N THR D 215 -47.18 -4.19 0.77
CA THR D 215 -47.87 -3.07 0.15
C THR D 215 -49.18 -3.51 -0.47
N SER D 216 -49.83 -2.58 -1.15
CA SER D 216 -51.09 -2.85 -1.81
C SER D 216 -50.86 -3.78 -3.01
N SER D 217 -49.66 -3.69 -3.59
CA SER D 217 -49.27 -4.50 -4.75
C SER D 217 -48.90 -5.92 -4.38
N GLY D 218 -48.75 -6.16 -3.08
CA GLY D 218 -48.40 -7.50 -2.63
C GLY D 218 -46.91 -7.72 -2.50
N VAL D 219 -46.12 -6.65 -2.50
CA VAL D 219 -44.68 -6.77 -2.35
C VAL D 219 -44.21 -6.25 -1.00
N LEU D 220 -43.03 -6.70 -0.58
CA LEU D 220 -42.47 -6.29 0.71
C LEU D 220 -42.43 -4.77 0.84
N LEU D 221 -42.76 -4.28 2.03
CA LEU D 221 -42.73 -2.86 2.28
C LEU D 221 -41.49 -2.53 3.14
N LEU D 222 -40.56 -1.80 2.54
CA LEU D 222 -39.33 -1.40 3.21
C LEU D 222 -39.23 0.12 3.08
N ASP D 223 -39.48 0.84 4.18
CA ASP D 223 -39.47 2.30 4.15
C ASP D 223 -38.29 3.03 4.79
N ASN D 224 -37.16 2.35 4.96
CA ASN D 224 -35.99 2.99 5.56
C ASN D 224 -34.73 2.24 5.12
N TYR D 225 -33.60 2.95 5.10
CA TYR D 225 -32.33 2.35 4.68
C TYR D 225 -31.96 1.14 5.50
N SER D 226 -32.13 1.24 6.81
CA SER D 226 -31.82 0.15 7.71
C SER D 226 -32.48 -1.15 7.26
N ASP D 227 -33.79 -1.08 6.99
CA ASP D 227 -34.53 -2.27 6.56
C ASP D 227 -34.11 -2.69 5.16
N ARG D 228 -33.90 -1.71 4.29
CA ARG D 228 -33.49 -2.00 2.91
C ARG D 228 -32.14 -2.70 2.85
N ILE D 229 -31.15 -2.14 3.53
CA ILE D 229 -29.82 -2.75 3.50
C ILE D 229 -29.83 -4.10 4.22
N GLN D 230 -30.62 -4.20 5.28
CA GLN D 230 -30.72 -5.45 6.03
C GLN D 230 -31.20 -6.57 5.10
N VAL D 231 -32.25 -6.30 4.33
CA VAL D 231 -32.75 -7.32 3.41
C VAL D 231 -31.73 -7.66 2.33
N LEU D 232 -31.06 -6.66 1.77
CA LEU D 232 -30.04 -6.92 0.76
C LEU D 232 -28.84 -7.68 1.35
N GLN D 233 -28.50 -7.39 2.60
CA GLN D 233 -27.37 -8.09 3.24
C GLN D 233 -27.70 -9.57 3.40
N ASN D 234 -28.91 -9.86 3.87
CA ASN D 234 -29.34 -11.25 4.05
C ASN D 234 -29.56 -11.96 2.72
N MET D 235 -29.94 -11.20 1.69
CA MET D 235 -30.14 -11.79 0.38
C MET D 235 -28.82 -12.37 -0.12
N VAL D 236 -27.79 -11.54 -0.15
CA VAL D 236 -26.47 -11.96 -0.60
C VAL D 236 -25.93 -13.03 0.33
N HIS D 237 -26.20 -12.88 1.63
CA HIS D 237 -25.76 -13.85 2.62
C HIS D 237 -26.41 -15.20 2.26
N CYS D 238 -27.70 -15.17 1.92
CA CYS D 238 -28.43 -16.39 1.53
C CYS D 238 -27.84 -16.99 0.26
N ALA D 239 -27.48 -16.13 -0.69
CA ALA D 239 -26.90 -16.59 -1.95
C ALA D 239 -25.55 -17.23 -1.65
N ASP D 240 -24.79 -16.63 -0.74
CA ASP D 240 -23.48 -17.16 -0.35
C ASP D 240 -23.67 -18.54 0.32
N LEU D 241 -24.79 -18.72 1.02
CA LEU D 241 -25.07 -20.00 1.70
C LEU D 241 -26.20 -20.75 0.98
N SER D 242 -26.19 -20.73 -0.34
CA SER D 242 -27.24 -21.39 -1.11
C SER D 242 -26.89 -22.76 -1.70
N ASN D 243 -25.63 -23.17 -1.60
CA ASN D 243 -25.20 -24.46 -2.16
C ASN D 243 -26.10 -25.65 -1.77
N PRO D 244 -26.42 -25.80 -0.48
CA PRO D 244 -27.27 -26.93 -0.06
C PRO D 244 -28.72 -26.86 -0.56
N THR D 245 -29.12 -25.71 -1.10
CA THR D 245 -30.48 -25.56 -1.60
C THR D 245 -30.58 -25.77 -3.10
N LYS D 246 -29.46 -26.09 -3.75
CA LYS D 246 -29.44 -26.31 -5.18
C LYS D 246 -29.66 -27.79 -5.51
N PRO D 247 -29.99 -28.12 -6.78
CA PRO D 247 -30.19 -29.52 -7.14
C PRO D 247 -28.99 -30.30 -6.59
N LEU D 248 -29.23 -31.49 -6.05
CA LEU D 248 -28.18 -32.30 -5.43
C LEU D 248 -26.88 -32.44 -6.23
N GLN D 249 -26.98 -32.56 -7.54
CA GLN D 249 -25.81 -32.70 -8.40
C GLN D 249 -24.84 -31.52 -8.19
N LEU D 250 -25.38 -30.32 -8.14
CA LEU D 250 -24.57 -29.11 -7.93
C LEU D 250 -24.08 -29.04 -6.49
N TYR D 251 -24.98 -29.28 -5.55
CA TYR D 251 -24.64 -29.22 -4.13
C TYR D 251 -23.46 -30.14 -3.80
N ARG D 252 -23.49 -31.36 -4.31
CA ARG D 252 -22.43 -32.32 -4.06
C ARG D 252 -21.06 -31.83 -4.55
N GLN D 253 -21.03 -31.15 -5.69
CA GLN D 253 -19.76 -30.64 -6.22
C GLN D 253 -19.23 -29.51 -5.33
N TRP D 254 -20.15 -28.68 -4.81
CA TRP D 254 -19.77 -27.59 -3.93
C TRP D 254 -19.14 -28.20 -2.66
N THR D 255 -19.77 -29.23 -2.12
CA THR D 255 -19.27 -29.89 -0.92
C THR D 255 -17.87 -30.45 -1.18
N ASP D 256 -17.68 -31.11 -2.32
CA ASP D 256 -16.38 -31.66 -2.66
C ASP D 256 -15.33 -30.55 -2.65
N ARG D 257 -15.67 -29.46 -3.32
CA ARG D 257 -14.76 -28.32 -3.41
C ARG D 257 -14.46 -27.67 -2.07
N ILE D 258 -15.48 -27.39 -1.26
CA ILE D 258 -15.22 -26.75 0.02
C ILE D 258 -14.41 -27.66 0.94
N MET D 259 -14.69 -28.96 0.89
CA MET D 259 -13.95 -29.90 1.72
C MET D 259 -12.49 -29.96 1.28
N GLU D 260 -12.25 -29.88 -0.04
CA GLU D 260 -10.88 -29.92 -0.53
C GLU D 260 -10.14 -28.69 -0.02
N GLU D 261 -10.82 -27.55 -0.02
CA GLU D 261 -10.22 -26.31 0.46
C GLU D 261 -9.95 -26.38 1.97
N PHE D 262 -10.95 -26.83 2.72
CA PHE D 262 -10.80 -26.95 4.17
C PHE D 262 -9.72 -27.95 4.57
N PHE D 263 -9.66 -29.08 3.87
CA PHE D 263 -8.67 -30.10 4.18
C PHE D 263 -7.25 -29.59 3.93
N ARG D 264 -7.09 -28.76 2.90
CA ARG D 264 -5.79 -28.20 2.58
C ARG D 264 -5.35 -27.26 3.69
N GLN D 265 -6.29 -26.46 4.19
CA GLN D 265 -5.96 -25.55 5.27
C GLN D 265 -5.51 -26.40 6.45
N GLY D 266 -6.25 -27.48 6.69
CA GLY D 266 -5.92 -28.38 7.78
C GLY D 266 -4.51 -28.93 7.64
N ASP D 267 -4.12 -29.28 6.42
CA ASP D 267 -2.78 -29.80 6.18
C ASP D 267 -1.72 -28.77 6.54
N ARG D 268 -1.92 -27.52 6.10
CA ARG D 268 -0.97 -26.47 6.40
C ARG D 268 -0.93 -26.21 7.91
N GLU D 269 -2.09 -26.29 8.55
CA GLU D 269 -2.18 -26.08 9.99
C GLU D 269 -1.40 -27.14 10.75
N ARG D 270 -1.48 -28.39 10.32
CA ARG D 270 -0.76 -29.45 11.01
C ARG D 270 0.71 -29.42 10.60
N GLU D 271 0.99 -28.88 9.41
CA GLU D 271 2.36 -28.78 8.94
C GLU D 271 3.10 -27.82 9.86
N ARG D 272 2.54 -26.62 10.01
CA ARG D 272 3.12 -25.58 10.86
C ARG D 272 3.04 -25.98 12.33
N GLY D 273 2.31 -27.04 12.63
CA GLY D 273 2.19 -27.48 14.01
C GLY D 273 0.93 -26.96 14.68
N MET D 274 0.28 -25.99 14.04
CA MET D 274 -0.95 -25.41 14.57
C MET D 274 -1.98 -26.50 14.87
N GLU D 275 -2.88 -26.21 15.79
CA GLU D 275 -3.93 -27.16 16.14
C GLU D 275 -4.96 -27.11 15.01
N ILE D 276 -5.07 -28.20 14.26
CA ILE D 276 -6.01 -28.25 13.15
C ILE D 276 -7.40 -27.79 13.57
N SER D 277 -8.05 -27.02 12.70
CA SER D 277 -9.39 -26.49 12.94
C SER D 277 -10.42 -27.60 12.82
N PRO D 278 -11.64 -27.36 13.32
CA PRO D 278 -12.68 -28.39 13.21
C PRO D 278 -13.02 -28.57 11.73
N MET D 279 -13.51 -29.76 11.36
CA MET D 279 -13.89 -30.06 9.98
C MET D 279 -12.79 -29.83 8.93
N CYS D 280 -11.58 -29.53 9.38
CA CYS D 280 -10.46 -29.31 8.46
C CYS D 280 -9.46 -30.47 8.51
N ASP D 281 -9.76 -31.47 9.33
CA ASP D 281 -8.90 -32.64 9.48
C ASP D 281 -9.38 -33.79 8.58
N LYS D 282 -8.59 -34.11 7.56
CA LYS D 282 -8.97 -35.18 6.63
C LYS D 282 -8.84 -36.58 7.24
N HIS D 283 -8.15 -36.69 8.38
CA HIS D 283 -7.98 -37.99 9.02
C HIS D 283 -9.04 -38.26 10.09
N ASN D 284 -9.89 -37.28 10.33
CA ASN D 284 -10.96 -37.42 11.31
C ASN D 284 -12.17 -36.64 10.85
N ALA D 285 -12.42 -36.67 9.55
CA ALA D 285 -13.53 -35.93 8.97
C ALA D 285 -14.85 -36.68 8.87
N SER D 286 -15.94 -35.92 9.01
CA SER D 286 -17.29 -36.44 8.93
C SER D 286 -18.01 -35.56 7.91
N VAL D 287 -17.59 -35.65 6.66
CA VAL D 287 -18.16 -34.86 5.58
C VAL D 287 -19.68 -34.84 5.58
N GLU D 288 -20.29 -36.02 5.54
CA GLU D 288 -21.75 -36.11 5.51
C GLU D 288 -22.41 -35.57 6.77
N LYS D 289 -21.90 -35.99 7.92
CA LYS D 289 -22.46 -35.54 9.19
C LYS D 289 -22.31 -34.02 9.31
N SER D 290 -21.17 -33.49 8.87
CA SER D 290 -20.95 -32.06 8.94
C SER D 290 -21.91 -31.27 8.06
N GLN D 291 -22.28 -31.81 6.90
CA GLN D 291 -23.23 -31.09 6.04
C GLN D 291 -24.61 -31.06 6.71
N VAL D 292 -25.01 -32.18 7.31
CA VAL D 292 -26.29 -32.25 7.99
C VAL D 292 -26.31 -31.22 9.12
N GLY D 293 -25.20 -31.13 9.84
CA GLY D 293 -25.09 -30.18 10.94
C GLY D 293 -25.12 -28.76 10.41
N PHE D 294 -24.44 -28.55 9.30
CA PHE D 294 -24.39 -27.24 8.65
C PHE D 294 -25.81 -26.83 8.25
N ILE D 295 -26.57 -27.77 7.71
CA ILE D 295 -27.93 -27.46 7.31
C ILE D 295 -28.83 -27.22 8.54
N ASP D 296 -28.76 -28.12 9.51
CA ASP D 296 -29.59 -27.98 10.72
C ASP D 296 -29.38 -26.70 11.53
N TYR D 297 -28.12 -26.29 11.72
CA TYR D 297 -27.89 -25.11 12.55
C TYR D 297 -27.66 -23.78 11.84
N ILE D 298 -27.36 -23.80 10.56
CA ILE D 298 -27.11 -22.54 9.86
C ILE D 298 -27.98 -22.30 8.66
N VAL D 299 -27.87 -23.17 7.67
CA VAL D 299 -28.60 -23.02 6.42
C VAL D 299 -30.12 -23.11 6.48
N HIS D 300 -30.66 -24.13 7.14
CA HIS D 300 -32.12 -24.26 7.18
C HIS D 300 -32.76 -23.12 7.98
N PRO D 301 -32.16 -22.75 9.13
CA PRO D 301 -32.78 -21.65 9.88
C PRO D 301 -32.79 -20.36 9.04
N LEU D 302 -31.70 -20.12 8.31
CA LEU D 302 -31.61 -18.92 7.48
C LEU D 302 -32.62 -18.92 6.34
N TRP D 303 -32.65 -19.99 5.55
CA TRP D 303 -33.56 -20.08 4.43
C TRP D 303 -35.03 -20.16 4.83
N GLU D 304 -35.30 -20.77 5.98
CA GLU D 304 -36.68 -20.87 6.44
C GLU D 304 -37.19 -19.49 6.82
N THR D 305 -36.29 -18.64 7.31
CA THR D 305 -36.66 -17.29 7.69
C THR D 305 -36.80 -16.46 6.41
N TRP D 306 -35.91 -16.67 5.44
CA TRP D 306 -36.03 -15.93 4.19
C TRP D 306 -37.32 -16.33 3.50
N ALA D 307 -37.61 -17.63 3.50
CA ALA D 307 -38.81 -18.17 2.88
C ALA D 307 -40.05 -17.47 3.45
N ASP D 308 -40.06 -17.24 4.76
CA ASP D 308 -41.20 -16.57 5.39
C ASP D 308 -41.30 -15.13 4.88
N LEU D 309 -40.16 -14.46 4.75
CA LEU D 309 -40.14 -13.09 4.28
C LEU D 309 -40.74 -12.94 2.88
N VAL D 310 -40.47 -13.91 2.00
CA VAL D 310 -40.98 -13.82 0.62
C VAL D 310 -42.03 -14.89 0.29
N HIS D 311 -42.64 -15.47 1.32
CA HIS D 311 -43.64 -16.51 1.17
C HIS D 311 -44.64 -16.18 0.06
N PRO D 312 -44.93 -17.15 -0.83
CA PRO D 312 -44.41 -18.52 -0.87
C PRO D 312 -43.34 -18.72 -1.94
N ASP D 313 -42.74 -17.62 -2.39
CA ASP D 313 -41.71 -17.63 -3.44
C ASP D 313 -40.60 -18.68 -3.31
N ALA D 314 -40.10 -18.90 -2.10
CA ALA D 314 -38.99 -19.82 -1.92
C ALA D 314 -39.34 -21.24 -1.46
N GLN D 315 -40.60 -21.63 -1.56
CA GLN D 315 -41.00 -22.96 -1.13
C GLN D 315 -40.22 -24.10 -1.77
N ASP D 316 -40.04 -24.06 -3.08
CA ASP D 316 -39.30 -25.14 -3.76
C ASP D 316 -37.83 -25.17 -3.34
N ILE D 317 -37.28 -24.01 -3.02
CA ILE D 317 -35.89 -23.92 -2.59
C ILE D 317 -35.77 -24.63 -1.25
N LEU D 318 -36.70 -24.34 -0.35
CA LEU D 318 -36.72 -24.94 0.98
C LEU D 318 -36.95 -26.45 0.90
N ASP D 319 -37.80 -26.89 -0.03
CA ASP D 319 -38.07 -28.32 -0.20
C ASP D 319 -36.82 -29.05 -0.67
N THR D 320 -36.08 -28.45 -1.60
CA THR D 320 -34.86 -29.06 -2.11
C THR D 320 -33.82 -29.18 -0.99
N LEU D 321 -33.73 -28.15 -0.16
CA LEU D 321 -32.80 -28.14 0.95
C LEU D 321 -33.06 -29.34 1.86
N GLU D 322 -34.33 -29.55 2.19
CA GLU D 322 -34.73 -30.65 3.06
C GLU D 322 -34.50 -32.00 2.38
N ASP D 323 -34.65 -32.07 1.06
CA ASP D 323 -34.41 -33.33 0.38
C ASP D 323 -32.92 -33.63 0.40
N ASN D 324 -32.11 -32.60 0.19
CA ASN D 324 -30.67 -32.76 0.18
C ASN D 324 -30.13 -33.11 1.55
N ARG D 325 -30.82 -32.63 2.58
CA ARG D 325 -30.41 -32.88 3.94
C ARG D 325 -30.50 -34.38 4.21
N GLU D 326 -31.64 -34.97 3.84
CA GLU D 326 -31.87 -36.39 4.03
C GLU D 326 -30.89 -37.24 3.26
N TRP D 327 -30.48 -36.78 2.08
CA TRP D 327 -29.54 -37.56 1.31
C TRP D 327 -28.20 -37.68 2.03
N TYR D 328 -27.69 -36.57 2.59
CA TYR D 328 -26.42 -36.62 3.31
C TYR D 328 -26.56 -37.40 4.61
N GLN D 329 -27.74 -37.31 5.23
CA GLN D 329 -28.03 -38.03 6.46
C GLN D 329 -27.95 -39.53 6.21
N SER D 330 -28.54 -39.96 5.09
CA SER D 330 -28.56 -41.37 4.73
C SER D 330 -27.21 -41.90 4.28
N THR D 331 -26.21 -41.03 4.18
CA THR D 331 -24.88 -41.48 3.76
C THR D 331 -23.82 -41.31 4.85
N ILE D 332 -24.26 -41.04 6.07
CA ILE D 332 -23.34 -40.91 7.19
C ILE D 332 -22.89 -42.33 7.52
N PRO D 333 -21.57 -42.57 7.57
CA PRO D 333 -21.06 -43.91 7.87
C PRO D 333 -21.26 -44.37 9.32
N GLN D 334 -21.41 -45.68 9.50
CA GLN D 334 -21.59 -46.31 10.81
C GLN D 334 -22.92 -45.92 11.44
C01 IHM E . 21.03 24.40 -2.13
C02 IHM E . 19.89 24.16 -3.04
C03 IHM E . 19.59 22.84 -3.50
C04 IHM E . 20.40 21.74 -3.07
C05 IHM E . 21.50 21.96 -2.18
C06 IHM E . 21.84 23.26 -1.71
O07 IHM E . 21.43 25.66 -1.63
C08 IHM E . 20.80 26.90 -1.94
F09 IHM E . 19.49 26.97 -1.54
F10 IHM E . 20.84 27.10 -3.31
O11 IHM E . 22.87 23.56 -0.86
C12 IHM E . 24.03 22.68 -0.90
C13 IHM E . 25.00 23.21 0.09
C14 IHM E . 24.54 22.96 1.51
C15 IHM E . 25.95 22.64 1.02
C16 IHM E . 20.11 20.34 -3.56
O17 IHM E . 18.11 14.57 -4.95
C18 IHM E . 22.22 19.15 -4.44
C19 IHM E . 23.14 18.25 -3.89
C20 IHM E . 22.67 18.03 -2.52
N21 IHM E . 21.55 18.77 -2.30
N22 IHM E . 21.28 19.43 -3.43
C23 IHM E . 23.26 17.16 -1.49
C24 IHM E . 22.60 17.10 -0.21
C25 IHM E . 23.11 16.25 0.86
C26 IHM E . 24.31 15.45 0.62
C27 IHM E . 24.98 15.52 -0.67
C28 IHM E . 24.46 16.36 -1.73
N29 IHM E . 22.40 16.24 2.09
C30 IHM E . 21.03 16.06 2.33
O31 IHM E . 20.18 15.87 1.43
C32 IHM E . 18.82 19.72 -2.87
C33 IHM E . 20.62 16.11 3.79
C34 IHM E . 18.61 18.35 -3.43
C35 IHM E . 18.30 18.16 -4.84
C36 IHM E . 18.13 16.85 -5.35
N37 IHM E . 18.26 15.71 -4.49
C38 IHM E . 18.56 15.90 -3.10
C39 IHM E . 18.73 17.20 -2.56
ZN ZN F . 13.63 19.30 -5.88
ZN ZN G . 14.02 15.62 -5.10
C01 IHM H . 12.36 -20.58 -21.53
C02 IHM H . 12.80 -20.54 -20.11
C03 IHM H . 12.92 -19.31 -19.42
C04 IHM H . 12.61 -18.08 -20.10
C05 IHM H . 12.17 -18.11 -21.47
C06 IHM H . 12.04 -19.33 -22.19
O07 IHM H . 12.22 -21.76 -22.30
C08 IHM H . 12.50 -23.06 -21.82
F09 IHM H . 11.72 -23.44 -20.77
F10 IHM H . 13.83 -23.11 -21.43
O11 IHM H . 11.63 -19.45 -23.52
C12 IHM H . 11.93 -18.32 -24.40
C13 IHM H . 11.38 -18.65 -25.74
C14 IHM H . 9.91 -18.32 -25.84
C15 IHM H . 10.92 -17.90 -26.90
C16 IHM H . 12.75 -16.75 -19.40
O17 IHM H . 12.22 -11.40 -16.14
C18 IHM H . 14.13 -15.10 -20.82
C19 IHM H . 13.80 -14.08 -21.72
C20 IHM H . 12.33 -14.07 -21.74
N21 IHM H . 11.86 -15.05 -20.91
N22 IHM H . 12.91 -15.65 -20.36
C23 IHM H . 11.44 -13.20 -22.50
C24 IHM H . 10.02 -13.39 -22.34
C25 IHM H . 9.05 -12.55 -23.04
C26 IHM H . 9.56 -11.50 -23.94
C27 IHM H . 10.98 -11.32 -24.10
C28 IHM H . 11.94 -12.15 -23.39
N29 IHM H . 7.66 -12.79 -22.83
C30 IHM H . 6.97 -12.91 -21.62
O31 IHM H . 7.52 -12.82 -20.49
C32 IHM H . 11.53 -16.49 -18.39
C33 IHM H . 5.49 -13.17 -21.76
C34 IHM H . 11.73 -15.15 -17.76
C35 IHM H . 12.84 -14.89 -16.85
C36 IHM H . 12.99 -13.59 -16.30
N37 IHM H . 12.07 -12.53 -16.62
C38 IHM H . 10.99 -12.80 -17.51
C39 IHM H . 10.82 -14.08 -18.08
ZN ZN I . 12.64 -17.10 -12.43
ZN ZN J . 11.35 -13.54 -12.44
C01 IHM K . -13.28 21.39 20.28
C02 IHM K . -12.32 20.34 20.73
C03 IHM K . -12.36 19.02 20.19
C04 IHM K . -13.35 18.71 19.18
C05 IHM K . -14.26 19.71 18.73
C06 IHM K . -14.24 21.04 19.26
O07 IHM K . -13.32 22.72 20.77
C08 IHM K . -12.47 23.24 21.77
F09 IHM K . -11.15 23.24 21.41
F10 IHM K . -12.61 22.51 22.93
O11 IHM K . -15.11 22.06 18.88
C12 IHM K . -16.44 21.66 18.44
C13 IHM K . -17.16 22.92 18.09
C14 IHM K . -17.04 23.22 16.62
C15 IHM K . -18.38 23.24 17.37
C16 IHM K . -13.43 17.32 18.61
O17 IHM K . -12.91 11.79 15.68
C18 IHM K . -15.83 16.42 18.71
C19 IHM K . -16.89 16.34 17.78
C20 IHM K . -16.36 16.93 16.56
N21 IHM K . -15.07 17.32 16.76
N22 IHM K . -14.75 17.03 18.03
C23 IHM K . -17.05 17.08 15.27
C24 IHM K . -16.32 17.69 14.18
C25 IHM K . -16.94 17.87 12.86
C26 IHM K . -18.33 17.44 12.68
C27 IHM K . -19.06 16.84 13.78
C28 IHM K . -18.43 16.66 15.07
N29 IHM K . -16.16 18.47 11.84
C30 IHM K . -14.84 18.17 11.42
O31 IHM K . -14.13 17.30 11.94
C32 IHM K . -12.24 17.04 17.58
C33 IHM K . -14.33 19.02 10.27
C34 IHM K . -12.40 15.62 17.07
C35 IHM K . -12.24 14.48 17.97
C36 IHM K . -12.41 13.17 17.47
N37 IHM K . -12.75 12.94 16.10
C38 IHM K . -12.91 14.05 15.23
C39 IHM K . -12.74 15.38 15.69
ZN ZN L . -7.50 13.56 19.13
ZN ZN M . -8.62 11.59 16.18
C01 IHM N . -20.46 -25.53 2.45
C02 IHM N . -20.54 -24.33 1.57
C03 IHM N . -20.20 -23.04 2.07
C04 IHM N . -19.77 -22.91 3.43
C05 IHM N . -19.67 -24.07 4.27
C06 IHM N . -20.00 -25.37 3.79
O07 IHM N . -20.79 -26.85 2.07
C08 IHM N . -21.29 -27.22 0.80
F09 IHM N . -20.47 -26.92 -0.24
F10 IHM N . -22.51 -26.58 0.63
O11 IHM N . -19.96 -26.53 4.54
C12 IHM N . -18.94 -26.67 5.54
C13 IHM N . -19.18 -28.00 6.17
C14 IHM N . -18.00 -28.42 7.01
C15 IHM N . -19.45 -28.48 7.51
C16 IHM N . -19.42 -21.57 4.01
O17 IHM N . -17.11 -16.04 5.96
C18 IHM N . -20.52 -21.25 6.32
C19 IHM N . -20.05 -21.38 7.64
C20 IHM N . -18.65 -21.77 7.49
N21 IHM N . -18.34 -21.88 6.18
N22 IHM N . -19.42 -21.57 5.48
C23 IHM N . -17.67 -22.05 8.55
C24 IHM N . -16.34 -22.42 8.15
C25 IHM N . -15.30 -22.70 9.14
C26 IHM N . -15.64 -22.58 10.56
C27 IHM N . -16.98 -22.20 10.95
C28 IHM N . -18.00 -21.94 9.97
N29 IHM N . -14.01 -23.06 8.68
C30 IHM N . -13.23 -22.50 7.66
O31 IHM N . -13.59 -21.53 6.95
C32 IHM N . -18.05 -20.99 3.42
C33 IHM N . -11.89 -23.17 7.44
C34 IHM N . -17.81 -19.64 4.08
C35 IHM N . -18.73 -18.53 3.90
C36 IHM N . -18.48 -17.29 4.55
N37 IHM N . -17.32 -17.12 5.39
C38 IHM N . -16.42 -18.22 5.56
C39 IHM N . -16.65 -19.46 4.92
ZN ZN O . -18.55 -16.49 -0.68
ZN ZN P . -16.36 -14.68 1.89
#